data_9GD2
#
_entry.id   9GD2
#
_cell.length_a   1.00
_cell.length_b   1.00
_cell.length_c   1.00
_cell.angle_alpha   90.00
_cell.angle_beta   90.00
_cell.angle_gamma   90.00
#
_symmetry.space_group_name_H-M   'P 1'
#
loop_
_entity.id
_entity.type
_entity.pdbx_description
1 polymer 'Histone H3.2'
2 polymer 'Histone H4'
3 polymer 'Histone H2A type 1'
4 polymer 'Histone H2B 1.1'
5 polymer 'DNA (248-MER)'
6 polymer 'DNA (248-MER)'
7 polymer 'Chromo domain-containing protein 1'
8 non-polymer "ADENOSINE-5'-DIPHOSPHATE"
9 non-polymer 'BERYLLIUM TRIFLUORIDE ION'
10 non-polymer 'MAGNESIUM ION'
#
loop_
_entity_poly.entity_id
_entity_poly.type
_entity_poly.pdbx_seq_one_letter_code
_entity_poly.pdbx_strand_id
1 'polypeptide(L)'
;MARTKQTARKSTGGKAPRKQLATKAARKSAPATGGVKKPHRYRPGTVALREIRRYQKSTELLIRKLPFQRLVREIAQDFK
TDLRFQSSAVMALQEASEAYLVALFEDTNLCAIHAKRVTIMPKDIQLARRIRGERA
;
A,E,K,O
2 'polypeptide(L)'
;MSGRGKGGKGLGKGGAKRHRKVLRDNIQGITKPAIRRLARRGGVKRISGLIYEETRGVLKVFLENVIRDAVTYTEHAKRK
TVTAMDVVYALKRQGRTLYGFGG
;
B,F,L,P
3 'polypeptide(L)'
;MSGRGKQGGKTRAKAKTRSSRAGLQFPVGRVHRLLRKGNYAERVGAGAPVYLAAVLEYLTAEILELAGNAARDNKKTRII
PRHLQLAVRNDEELNKLLGRVTIAQGGVLPNIQSVLLPKKTESSKSAKSK
;
C,G,M,R
4 'polypeptide(L)'
;MAKSAPAPKKGSKKAVTKTQKKDGKKRRKTRKESYAIYVYKVLKQVHPDTGISSKAMSIMNSFVNDVFERIAGEASRLAH
YNKRSTITSREIQTAVRLLLPGELAKHAVSEGTKAVTKYTSAK
;
D,H,N,Q
5 'polydeoxyribonucleotide'
;(DT)(DG)(DG)(DA)(DG)(DA)(DA)(DT)(DC)(DC)(DC)(DG)(DG)(DT)(DG)(DC)(DC)(DG)(DA)(DG)
(DG)(DC)(DC)(DG)(DC)(DT)(DC)(DA)(DA)(DT)(DT)(DG)(DG)(DT)(DC)(DG)(DT)(DA)(DG)(DA)
(DC)(DA)(DG)(DC)(DT)(DC)(DT)(DA)(DG)(DC)(DA)(DC)(DC)(DG)(DC)(DT)(DT)(DA)(DA)(DA)
(DC)(DG)(DC)(DA)(DC)(DG)(DT)(DA)(DC)(DG)(DC)(DG)(DC)(DT)(DG)(DT)(DC)(DC)(DC)(DC)
(DC)(DG)(DC)(DG)(DT)(DT)(DT)(DT)(DA)(DA)(DC)(DC)(DG)(DC)(DC)(DA)(DA)(DG)(DG)(DG)
(DG)(DA)(DT)(DT)(DA)(DC)(DT)(DC)(DC)(DC)(DT)(DA)(DG)(DT)(DC)(DT)(DC)(DC)(DA)(DG)
(DG)(DG)(DA)(DA)(DT)(DT)(DC)(DC)(DT)(DC)(DA)(DA)(DT)(DT)(DG)(DG)(DT)(DC)(DG)(DT)
(DA)(DG)(DA)(DC)(DA)(DG)(DC)(DT)(DC)(DT)(DA)(DG)(DC)(DA)(DC)(DC)(DG)(DC)(DT)(DT)
(DA)(DA)(DA)(DC)(DG)(DC)(DA)(DC)(DG)(DT)(DA)(DC)(DG)(DC)(DG)(DC)(DT)(DG)(DT)(DC)
(DC)(DC)(DC)(DC)(DG)(DC)(DG)(DT)(DT)(DT)(DT)(DA)(DA)(DC)(DC)(DG)(DC)(DC)(DA)(DA)
(DG)(DG)(DG)(DG)(DA)(DT)(DT)(DA)(DC)(DT)(DC)(DC)(DC)(DT)(DA)(DG)(DT)(DC)(DT)(DC)
(DC)(DA)(DG)(DG)(DC)(DA)(DC)(DG)(DT)(DG)(DT)(DC)(DA)(DG)(DA)(DT)(DA)(DT)(DA)(DT)
(DA)(DC)(DA)(DT)(DC)(DC)(DT)(DG)
;
I
6 'polydeoxyribonucleotide'
;(DC)(DA)(DG)(DG)(DA)(DT)(DG)(DT)(DA)(DT)(DA)(DT)(DA)(DT)(DC)(DT)(DG)(DA)(DC)(DA)
(DC)(DG)(DT)(DG)(DC)(DC)(DT)(DG)(DG)(DA)(DG)(DA)(DC)(DT)(DA)(DG)(DG)(DG)(DA)(DG)
(DT)(DA)(DA)(DT)(DC)(DC)(DC)(DC)(DT)(DT)(DG)(DG)(DC)(DG)(DG)(DT)(DT)(DA)(DA)(DA)
(DA)(DC)(DG)(DC)(DG)(DG)(DG)(DG)(DG)(DA)(DC)(DA)(DG)(DC)(DG)(DC)(DG)(DT)(DA)(DC)
(DG)(DT)(DG)(DC)(DG)(DT)(DT)(DT)(DA)(DA)(DG)(DC)(DG)(DG)(DT)(DG)(DC)(DT)(DA)(DG)
(DA)(DG)(DC)(DT)(DG)(DT)(DC)(DT)(DA)(DC)(DG)(DA)(DC)(DC)(DA)(DA)(DT)(DT)(DG)(DA)
(DG)(DG)(DA)(DA)(DT)(DT)(DC)(DC)(DC)(DT)(DG)(DG)(DA)(DG)(DA)(DC)(DT)(DA)(DG)(DG)
(DG)(DA)(DG)(DT)(DA)(DA)(DT)(DC)(DC)(DC)(DC)(DT)(DT)(DG)(DG)(DC)(DG)(DG)(DT)(DT)
(DA)(DA)(DA)(DA)(DC)(DG)(DC)(DG)(DG)(DG)(DG)(DG)(DA)(DC)(DA)(DG)(DC)(DG)(DC)(DG)
(DT)(DA)(DC)(DG)(DT)(DG)(DC)(DG)(DT)(DT)(DT)(DA)(DA)(DG)(DC)(DG)(DG)(DT)(DG)(DC)
(DT)(DA)(DG)(DA)(DG)(DC)(DT)(DG)(DT)(DC)(DT)(DA)(DC)(DG)(DA)(DC)(DC)(DA)(DA)(DT)
(DT)(DG)(DA)(DG)(DC)(DG)(DG)(DC)(DC)(DT)(DC)(DG)(DG)(DC)(DA)(DC)(DC)(DG)(DG)(DG)
(DA)(DT)(DT)(DC)(DT)(DC)(DC)(DA)
;
J
7 'polypeptide(L)'
;MAAKDISTEVLQNPELYGLRRSHRAAAHQQNYFNDSDDEDDEDNIKQSRRKRMTTIEDDEDEFEDEEGEEDSGEDEDEED
FEEDDDYYGSPIKQNRSKPKSRTKSKSKSKPKSQSEKQSTVKIPTRFSNRQNKTVNYNIDYSDDDLLESEDDYGSEEALS
EENVHEASANPQPEDFHGIDIVINHRLKTSLEEGKVLEKTVPDLNNCKENYEFLIKWTDESHLHNTWETYESIGQVRGLK
RLDNYCKQFIIEDQQVRLDPYVTAEDIEIMDMERERRLDEFEEFHVPERIIDSQRASLEDGTSQLQYLVKWRRLNYDEAT
WENATDIVKLAPEQVKHFQNRENSKILPQYSSNYTSQRPRFEKLSVQPPFIKGGELRDFQLTGINWMAFLWSKGDNGILA
DEMGLGKTVQTVAFISWLIFARRQNGPHIIVVPLSTMPAWLDTFEKWAPDLNCICYMGNQKSRDTIREYEFYTNPRAKGK
KTMKFNVLLTTYEYILKDRAELGSIKWQFMAVDEAHRLKNAESSLYESLNSFKVANRMLITGTPLQNNIKELAALVNFLM
PGRFTIDQEIDFENQDEEQEEYIHDLHRRIQPFILRRLKKDVEKSLPSKTERILRVELSDVQTEYYKNILTKNYSALTAG
AKGGHFSLLNIMNELKKASNHPYLFDNAEERVLQKFGDGKMTRENVLRGLIMSSGKMVLLDQLLTRLKKDGHRVLIFSQM
VRMLDILGDYLSIKGINFQRLDGTVPSAQRRISIDHFNSPDSNDFVFLLSTRAGGLGINLMTADTVVIFDSDWNPQADLQ
AMARAHRIGQKNHVMVYRLVSKDTVEEEVLERARKKMILEYAIISLGVTDGNKYTKKNEPNAGELSAILKFGAGNMFTAT
DNQKKLEDLNLDDVLNHAEDHVTTPDLGESHLGGEEFLKQFEVTDYKADIDWDDIIPEEELKKLQDEEQKRKDEEYVKEQ
LEMMNRRDNALKKIKNSVNGDGTAANSDSDDDSTSRSSRRRARANDMDSIGESEVRALYKAILKFGNLKEILDELIADGT
LPVKSFEKYGETYDEMMEAAKDCVHEEEKNRKEILEKLEKHATAYRAKLKSGEIKAENQPKDNPLTRLSLKKREKKAVLF
NFKGVKSLNAESLLSRVEDLKYLKNLINSNYKDDPLKFSLGNNTPKPVQNWSSNWTKEEDEKLLIGVFKYGYGSWTQIRD
DPFLGITDKIFLNEVHNPVAKKSASSSDTTPTPSKKGKGITGSSKKVPGAIHLGRRVDYLLSFLRGGLNTKSPSADIGSK
KLPTGPSKKRQRKPANHSKSMTPEITSSEPANGPPSKRMKALPKGPAALINNTRLSPNSPTPPLKSKVSRDNGTRQSSNP
SSGSAHEKEYDSMDEEDCRHTMSAIRTSLKRLRRGGKSLDRKEWAKILKTELTTIGNHIESQKGSSRKASPEKYRKHLWS
YSANFWPADVKSTKLMAMYDKITESQKK
;
S,T,W
#
# COMPACT_ATOMS: atom_id res chain seq x y z
N TYR A 42 -47.91 -33.87 53.68
CA TYR A 42 -46.81 -32.95 54.07
C TYR A 42 -46.73 -31.78 53.11
N ARG A 43 -46.45 -30.60 53.66
CA ARG A 43 -46.24 -29.43 52.81
C ARG A 43 -44.94 -29.55 52.01
N PRO A 44 -44.90 -28.96 50.83
CA PRO A 44 -43.67 -28.98 50.02
C PRO A 44 -42.42 -28.61 50.79
N GLY A 45 -41.32 -29.28 50.44
CA GLY A 45 -40.02 -29.02 51.02
C GLY A 45 -39.76 -29.70 52.35
N THR A 46 -40.80 -29.95 53.15
CA THR A 46 -40.57 -30.64 54.41
C THR A 46 -40.06 -32.05 54.16
N VAL A 47 -40.67 -32.74 53.20
CA VAL A 47 -40.21 -34.08 52.83
C VAL A 47 -38.80 -34.02 52.26
N ALA A 48 -38.56 -33.05 51.38
CA ALA A 48 -37.23 -32.85 50.82
C ALA A 48 -36.16 -32.67 51.90
N LEU A 49 -36.46 -31.91 52.95
CA LEU A 49 -35.47 -31.73 54.01
C LEU A 49 -35.16 -33.05 54.72
N ARG A 50 -36.19 -33.82 55.01
CA ARG A 50 -35.98 -35.15 55.58
C ARG A 50 -35.09 -35.98 54.68
N GLU A 51 -35.36 -35.98 53.37
CA GLU A 51 -34.55 -36.77 52.46
C GLU A 51 -33.12 -36.26 52.38
N ILE A 52 -32.94 -34.95 52.47
CA ILE A 52 -31.58 -34.40 52.55
C ILE A 52 -30.84 -35.02 53.74
N ARG A 53 -31.47 -35.00 54.90
CA ARG A 53 -30.80 -35.53 56.08
C ARG A 53 -30.57 -37.04 55.98
N ARG A 54 -31.53 -37.75 55.39
CA ARG A 54 -31.37 -39.18 55.14
C ARG A 54 -30.18 -39.47 54.24
N TYR A 55 -30.09 -38.79 53.11
CA TYR A 55 -29.04 -39.05 52.14
C TYR A 55 -27.67 -38.56 52.61
N GLN A 56 -27.64 -37.50 53.42
CA GLN A 56 -26.39 -37.18 54.09
C GLN A 56 -26.02 -38.25 55.11
N LYS A 57 -27.00 -38.87 55.75
CA LYS A 57 -26.69 -39.89 56.74
C LYS A 57 -26.17 -41.17 56.08
N SER A 58 -26.85 -41.67 55.06
CA SER A 58 -26.40 -42.88 54.39
C SER A 58 -25.18 -42.64 53.52
N THR A 59 -24.35 -43.68 53.42
CA THR A 59 -23.14 -43.67 52.61
C THR A 59 -23.28 -44.44 51.30
N GLU A 60 -24.40 -45.11 51.08
CA GLU A 60 -24.54 -46.00 49.93
C GLU A 60 -24.39 -45.25 48.61
N LEU A 61 -24.07 -46.00 47.57
CA LEU A 61 -24.16 -45.52 46.20
C LEU A 61 -25.60 -45.33 45.78
N LEU A 62 -25.81 -44.35 44.89
CA LEU A 62 -27.14 -43.84 44.57
C LEU A 62 -27.58 -44.14 43.16
N ILE A 63 -26.66 -44.52 42.27
CA ILE A 63 -27.00 -44.91 40.90
C ILE A 63 -27.10 -46.42 40.78
N ARG A 64 -28.12 -46.87 40.06
CA ARG A 64 -28.24 -48.29 39.76
C ARG A 64 -27.00 -48.75 39.00
N LYS A 65 -26.52 -49.93 39.36
CA LYS A 65 -25.23 -50.38 38.85
C LYS A 65 -25.28 -50.63 37.35
N LEU A 66 -26.29 -51.38 36.90
CA LEU A 66 -26.35 -51.74 35.48
C LEU A 66 -26.39 -50.53 34.55
N PRO A 67 -27.21 -49.52 34.79
CA PRO A 67 -27.11 -48.31 33.97
C PRO A 67 -25.71 -47.74 33.88
N PHE A 68 -25.04 -47.63 35.03
CA PHE A 68 -23.69 -47.09 35.06
C PHE A 68 -22.73 -47.94 34.24
N GLN A 69 -22.76 -49.26 34.47
CA GLN A 69 -21.96 -50.19 33.68
C GLN A 69 -22.17 -49.99 32.19
N ARG A 70 -23.43 -50.00 31.77
CA ARG A 70 -23.75 -49.87 30.36
C ARG A 70 -23.20 -48.58 29.79
N LEU A 71 -23.45 -47.48 30.47
CA LEU A 71 -22.94 -46.20 30.02
C LEU A 71 -21.42 -46.22 29.86
N VAL A 72 -20.71 -46.68 30.89
CA VAL A 72 -19.26 -46.59 30.84
C VAL A 72 -18.68 -47.51 29.78
N ARG A 73 -19.28 -48.67 29.56
CA ARG A 73 -18.86 -49.50 28.43
C ARG A 73 -19.11 -48.81 27.11
N GLU A 74 -20.24 -48.15 26.97
CA GLU A 74 -20.50 -47.41 25.74
C GLU A 74 -19.47 -46.31 25.51
N ILE A 75 -19.17 -45.54 26.55
CA ILE A 75 -18.18 -44.48 26.40
C ILE A 75 -16.82 -45.06 26.04
N ALA A 76 -16.42 -46.15 26.68
CA ALA A 76 -15.14 -46.76 26.35
C ALA A 76 -15.13 -47.24 24.91
N GLN A 77 -16.27 -47.72 24.41
CA GLN A 77 -16.32 -48.23 23.05
C GLN A 77 -15.96 -47.18 22.02
N ASP A 78 -15.99 -45.90 22.40
CA ASP A 78 -15.43 -44.87 21.55
C ASP A 78 -13.96 -45.11 21.26
N PHE A 79 -13.14 -45.20 22.31
CA PHE A 79 -11.70 -45.21 22.11
C PHE A 79 -11.23 -46.51 21.47
N LYS A 80 -11.81 -47.63 21.88
CA LYS A 80 -11.40 -48.92 21.36
C LYS A 80 -12.52 -49.91 21.64
N THR A 81 -12.57 -50.96 20.83
CA THR A 81 -13.55 -52.01 21.00
C THR A 81 -13.09 -53.04 22.03
N ASP A 82 -14.07 -53.78 22.56
CA ASP A 82 -13.86 -55.04 23.25
C ASP A 82 -13.14 -54.89 24.59
N LEU A 83 -13.07 -53.70 25.14
CA LEU A 83 -12.41 -53.54 26.43
C LEU A 83 -13.13 -54.32 27.51
N ARG A 84 -12.40 -55.19 28.19
CA ARG A 84 -12.89 -55.79 29.42
C ARG A 84 -12.67 -54.84 30.58
N PHE A 85 -13.47 -55.01 31.63
CA PHE A 85 -13.27 -54.26 32.87
C PHE A 85 -13.22 -55.19 34.06
N GLN A 86 -12.33 -54.88 34.99
CA GLN A 86 -12.50 -55.32 36.36
C GLN A 86 -13.74 -54.65 36.95
N SER A 87 -14.63 -55.45 37.52
CA SER A 87 -15.82 -54.87 38.13
C SER A 87 -15.45 -53.90 39.24
N SER A 88 -14.37 -54.19 39.97
CA SER A 88 -13.87 -53.26 40.97
C SER A 88 -13.50 -51.92 40.35
N ALA A 89 -12.98 -51.93 39.14
CA ALA A 89 -12.70 -50.66 38.46
C ALA A 89 -13.97 -49.86 38.26
N VAL A 90 -15.04 -50.52 37.86
CA VAL A 90 -16.32 -49.83 37.67
C VAL A 90 -16.87 -49.32 38.99
N MET A 91 -16.69 -50.08 40.08
CA MET A 91 -17.11 -49.59 41.38
C MET A 91 -16.34 -48.33 41.76
N ALA A 92 -15.02 -48.35 41.59
CA ALA A 92 -14.23 -47.17 41.88
C ALA A 92 -14.68 -45.99 41.04
N LEU A 93 -14.93 -46.23 39.76
CA LEU A 93 -15.37 -45.17 38.87
C LEU A 93 -16.71 -44.58 39.31
N GLN A 94 -17.63 -45.43 39.75
CA GLN A 94 -18.90 -44.91 40.25
C GLN A 94 -18.71 -44.10 41.52
N GLU A 95 -17.89 -44.58 42.44
CA GLU A 95 -17.64 -43.80 43.66
C GLU A 95 -17.07 -42.44 43.32
N ALA A 96 -16.07 -42.41 42.46
CA ALA A 96 -15.41 -41.16 42.10
C ALA A 96 -16.39 -40.18 41.45
N SER A 97 -17.17 -40.68 40.49
CA SER A 97 -18.09 -39.80 39.78
C SER A 97 -19.17 -39.27 40.70
N GLU A 98 -19.78 -40.13 41.52
CA GLU A 98 -20.77 -39.64 42.45
C GLU A 98 -20.20 -38.60 43.40
N ALA A 99 -18.99 -38.83 43.91
CA ALA A 99 -18.40 -37.84 44.82
C ALA A 99 -18.18 -36.51 44.13
N TYR A 100 -17.66 -36.53 42.91
CA TYR A 100 -17.45 -35.30 42.17
C TYR A 100 -18.76 -34.58 41.92
N LEU A 101 -19.80 -35.32 41.55
CA LEU A 101 -21.10 -34.71 41.34
C LEU A 101 -21.64 -34.07 42.61
N VAL A 102 -21.50 -34.74 43.74
CA VAL A 102 -21.93 -34.14 45.00
C VAL A 102 -21.21 -32.84 45.27
N ALA A 103 -19.88 -32.83 45.07
CA ALA A 103 -19.13 -31.61 45.29
C ALA A 103 -19.64 -30.48 44.41
N LEU A 104 -19.88 -30.77 43.14
CA LEU A 104 -20.43 -29.75 42.25
C LEU A 104 -21.80 -29.29 42.71
N PHE A 105 -22.64 -30.22 43.15
CA PHE A 105 -23.99 -29.85 43.58
C PHE A 105 -23.94 -28.89 44.74
N GLU A 106 -23.10 -29.17 45.74
CA GLU A 106 -23.04 -28.26 46.87
C GLU A 106 -22.44 -26.91 46.48
N ASP A 107 -21.48 -26.91 45.56
CA ASP A 107 -20.97 -25.63 45.07
C ASP A 107 -22.05 -24.80 44.41
N THR A 108 -22.82 -25.42 43.52
CA THR A 108 -23.85 -24.68 42.82
C THR A 108 -24.98 -24.26 43.76
N ASN A 109 -25.31 -25.09 44.74
CA ASN A 109 -26.30 -24.67 45.73
C ASN A 109 -25.82 -23.42 46.47
N LEU A 110 -24.55 -23.40 46.85
CA LEU A 110 -24.01 -22.21 47.50
C LEU A 110 -24.10 -20.99 46.60
N CYS A 111 -23.81 -21.16 45.32
CA CYS A 111 -24.06 -20.09 44.35
C CYS A 111 -25.52 -19.65 44.35
N ALA A 112 -26.44 -20.59 44.28
CA ALA A 112 -27.85 -20.24 44.20
C ALA A 112 -28.29 -19.43 45.42
N ILE A 113 -27.91 -19.89 46.61
CA ILE A 113 -28.28 -19.14 47.80
C ILE A 113 -27.62 -17.78 47.79
N HIS A 114 -26.46 -17.65 47.15
CA HIS A 114 -25.91 -16.32 46.97
C HIS A 114 -26.76 -15.52 46.00
N ALA A 115 -27.21 -16.14 44.91
CA ALA A 115 -28.19 -15.49 44.05
C ALA A 115 -29.44 -15.12 44.82
N LYS A 116 -29.73 -15.81 45.91
CA LYS A 116 -30.81 -15.53 46.85
C LYS A 116 -32.11 -16.13 46.36
N ARG A 117 -32.15 -16.65 45.14
CA ARG A 117 -33.08 -17.71 44.82
C ARG A 117 -32.77 -18.92 45.70
N VAL A 118 -33.63 -19.93 45.63
CA VAL A 118 -33.29 -21.21 46.25
C VAL A 118 -33.29 -22.33 45.23
N THR A 119 -34.10 -22.19 44.19
CA THR A 119 -34.12 -23.22 43.15
C THR A 119 -32.86 -23.11 42.31
N ILE A 120 -32.07 -24.20 42.27
CA ILE A 120 -30.87 -24.22 41.46
C ILE A 120 -31.26 -24.25 39.99
N MET A 121 -30.39 -23.70 39.14
CA MET A 121 -30.70 -23.64 37.72
C MET A 121 -29.43 -23.80 36.91
N PRO A 122 -29.56 -24.13 35.62
CA PRO A 122 -28.37 -24.36 34.79
C PRO A 122 -27.33 -23.27 34.85
N LYS A 123 -27.75 -22.01 34.79
CA LYS A 123 -26.81 -20.90 34.86
C LYS A 123 -25.98 -20.96 36.14
N ASP A 124 -26.60 -21.40 37.24
CA ASP A 124 -25.85 -21.55 38.48
C ASP A 124 -24.75 -22.61 38.33
N ILE A 125 -25.04 -23.67 37.59
CA ILE A 125 -24.02 -24.69 37.35
C ILE A 125 -22.92 -24.13 36.48
N GLN A 126 -23.29 -23.46 35.40
CA GLN A 126 -22.29 -22.96 34.46
C GLN A 126 -21.36 -21.99 35.17
N LEU A 127 -21.93 -21.12 36.01
CA LEU A 127 -21.12 -20.25 36.84
C LEU A 127 -20.18 -21.06 37.73
N ALA A 128 -20.72 -22.04 38.45
CA ALA A 128 -19.89 -22.78 39.38
C ALA A 128 -18.70 -23.43 38.66
N ARG A 129 -18.97 -24.14 37.58
CA ARG A 129 -17.90 -24.76 36.82
C ARG A 129 -16.90 -23.73 36.31
N ARG A 130 -17.40 -22.65 35.71
CA ARG A 130 -16.49 -21.67 35.12
C ARG A 130 -15.60 -21.05 36.18
N ILE A 131 -16.14 -20.73 37.35
CA ILE A 131 -15.33 -20.14 38.40
C ILE A 131 -14.34 -21.16 38.93
N ARG A 132 -14.78 -22.41 39.07
CA ARG A 132 -13.82 -23.45 39.50
C ARG A 132 -12.70 -23.56 38.46
N GLY A 133 -13.01 -23.30 37.18
CA GLY A 133 -11.98 -23.31 36.16
C GLY A 133 -12.28 -24.31 35.06
N GLU A 134 -13.55 -24.60 34.86
CA GLU A 134 -13.96 -25.62 33.92
C GLU A 134 -15.29 -25.28 33.24
N ASP B 25 -30.10 -44.45 24.29
CA ASP B 25 -28.81 -43.95 24.85
C ASP B 25 -28.67 -44.35 26.31
N ASN B 26 -27.56 -45.02 26.63
CA ASN B 26 -27.34 -45.46 28.00
C ASN B 26 -27.43 -44.31 28.99
N ILE B 27 -27.10 -43.09 28.56
CA ILE B 27 -27.11 -41.97 29.49
C ILE B 27 -28.50 -41.71 30.03
N GLN B 28 -29.54 -42.08 29.29
CA GLN B 28 -30.90 -41.97 29.79
C GLN B 28 -31.19 -42.91 30.95
N GLY B 29 -30.31 -43.87 31.21
CA GLY B 29 -30.40 -44.69 32.40
C GLY B 29 -30.11 -43.95 33.69
N ILE B 30 -29.48 -42.79 33.62
CA ILE B 30 -29.33 -41.95 34.81
C ILE B 30 -30.64 -41.19 34.98
N THR B 31 -31.52 -41.73 35.82
CA THR B 31 -32.88 -41.22 35.89
C THR B 31 -32.94 -39.94 36.71
N LYS B 32 -33.98 -39.19 36.46
CA LYS B 32 -34.29 -38.00 37.24
C LYS B 32 -34.32 -38.28 38.75
N PRO B 33 -35.04 -39.29 39.22
CA PRO B 33 -34.94 -39.64 40.65
C PRO B 33 -33.53 -39.82 41.16
N ALA B 34 -32.67 -40.51 40.42
CA ALA B 34 -31.30 -40.70 40.90
C ALA B 34 -30.58 -39.36 41.04
N ILE B 35 -30.71 -38.50 40.04
CA ILE B 35 -30.12 -37.18 40.13
C ILE B 35 -30.66 -36.42 41.33
N ARG B 36 -31.96 -36.54 41.58
CA ARG B 36 -32.53 -35.93 42.76
C ARG B 36 -31.89 -36.47 44.03
N ARG B 37 -31.68 -37.77 44.09
CA ARG B 37 -31.01 -38.35 45.25
C ARG B 37 -29.65 -37.71 45.47
N LEU B 38 -28.87 -37.59 44.39
CA LEU B 38 -27.59 -36.91 44.48
C LEU B 38 -27.75 -35.50 45.04
N ALA B 39 -28.69 -34.75 44.46
CA ALA B 39 -28.91 -33.38 44.89
C ALA B 39 -29.30 -33.32 46.36
N ARG B 40 -30.10 -34.28 46.82
CA ARG B 40 -30.44 -34.33 48.24
C ARG B 40 -29.20 -34.55 49.08
N ARG B 41 -28.33 -35.47 48.66
CA ARG B 41 -27.08 -35.59 49.38
C ARG B 41 -26.30 -34.30 49.29
N GLY B 42 -26.40 -33.61 48.17
CA GLY B 42 -25.83 -32.28 48.04
C GLY B 42 -26.58 -31.21 48.80
N GLY B 43 -27.67 -31.56 49.48
CA GLY B 43 -28.41 -30.55 50.22
C GLY B 43 -29.24 -29.62 49.38
N VAL B 44 -29.50 -29.96 48.13
CA VAL B 44 -30.31 -29.12 47.26
C VAL B 44 -31.77 -29.20 47.72
N LYS B 45 -32.35 -28.05 48.04
CA LYS B 45 -33.75 -28.03 48.45
C LYS B 45 -34.70 -28.19 47.28
N ARG B 46 -34.44 -27.52 46.16
CA ARG B 46 -35.43 -27.41 45.09
C ARG B 46 -34.73 -27.34 43.76
N ILE B 47 -35.22 -28.12 42.79
CA ILE B 47 -34.50 -28.39 41.54
C ILE B 47 -35.34 -27.96 40.36
N SER B 48 -34.79 -27.07 39.54
CA SER B 48 -35.46 -26.70 38.30
C SER B 48 -35.27 -27.81 37.26
N GLY B 49 -36.33 -28.06 36.49
CA GLY B 49 -36.37 -29.25 35.64
C GLY B 49 -35.30 -29.32 34.58
N LEU B 50 -34.64 -28.21 34.26
CA LEU B 50 -33.57 -28.24 33.27
C LEU B 50 -32.36 -29.02 33.75
N ILE B 51 -32.10 -28.95 35.05
CA ILE B 51 -30.85 -29.45 35.61
C ILE B 51 -30.60 -30.89 35.17
N TYR B 52 -31.67 -31.68 35.05
CA TYR B 52 -31.52 -33.09 34.79
C TYR B 52 -30.77 -33.39 33.50
N GLU B 53 -30.72 -32.44 32.58
CA GLU B 53 -29.92 -32.71 31.39
C GLU B 53 -28.52 -32.13 31.47
N GLU B 54 -28.38 -30.95 32.05
CA GLU B 54 -27.05 -30.36 32.19
C GLU B 54 -26.12 -31.27 32.99
N THR B 55 -26.63 -31.85 34.07
CA THR B 55 -25.81 -32.76 34.84
C THR B 55 -25.35 -33.93 33.98
N ARG B 56 -26.25 -34.51 33.21
CA ARG B 56 -25.82 -35.59 32.33
C ARG B 56 -24.70 -35.14 31.41
N GLY B 57 -24.86 -33.96 30.81
CA GLY B 57 -23.79 -33.45 29.98
C GLY B 57 -22.49 -33.39 30.75
N VAL B 58 -22.51 -32.73 31.90
CA VAL B 58 -21.27 -32.60 32.66
C VAL B 58 -20.73 -33.97 33.04
N LEU B 59 -21.60 -34.87 33.48
CA LEU B 59 -21.12 -36.19 33.82
C LEU B 59 -20.44 -36.85 32.63
N LYS B 60 -21.05 -36.77 31.46
CA LYS B 60 -20.43 -37.42 30.33
C LYS B 60 -19.05 -36.86 30.07
N VAL B 61 -18.90 -35.54 30.14
CA VAL B 61 -17.57 -34.95 29.97
C VAL B 61 -16.61 -35.51 30.99
N PHE B 62 -17.05 -35.60 32.24
CA PHE B 62 -16.16 -36.10 33.27
C PHE B 62 -15.75 -37.53 32.97
N LEU B 63 -16.72 -38.37 32.63
CA LEU B 63 -16.36 -39.75 32.30
C LEU B 63 -15.44 -39.78 31.10
N GLU B 64 -15.78 -38.99 30.08
CA GLU B 64 -14.97 -38.98 28.89
C GLU B 64 -13.53 -38.68 29.24
N ASN B 65 -13.30 -37.70 30.11
CA ASN B 65 -11.94 -37.35 30.44
C ASN B 65 -11.19 -38.52 31.06
N VAL B 66 -11.77 -39.13 32.10
CA VAL B 66 -11.04 -40.18 32.81
C VAL B 66 -10.91 -41.45 31.99
N ILE B 67 -11.95 -41.85 31.26
CA ILE B 67 -11.90 -43.11 30.54
C ILE B 67 -10.79 -43.08 29.51
N ARG B 68 -10.70 -41.98 28.77
CA ARG B 68 -9.62 -41.83 27.81
C ARG B 68 -8.28 -42.14 28.43
N ASP B 69 -8.02 -41.56 29.60
CA ASP B 69 -6.73 -41.77 30.23
C ASP B 69 -6.54 -43.22 30.67
N ALA B 70 -7.57 -43.82 31.26
CA ALA B 70 -7.44 -45.20 31.71
C ALA B 70 -7.09 -46.16 30.58
N VAL B 71 -7.80 -46.07 29.46
CA VAL B 71 -7.46 -46.97 28.38
C VAL B 71 -6.10 -46.69 27.80
N THR B 72 -5.61 -45.46 27.94
CA THR B 72 -4.26 -45.18 27.52
C THR B 72 -3.28 -46.02 28.33
N TYR B 73 -3.46 -46.05 29.64
CA TYR B 73 -2.62 -46.91 30.45
C TYR B 73 -2.73 -48.36 30.00
N THR B 74 -3.94 -48.82 29.74
CA THR B 74 -4.06 -50.21 29.35
C THR B 74 -3.40 -50.47 28.01
N GLU B 75 -3.45 -49.49 27.10
CA GLU B 75 -2.71 -49.66 25.87
C GLU B 75 -1.23 -49.78 26.16
N HIS B 76 -0.71 -48.96 27.07
CA HIS B 76 0.70 -49.07 27.37
C HIS B 76 1.01 -50.43 27.96
N ALA B 77 0.11 -50.96 28.81
CA ALA B 77 0.29 -52.33 29.24
C ALA B 77 0.00 -53.34 28.15
N LYS B 78 -0.59 -52.90 27.03
CA LYS B 78 -1.01 -53.81 25.98
C LYS B 78 -2.03 -54.83 26.49
N ARG B 79 -2.65 -54.54 27.62
CA ARG B 79 -3.71 -55.40 28.12
C ARG B 79 -4.97 -55.18 27.31
N LYS B 80 -5.85 -56.17 27.34
CA LYS B 80 -7.19 -56.02 26.81
C LYS B 80 -8.21 -55.66 27.87
N THR B 81 -7.83 -55.65 29.14
CA THR B 81 -8.73 -55.33 30.23
C THR B 81 -8.23 -54.10 30.96
N VAL B 82 -9.17 -53.33 31.49
CA VAL B 82 -8.86 -52.18 32.34
C VAL B 82 -8.95 -52.60 33.80
N THR B 83 -7.93 -52.25 34.57
CA THR B 83 -7.90 -52.55 35.99
C THR B 83 -8.29 -51.32 36.80
N ALA B 84 -8.69 -51.56 38.05
CA ALA B 84 -8.94 -50.47 38.97
C ALA B 84 -7.69 -49.61 39.18
N MET B 85 -6.52 -50.22 39.16
CA MET B 85 -5.29 -49.46 39.31
C MET B 85 -5.14 -48.43 38.21
N ASP B 86 -5.53 -48.77 36.99
CA ASP B 86 -5.47 -47.80 35.90
C ASP B 86 -6.38 -46.61 36.19
N VAL B 87 -7.59 -46.87 36.68
CA VAL B 87 -8.49 -45.80 37.06
C VAL B 87 -7.87 -44.94 38.15
N VAL B 88 -7.25 -45.57 39.15
CA VAL B 88 -6.63 -44.81 40.22
C VAL B 88 -5.54 -43.90 39.67
N TYR B 89 -4.70 -44.42 38.79
CA TYR B 89 -3.68 -43.58 38.18
C TYR B 89 -4.30 -42.42 37.41
N ALA B 90 -5.37 -42.68 36.67
CA ALA B 90 -6.03 -41.59 35.94
C ALA B 90 -6.57 -40.52 36.88
N LEU B 91 -7.21 -40.93 37.96
CA LEU B 91 -7.71 -39.97 38.93
C LEU B 91 -6.59 -39.18 39.58
N LYS B 92 -5.47 -39.84 39.87
CA LYS B 92 -4.31 -39.11 40.39
C LYS B 92 -3.79 -38.13 39.36
N ARG B 93 -3.84 -38.50 38.09
CA ARG B 93 -3.48 -37.56 37.04
C ARG B 93 -4.42 -36.37 37.03
N GLN B 94 -5.71 -36.60 37.26
CA GLN B 94 -6.61 -35.48 37.46
C GLN B 94 -6.44 -34.80 38.82
N GLY B 95 -5.52 -35.26 39.65
CA GLY B 95 -5.29 -34.58 40.92
C GLY B 95 -6.47 -34.71 41.87
N ARG B 96 -7.11 -35.87 41.88
CA ARG B 96 -8.31 -36.10 42.69
C ARG B 96 -8.25 -37.50 43.26
N THR B 97 -7.12 -37.82 43.88
CA THR B 97 -6.81 -39.20 44.23
C THR B 97 -7.90 -39.83 45.08
N LEU B 98 -8.25 -41.06 44.73
CA LEU B 98 -9.24 -41.86 45.43
C LEU B 98 -8.55 -42.97 46.21
N TYR B 99 -8.82 -43.04 47.50
CA TYR B 99 -8.33 -44.14 48.32
C TYR B 99 -9.30 -45.31 48.32
N GLY B 100 -8.76 -46.50 48.59
CA GLY B 100 -9.55 -47.70 48.77
C GLY B 100 -9.50 -48.70 47.65
N PHE B 101 -8.67 -48.52 46.64
CA PHE B 101 -8.52 -49.49 45.57
C PHE B 101 -7.05 -49.79 45.31
N GLY B 102 -6.31 -50.02 46.38
CA GLY B 102 -4.88 -50.21 46.28
C GLY B 102 -4.14 -48.90 46.05
N THR C 17 26.26 -35.37 13.15
CA THR C 17 25.88 -35.56 14.57
C THR C 17 24.52 -36.23 14.69
N ARG C 18 24.19 -36.67 15.91
CA ARG C 18 22.89 -37.31 16.12
C ARG C 18 21.76 -36.36 15.76
N SER C 19 21.85 -35.12 16.24
CA SER C 19 20.83 -34.14 15.88
C SER C 19 20.76 -33.97 14.37
N SER C 20 21.93 -33.87 13.74
CA SER C 20 21.96 -33.74 12.29
C SER C 20 21.52 -35.01 11.60
N ARG C 21 21.82 -36.17 12.19
CA ARG C 21 21.31 -37.41 11.63
C ARG C 21 19.79 -37.43 11.64
N ALA C 22 19.19 -36.94 12.72
CA ALA C 22 17.76 -36.75 12.78
C ALA C 22 17.31 -35.54 11.98
N GLY C 23 18.19 -34.58 11.78
CA GLY C 23 17.80 -33.31 11.20
C GLY C 23 17.10 -32.38 12.17
N LEU C 24 17.27 -32.59 13.47
CA LEU C 24 16.70 -31.70 14.46
C LEU C 24 17.67 -30.56 14.76
N GLN C 25 17.11 -29.48 15.29
CA GLN C 25 17.91 -28.39 15.83
C GLN C 25 18.29 -28.59 17.28
N PHE C 26 17.39 -29.16 18.07
CA PHE C 26 17.61 -29.23 19.51
C PHE C 26 18.76 -30.18 19.85
N PRO C 27 19.48 -29.91 20.94
CA PRO C 27 20.70 -30.67 21.24
C PRO C 27 20.40 -32.04 21.85
N VAL C 28 20.29 -33.05 21.00
CA VAL C 28 19.99 -34.40 21.47
C VAL C 28 20.98 -34.83 22.54
N GLY C 29 22.26 -34.54 22.33
CA GLY C 29 23.26 -34.87 23.32
C GLY C 29 22.99 -34.23 24.67
N ARG C 30 22.66 -32.94 24.66
CA ARG C 30 22.33 -32.26 25.91
C ARG C 30 21.16 -32.91 26.62
N VAL C 31 20.06 -33.15 25.90
CA VAL C 31 18.88 -33.72 26.56
C VAL C 31 19.16 -35.11 27.08
N HIS C 32 19.93 -35.91 26.35
CA HIS C 32 20.33 -37.21 26.87
C HIS C 32 21.15 -37.07 28.16
N ARG C 33 22.08 -36.14 28.16
CA ARG C 33 22.85 -35.85 29.37
C ARG C 33 21.94 -35.48 30.53
N LEU C 34 20.94 -34.66 30.27
CA LEU C 34 20.01 -34.31 31.34
C LEU C 34 19.18 -35.51 31.79
N LEU C 35 18.76 -36.34 30.86
CA LEU C 35 17.96 -37.51 31.24
C LEU C 35 18.74 -38.41 32.15
N ARG C 36 20.03 -38.58 31.89
CA ARG C 36 20.86 -39.26 32.88
C ARG C 36 20.90 -38.46 34.18
N LYS C 37 21.25 -37.18 34.08
CA LYS C 37 21.47 -36.37 35.27
C LYS C 37 20.22 -36.26 36.13
N GLY C 38 19.04 -36.22 35.50
CA GLY C 38 17.81 -36.08 36.26
C GLY C 38 17.39 -37.30 37.05
N ASN C 39 18.07 -38.43 36.85
CA ASN C 39 17.74 -39.65 37.59
C ASN C 39 16.27 -40.03 37.43
N TYR C 40 15.75 -39.87 36.22
CA TYR C 40 14.39 -40.32 35.95
C TYR C 40 14.30 -41.83 35.92
N ALA C 41 15.32 -42.49 35.36
CA ALA C 41 15.34 -43.94 35.32
C ALA C 41 16.77 -44.43 35.21
N GLU C 42 16.98 -45.64 35.72
CA GLU C 42 18.28 -46.30 35.65
C GLU C 42 18.69 -46.62 34.22
N ARG C 43 17.75 -46.66 33.30
CA ARG C 43 18.03 -47.00 31.92
C ARG C 43 17.33 -46.01 31.00
N VAL C 44 18.05 -45.56 29.97
CA VAL C 44 17.52 -44.60 29.02
C VAL C 44 17.81 -45.11 27.61
N GLY C 45 16.77 -45.61 26.95
CA GLY C 45 16.94 -46.13 25.60
C GLY C 45 17.31 -45.02 24.62
N ALA C 46 18.16 -45.38 23.65
CA ALA C 46 18.75 -44.38 22.79
C ALA C 46 17.72 -43.61 21.98
N GLY C 47 16.56 -44.21 21.71
CA GLY C 47 15.54 -43.50 20.97
C GLY C 47 14.85 -42.42 21.78
N ALA C 48 14.84 -42.56 23.10
CA ALA C 48 14.06 -41.65 23.93
C ALA C 48 14.43 -40.20 23.69
N PRO C 49 15.70 -39.79 23.79
CA PRO C 49 16.01 -38.37 23.61
C PRO C 49 15.72 -37.87 22.21
N VAL C 50 15.87 -38.69 21.17
CA VAL C 50 15.53 -38.22 19.83
C VAL C 50 14.06 -37.88 19.75
N TYR C 51 13.20 -38.81 20.16
CA TYR C 51 11.77 -38.60 20.12
C TYR C 51 11.38 -37.38 20.95
N LEU C 52 11.95 -37.27 22.15
CA LEU C 52 11.62 -36.14 23.00
C LEU C 52 12.02 -34.82 22.35
N ALA C 53 13.24 -34.74 21.85
CA ALA C 53 13.70 -33.51 21.22
C ALA C 53 12.80 -33.12 20.08
N ALA C 54 12.40 -34.11 19.28
CA ALA C 54 11.53 -33.84 18.15
C ALA C 54 10.23 -33.20 18.60
N VAL C 55 9.54 -33.84 19.54
CA VAL C 55 8.24 -33.30 19.94
C VAL C 55 8.39 -31.97 20.68
N LEU C 56 9.48 -31.80 21.41
CA LEU C 56 9.72 -30.53 22.08
C LEU C 56 9.88 -29.40 21.09
N GLU C 57 10.77 -29.56 20.12
CA GLU C 57 10.98 -28.47 19.18
C GLU C 57 9.79 -28.27 18.26
N TYR C 58 9.01 -29.32 18.01
CA TYR C 58 7.74 -29.12 17.33
C TYR C 58 6.79 -28.22 18.12
N LEU C 59 6.70 -28.44 19.43
CA LEU C 59 5.85 -27.60 20.27
C LEU C 59 6.33 -26.16 20.25
N THR C 60 7.63 -25.96 20.40
CA THR C 60 8.16 -24.60 20.36
C THR C 60 7.94 -23.97 18.99
N ALA C 61 8.09 -24.73 17.91
CA ALA C 61 7.79 -24.18 16.60
C ALA C 61 6.35 -23.70 16.51
N GLU C 62 5.42 -24.48 17.07
CA GLU C 62 4.02 -24.06 17.05
C GLU C 62 3.82 -22.74 17.77
N ILE C 63 4.25 -22.67 19.02
CA ILE C 63 3.94 -21.45 19.76
C ILE C 63 4.72 -20.28 19.20
N LEU C 64 5.92 -20.50 18.69
CA LEU C 64 6.66 -19.44 18.04
C LEU C 64 5.92 -18.92 16.82
N GLU C 65 5.30 -19.81 16.05
CA GLU C 65 4.51 -19.36 14.91
C GLU C 65 3.38 -18.46 15.36
N LEU C 66 2.71 -18.82 16.45
CA LEU C 66 1.62 -17.99 16.93
C LEU C 66 2.12 -16.66 17.48
N ALA C 67 3.21 -16.68 18.25
CA ALA C 67 3.79 -15.43 18.75
C ALA C 67 4.23 -14.52 17.60
N GLY C 68 4.79 -15.10 16.55
CA GLY C 68 5.12 -14.31 15.38
C GLY C 68 3.92 -13.66 14.74
N ASN C 69 2.82 -14.41 14.61
CA ASN C 69 1.59 -13.81 14.11
C ASN C 69 1.10 -12.68 15.00
N ALA C 70 1.21 -12.86 16.32
CA ALA C 70 0.87 -11.78 17.26
C ALA C 70 1.77 -10.55 17.09
N ALA C 71 3.06 -10.77 16.87
CA ALA C 71 3.97 -9.65 16.62
C ALA C 71 3.61 -8.94 15.32
N ARG C 72 3.25 -9.70 14.30
CA ARG C 72 2.81 -9.10 13.04
C ARG C 72 1.57 -8.24 13.26
N ASP C 73 0.58 -8.75 14.00
CA ASP C 73 -0.64 -7.98 14.19
C ASP C 73 -0.39 -6.75 15.05
N ASN C 74 0.46 -6.88 16.08
CA ASN C 74 0.91 -5.69 16.78
C ASN C 74 1.87 -4.84 15.95
N LYS C 75 2.34 -5.34 14.82
CA LYS C 75 3.25 -4.60 13.95
C LYS C 75 4.54 -4.26 14.67
N LYS C 76 5.18 -5.28 15.22
CA LYS C 76 6.44 -5.11 15.95
C LYS C 76 7.47 -6.09 15.40
N THR C 77 8.71 -5.62 15.31
CA THR C 77 9.80 -6.48 14.84
C THR C 77 10.20 -7.51 15.90
N ARG C 78 10.09 -7.16 17.17
CA ARG C 78 10.57 -7.99 18.25
C ARG C 78 9.37 -8.64 18.93
N ILE C 79 9.42 -9.95 19.10
CA ILE C 79 8.44 -10.64 19.93
C ILE C 79 8.70 -10.31 21.40
N ILE C 80 7.62 -10.01 22.12
CA ILE C 80 7.70 -9.62 23.52
C ILE C 80 6.60 -10.33 24.30
N PRO C 81 6.74 -10.38 25.62
CA PRO C 81 5.82 -11.21 26.42
C PRO C 81 4.35 -10.99 26.12
N ARG C 82 3.94 -9.76 25.87
CA ARG C 82 2.54 -9.51 25.54
C ARG C 82 2.09 -10.37 24.38
N HIS C 83 2.91 -10.47 23.35
CA HIS C 83 2.52 -11.23 22.17
C HIS C 83 2.41 -12.71 22.51
N LEU C 84 3.29 -13.20 23.37
CA LEU C 84 3.20 -14.58 23.83
C LEU C 84 1.89 -14.83 24.55
N GLN C 85 1.56 -13.96 25.51
CA GLN C 85 0.34 -14.14 26.25
C GLN C 85 -0.87 -14.12 25.33
N LEU C 86 -0.89 -13.18 24.39
CA LEU C 86 -1.99 -13.11 23.44
C LEU C 86 -2.11 -14.40 22.64
N ALA C 87 -1.01 -14.88 22.09
CA ALA C 87 -1.06 -16.10 21.29
C ALA C 87 -1.53 -17.27 22.12
N VAL C 88 -0.92 -17.47 23.29
CA VAL C 88 -1.13 -18.70 24.04
C VAL C 88 -2.52 -18.74 24.65
N ARG C 89 -3.07 -17.58 25.05
CA ARG C 89 -4.44 -17.56 25.50
C ARG C 89 -5.42 -17.71 24.34
N ASN C 90 -5.05 -17.19 23.17
CA ASN C 90 -5.95 -17.30 22.02
C ASN C 90 -6.05 -18.73 21.50
N ASP C 91 -4.96 -19.48 21.53
CA ASP C 91 -5.02 -20.91 21.21
C ASP C 91 -5.59 -21.69 22.39
N GLU C 92 -6.83 -22.16 22.23
CA GLU C 92 -7.49 -22.91 23.29
C GLU C 92 -6.67 -24.11 23.77
N GLU C 93 -6.02 -24.82 22.85
CA GLU C 93 -5.25 -25.99 23.25
C GLU C 93 -4.10 -25.61 24.16
N LEU C 94 -3.35 -24.57 23.81
CA LEU C 94 -2.24 -24.13 24.64
C LEU C 94 -2.73 -23.59 25.98
N ASN C 95 -3.81 -22.80 25.96
CA ASN C 95 -4.33 -22.26 27.21
C ASN C 95 -4.77 -23.40 28.13
N LYS C 96 -5.40 -24.42 27.56
CA LYS C 96 -5.70 -25.61 28.35
C LYS C 96 -4.43 -26.24 28.89
N LEU C 97 -3.40 -26.33 28.05
CA LEU C 97 -2.13 -26.87 28.50
C LEU C 97 -1.48 -25.98 29.56
N LEU C 98 -1.90 -24.72 29.64
CA LEU C 98 -1.19 -23.71 30.42
C LEU C 98 -2.15 -22.96 31.34
N GLY C 99 -3.23 -23.61 31.75
CA GLY C 99 -4.27 -22.94 32.51
C GLY C 99 -3.79 -22.43 33.85
N ARG C 100 -2.67 -22.94 34.35
CA ARG C 100 -2.13 -22.52 35.64
C ARG C 100 -0.77 -21.88 35.49
N VAL C 101 -0.48 -21.35 34.31
CA VAL C 101 0.83 -20.82 33.97
C VAL C 101 0.65 -19.34 33.68
N THR C 102 1.65 -18.55 34.03
CA THR C 102 1.57 -17.12 33.82
C THR C 102 2.96 -16.58 33.55
N ILE C 103 2.99 -15.37 32.98
CA ILE C 103 4.22 -14.78 32.49
C ILE C 103 4.35 -13.35 33.01
N ALA C 104 5.58 -12.95 33.28
CA ALA C 104 5.88 -11.55 33.54
C ALA C 104 5.53 -10.70 32.33
N GLN C 105 5.12 -9.46 32.60
CA GLN C 105 4.72 -8.52 31.57
C GLN C 105 3.68 -9.13 30.61
N GLY C 106 2.91 -10.08 31.11
CA GLY C 106 1.74 -10.56 30.40
C GLY C 106 0.61 -9.56 30.50
N GLY C 107 -0.61 -10.06 30.43
CA GLY C 107 -1.79 -9.24 30.59
C GLY C 107 -3.04 -9.97 30.18
N VAL C 108 -4.19 -9.56 30.73
CA VAL C 108 -5.44 -10.18 30.36
C VAL C 108 -5.72 -9.96 28.89
N LEU C 109 -6.37 -10.94 28.27
CA LEU C 109 -6.91 -10.74 26.94
C LEU C 109 -7.88 -9.57 26.97
N PRO C 110 -7.68 -8.52 26.19
CA PRO C 110 -8.62 -7.38 26.20
C PRO C 110 -10.04 -7.84 25.93
N ASN C 111 -10.93 -7.55 26.87
CA ASN C 111 -12.30 -8.04 26.78
C ASN C 111 -13.14 -7.38 27.86
N ILE C 112 -14.40 -7.09 27.54
CA ILE C 112 -15.35 -6.52 28.48
C ILE C 112 -16.66 -7.28 28.35
N GLN C 113 -17.28 -7.59 29.50
CA GLN C 113 -18.57 -8.25 29.49
C GLN C 113 -19.65 -7.32 28.94
N SER C 114 -20.44 -7.86 27.99
CA SER C 114 -21.35 -7.03 27.21
C SER C 114 -22.32 -6.26 28.09
N VAL C 115 -22.80 -6.89 29.17
CA VAL C 115 -23.76 -6.24 30.06
C VAL C 115 -23.19 -5.00 30.71
N LEU C 116 -21.87 -4.88 30.85
CA LEU C 116 -21.31 -3.67 31.42
C LEU C 116 -21.42 -2.49 30.46
N LEU C 117 -21.51 -2.75 29.18
CA LEU C 117 -21.49 -1.66 28.21
C LEU C 117 -22.91 -1.14 27.99
N PRO C 118 -23.05 0.15 27.66
CA PRO C 118 -24.38 0.74 27.44
C PRO C 118 -25.06 0.20 26.19
N THR D 30 29.53 -18.98 37.59
CA THR D 30 28.61 -20.00 37.00
C THR D 30 27.75 -19.37 35.90
N ARG D 31 27.37 -20.18 34.91
CA ARG D 31 26.56 -19.71 33.79
C ARG D 31 25.56 -20.79 33.41
N LYS D 32 24.36 -20.36 33.04
CA LYS D 32 23.26 -21.29 32.77
C LYS D 32 23.42 -21.95 31.41
N GLU D 33 23.10 -23.24 31.36
CA GLU D 33 22.90 -23.97 30.10
C GLU D 33 21.50 -23.69 29.57
N SER D 34 21.42 -23.00 28.44
CA SER D 34 20.16 -22.44 27.97
C SER D 34 20.07 -22.65 26.46
N TYR D 35 18.84 -22.64 25.96
CA TYR D 35 18.53 -23.06 24.61
C TYR D 35 18.51 -21.90 23.62
N ALA D 36 18.92 -20.71 24.07
CA ALA D 36 18.69 -19.49 23.30
C ALA D 36 19.05 -19.68 21.83
N ILE D 37 20.22 -20.24 21.57
CA ILE D 37 20.66 -20.43 20.18
C ILE D 37 19.68 -21.31 19.42
N TYR D 38 19.15 -22.35 20.07
CA TYR D 38 18.16 -23.19 19.41
C TYR D 38 16.86 -22.44 19.20
N VAL D 39 16.48 -21.60 20.16
CA VAL D 39 15.32 -20.75 19.98
C VAL D 39 15.48 -19.87 18.76
N TYR D 40 16.64 -19.21 18.63
CA TYR D 40 16.91 -18.41 17.45
C TYR D 40 16.83 -19.24 16.17
N LYS D 41 17.38 -20.44 16.18
CA LYS D 41 17.36 -21.26 14.97
C LYS D 41 15.95 -21.64 14.55
N VAL D 42 15.15 -22.11 15.50
CA VAL D 42 13.78 -22.46 15.17
C VAL D 42 12.98 -21.25 14.76
N LEU D 43 13.18 -20.12 15.45
CA LEU D 43 12.52 -18.89 15.04
C LEU D 43 12.87 -18.55 13.59
N LYS D 44 14.16 -18.60 13.27
CA LYS D 44 14.58 -18.32 11.90
C LYS D 44 13.92 -19.27 10.91
N GLN D 45 13.68 -20.50 11.33
CA GLN D 45 13.00 -21.44 10.43
C GLN D 45 11.52 -21.11 10.27
N VAL D 46 10.88 -20.53 11.29
CA VAL D 46 9.47 -20.20 11.18
C VAL D 46 9.25 -18.74 10.82
N HIS D 47 10.12 -17.85 11.32
CA HIS D 47 10.07 -16.43 11.01
C HIS D 47 11.48 -15.91 10.81
N PRO D 48 12.04 -16.10 9.62
CA PRO D 48 13.43 -15.70 9.41
C PRO D 48 13.66 -14.21 9.60
N ASP D 49 12.64 -13.38 9.39
CA ASP D 49 12.68 -11.96 9.72
C ASP D 49 11.84 -11.70 10.98
N THR D 50 12.50 -11.68 12.13
CA THR D 50 11.87 -11.33 13.39
C THR D 50 12.94 -11.29 14.47
N GLY D 51 12.68 -10.52 15.53
CA GLY D 51 13.50 -10.54 16.72
C GLY D 51 12.71 -10.98 17.94
N ILE D 52 13.42 -11.05 19.07
CA ILE D 52 12.83 -11.46 20.34
C ILE D 52 13.44 -10.68 21.49
N SER D 53 12.60 -10.43 22.50
CA SER D 53 13.08 -9.83 23.73
C SER D 53 13.87 -10.84 24.56
N SER D 54 14.92 -10.35 25.22
CA SER D 54 15.66 -11.20 26.15
C SER D 54 14.72 -11.78 27.20
N LYS D 55 13.74 -10.99 27.63
CA LYS D 55 12.72 -11.50 28.54
C LYS D 55 11.94 -12.63 27.89
N ALA D 56 11.48 -12.42 26.66
CA ALA D 56 10.74 -13.46 25.96
C ALA D 56 11.55 -14.73 25.82
N MET D 57 12.83 -14.60 25.45
CA MET D 57 13.69 -15.77 25.38
C MET D 57 13.80 -16.47 26.73
N SER D 58 13.95 -15.71 27.82
CA SER D 58 14.00 -16.33 29.13
C SER D 58 12.70 -17.09 29.43
N ILE D 59 11.58 -16.51 29.05
CA ILE D 59 10.29 -17.19 29.18
C ILE D 59 10.28 -18.49 28.40
N MET D 60 10.80 -18.47 27.18
CA MET D 60 10.91 -19.71 26.41
C MET D 60 11.79 -20.74 27.12
N ASN D 61 12.91 -20.31 27.70
CA ASN D 61 13.76 -21.23 28.42
C ASN D 61 13.01 -21.87 29.59
N SER D 62 12.23 -21.06 30.30
CA SER D 62 11.38 -21.60 31.35
C SER D 62 10.39 -22.61 30.80
N PHE D 63 9.68 -22.24 29.75
CA PHE D 63 8.67 -23.12 29.16
C PHE D 63 9.28 -24.46 28.76
N VAL D 64 10.43 -24.41 28.10
CA VAL D 64 11.11 -25.63 27.68
C VAL D 64 11.44 -26.50 28.87
N ASN D 65 12.03 -25.92 29.91
CA ASN D 65 12.37 -26.72 31.07
C ASN D 65 11.13 -27.30 31.74
N ASP D 66 10.05 -26.53 31.76
CA ASP D 66 8.80 -27.02 32.33
C ASP D 66 8.28 -28.24 31.57
N VAL D 67 8.13 -28.11 30.26
CA VAL D 67 7.62 -29.22 29.46
C VAL D 67 8.53 -30.44 29.62
N PHE D 68 9.84 -30.21 29.60
CA PHE D 68 10.76 -31.33 29.77
C PHE D 68 10.52 -32.06 31.07
N GLU D 69 10.51 -31.34 32.19
CA GLU D 69 10.36 -32.02 33.46
C GLU D 69 9.00 -32.66 33.61
N ARG D 70 7.96 -32.06 33.04
CA ARG D 70 6.63 -32.65 33.10
C ARG D 70 6.59 -33.99 32.38
N ILE D 71 7.08 -34.01 31.14
CA ILE D 71 7.09 -35.25 30.38
C ILE D 71 7.96 -36.29 31.07
N ALA D 72 9.15 -35.90 31.49
CA ALA D 72 10.06 -36.88 32.07
C ALA D 72 9.49 -37.48 33.35
N GLY D 73 8.83 -36.66 34.17
CA GLY D 73 8.15 -37.20 35.34
C GLY D 73 7.02 -38.16 34.98
N GLU D 74 6.27 -37.84 33.94
CA GLU D 74 5.21 -38.76 33.53
C GLU D 74 5.79 -40.07 33.01
N ALA D 75 6.90 -39.99 32.28
CA ALA D 75 7.54 -41.19 31.77
C ALA D 75 8.02 -42.07 32.91
N SER D 76 8.68 -41.46 33.89
CA SER D 76 9.16 -42.25 35.02
C SER D 76 8.00 -42.87 35.79
N ARG D 77 6.89 -42.14 35.93
CA ARG D 77 5.69 -42.75 36.47
C ARG D 77 5.28 -43.98 35.68
N LEU D 78 5.14 -43.83 34.37
CA LEU D 78 4.69 -44.95 33.54
C LEU D 78 5.60 -46.15 33.69
N ALA D 79 6.91 -45.93 33.68
CA ALA D 79 7.84 -47.04 33.88
C ALA D 79 7.64 -47.71 35.22
N HIS D 80 7.60 -46.94 36.29
CA HIS D 80 7.43 -47.52 37.61
C HIS D 80 6.11 -48.27 37.74
N TYR D 81 5.05 -47.71 37.18
CA TYR D 81 3.74 -48.37 37.17
C TYR D 81 3.77 -49.70 36.45
N ASN D 82 4.77 -49.95 35.61
CA ASN D 82 4.91 -51.25 34.97
C ASN D 82 6.18 -51.97 35.42
N LYS D 83 6.81 -51.51 36.49
CA LYS D 83 8.01 -52.16 37.00
C LYS D 83 9.10 -52.27 35.94
N ARG D 84 9.05 -51.40 34.93
CA ARG D 84 10.08 -51.41 33.90
C ARG D 84 11.29 -50.64 34.37
N SER D 85 12.46 -51.07 33.91
CA SER D 85 13.69 -50.38 34.27
C SER D 85 14.05 -49.26 33.30
N THR D 86 13.64 -49.37 32.04
CA THR D 86 14.17 -48.53 30.97
C THR D 86 13.08 -47.63 30.41
N ILE D 87 13.51 -46.48 29.89
CA ILE D 87 12.64 -45.52 29.23
C ILE D 87 12.90 -45.59 27.73
N THR D 88 11.82 -45.65 26.95
CA THR D 88 11.94 -45.74 25.50
C THR D 88 10.90 -44.86 24.84
N SER D 89 10.99 -44.80 23.50
CA SER D 89 9.95 -44.16 22.71
C SER D 89 8.57 -44.66 23.08
N ARG D 90 8.44 -45.96 23.36
CA ARG D 90 7.12 -46.49 23.68
C ARG D 90 6.52 -45.83 24.91
N GLU D 91 7.36 -45.41 25.85
CA GLU D 91 6.86 -44.68 27.01
C GLU D 91 6.49 -43.25 26.66
N ILE D 92 7.37 -42.54 25.97
CA ILE D 92 7.14 -41.13 25.69
C ILE D 92 5.92 -40.96 24.79
N GLN D 93 5.75 -41.86 23.83
CA GLN D 93 4.59 -41.81 22.96
C GLN D 93 3.28 -41.82 23.74
N THR D 94 3.23 -42.56 24.84
CA THR D 94 2.04 -42.53 25.68
C THR D 94 2.03 -41.37 26.66
N ALA D 95 3.20 -40.97 27.14
CA ALA D 95 3.26 -39.81 28.02
C ALA D 95 2.70 -38.59 27.32
N VAL D 96 3.12 -38.35 26.08
CA VAL D 96 2.63 -37.19 25.34
C VAL D 96 1.15 -37.30 25.08
N ARG D 97 0.67 -38.52 24.83
CA ARG D 97 -0.77 -38.71 24.64
C ARG D 97 -1.54 -38.35 25.91
N LEU D 98 -0.90 -38.47 27.06
CA LEU D 98 -1.56 -38.02 28.28
C LEU D 98 -1.38 -36.53 28.54
N LEU D 99 -0.19 -36.00 28.28
CA LEU D 99 0.09 -34.60 28.57
C LEU D 99 -0.55 -33.67 27.54
N LEU D 100 -0.57 -34.08 26.28
CA LEU D 100 -1.02 -33.17 25.25
C LEU D 100 -2.53 -33.01 25.29
N PRO D 101 -3.03 -31.85 24.87
CA PRO D 101 -4.45 -31.54 25.10
C PRO D 101 -5.40 -32.26 24.16
N GLY D 102 -4.93 -32.75 23.02
CA GLY D 102 -5.84 -33.21 22.00
C GLY D 102 -5.20 -33.47 20.65
N GLU D 103 -5.86 -33.00 19.59
CA GLU D 103 -5.34 -33.22 18.24
C GLU D 103 -3.88 -32.85 18.11
N LEU D 104 -3.40 -31.90 18.91
CA LEU D 104 -1.97 -31.62 18.91
C LEU D 104 -1.17 -32.90 19.05
N ALA D 105 -1.69 -33.87 19.81
CA ALA D 105 -1.06 -35.18 19.90
C ALA D 105 -0.95 -35.84 18.53
N LYS D 106 -2.00 -35.71 17.71
CA LYS D 106 -1.95 -36.30 16.38
C LYS D 106 -0.72 -35.82 15.61
N HIS D 107 -0.32 -34.58 15.81
CA HIS D 107 0.83 -34.05 15.11
C HIS D 107 2.13 -34.42 15.81
N ALA D 108 2.20 -34.18 17.11
CA ALA D 108 3.42 -34.45 17.86
C ALA D 108 3.86 -35.90 17.73
N VAL D 109 2.93 -36.84 17.86
CA VAL D 109 3.31 -38.25 17.85
C VAL D 109 3.91 -38.62 16.50
N SER D 110 3.37 -38.04 15.42
CA SER D 110 3.92 -38.33 14.10
C SER D 110 5.26 -37.66 13.89
N GLU D 111 5.44 -36.46 14.45
CA GLU D 111 6.74 -35.83 14.41
C GLU D 111 7.79 -36.70 15.08
N GLY D 112 7.50 -37.14 16.29
CA GLY D 112 8.41 -38.05 16.98
C GLY D 112 8.68 -39.31 16.20
N THR D 113 7.63 -39.89 15.61
CA THR D 113 7.81 -41.11 14.83
C THR D 113 8.78 -40.88 13.69
N LYS D 114 8.47 -39.92 12.82
CA LYS D 114 9.28 -39.74 11.63
C LYS D 114 10.69 -39.31 12.01
N ALA D 115 10.83 -38.54 13.08
CA ALA D 115 12.15 -38.14 13.55
C ALA D 115 12.98 -39.36 13.93
N VAL D 116 12.40 -40.25 14.73
CA VAL D 116 13.12 -41.44 15.17
C VAL D 116 13.46 -42.32 13.97
N THR D 117 12.51 -42.51 13.07
CA THR D 117 12.76 -43.38 11.93
C THR D 117 13.84 -42.80 11.02
N LYS D 118 13.79 -41.51 10.74
CA LYS D 118 14.84 -40.88 9.95
C LYS D 118 16.20 -41.00 10.64
N TYR D 119 16.25 -40.72 11.93
CA TYR D 119 17.50 -40.84 12.66
C TYR D 119 18.06 -42.24 12.57
N THR D 120 17.24 -43.24 12.88
CA THR D 120 17.75 -44.60 13.01
C THR D 120 18.09 -45.21 11.66
N SER D 121 17.52 -44.67 10.59
CA SER D 121 17.77 -45.20 9.25
C SER D 121 19.26 -45.31 8.98
N TYR E 42 -17.55 13.11 28.03
CA TYR E 42 -18.07 11.79 27.74
C TYR E 42 -18.86 11.30 28.94
N ARG E 43 -20.03 10.74 28.68
CA ARG E 43 -21.04 10.56 29.71
C ARG E 43 -20.46 9.81 30.92
N PRO E 44 -20.72 10.29 32.14
CA PRO E 44 -20.13 9.66 33.34
C PRO E 44 -20.28 8.14 33.32
N GLY E 45 -19.28 7.48 33.90
CA GLY E 45 -19.04 6.08 33.69
C GLY E 45 -18.17 5.77 32.50
N THR E 46 -18.12 6.67 31.52
CA THR E 46 -17.16 6.49 30.44
C THR E 46 -15.76 6.34 30.99
N VAL E 47 -15.46 7.05 32.08
CA VAL E 47 -14.15 6.96 32.71
C VAL E 47 -13.85 5.52 33.10
N ALA E 48 -14.85 4.79 33.58
CA ALA E 48 -14.63 3.38 33.89
C ALA E 48 -14.23 2.59 32.65
N LEU E 49 -14.92 2.79 31.54
CA LEU E 49 -14.60 2.05 30.33
C LEU E 49 -13.21 2.40 29.82
N ARG E 50 -12.86 3.69 29.87
CA ARG E 50 -11.53 4.15 29.51
C ARG E 50 -10.46 3.52 30.38
N GLU E 51 -10.65 3.55 31.70
CA GLU E 51 -9.69 2.91 32.59
C GLU E 51 -9.55 1.43 32.28
N ILE E 52 -10.67 0.74 32.07
CA ILE E 52 -10.63 -0.68 31.76
C ILE E 52 -9.80 -0.94 30.51
N ARG E 53 -10.10 -0.22 29.44
CA ARG E 53 -9.39 -0.46 28.19
C ARG E 53 -7.93 -0.02 28.27
N ARG E 54 -7.64 1.01 29.04
CA ARG E 54 -6.26 1.42 29.27
C ARG E 54 -5.48 0.32 29.99
N TYR E 55 -5.98 -0.12 31.12
CA TYR E 55 -5.22 -1.07 31.93
C TYR E 55 -5.17 -2.45 31.30
N GLN E 56 -6.20 -2.86 30.56
CA GLN E 56 -6.06 -4.07 29.79
C GLN E 56 -5.06 -3.91 28.65
N LYS E 57 -5.02 -2.74 28.03
CA LYS E 57 -3.95 -2.47 27.08
C LYS E 57 -2.60 -2.47 27.79
N SER E 58 -2.52 -1.78 28.92
CA SER E 58 -1.29 -1.76 29.68
C SER E 58 -0.89 -3.15 30.15
N THR E 59 0.42 -3.36 30.28
CA THR E 59 0.98 -4.51 30.96
C THR E 59 1.67 -4.17 32.27
N GLU E 60 1.99 -2.89 32.48
CA GLU E 60 2.93 -2.50 33.52
C GLU E 60 2.36 -2.68 34.91
N LEU E 61 3.26 -2.63 35.89
CA LEU E 61 2.89 -2.74 37.29
C LEU E 61 1.96 -1.61 37.69
N LEU E 62 0.92 -1.96 38.43
CA LEU E 62 -0.13 -1.03 38.82
C LEU E 62 0.05 -0.47 40.22
N ILE E 63 0.98 -0.99 41.01
CA ILE E 63 1.09 -0.67 42.42
C ILE E 63 2.48 -0.13 42.72
N ARG E 64 2.56 0.76 43.69
CA ARG E 64 3.83 1.40 44.03
C ARG E 64 4.83 0.37 44.52
N LYS E 65 5.99 0.34 43.88
CA LYS E 65 6.93 -0.74 44.10
C LYS E 65 7.60 -0.67 45.47
N LEU E 66 8.04 0.51 45.89
CA LEU E 66 8.68 0.62 47.20
C LEU E 66 7.76 0.23 48.34
N PRO E 67 6.51 0.68 48.39
CA PRO E 67 5.59 0.15 49.40
C PRO E 67 5.46 -1.37 49.36
N PHE E 68 5.42 -1.94 48.17
CA PHE E 68 5.31 -3.39 48.06
C PHE E 68 6.54 -4.09 48.63
N GLN E 69 7.73 -3.66 48.23
CA GLN E 69 8.93 -4.32 48.72
C GLN E 69 9.08 -4.15 50.22
N ARG E 70 8.73 -2.96 50.72
CA ARG E 70 8.73 -2.71 52.15
C ARG E 70 7.80 -3.67 52.87
N LEU E 71 6.57 -3.81 52.37
CA LEU E 71 5.61 -4.70 53.00
C LEU E 71 6.10 -6.13 53.00
N VAL E 72 6.59 -6.61 51.87
CA VAL E 72 6.99 -8.01 51.81
C VAL E 72 8.14 -8.28 52.77
N ARG E 73 9.14 -7.41 52.81
CA ARG E 73 10.23 -7.67 53.76
C ARG E 73 9.77 -7.54 55.20
N GLU E 74 8.81 -6.66 55.47
CA GLU E 74 8.22 -6.61 56.80
C GLU E 74 7.53 -7.91 57.18
N ILE E 75 6.80 -8.52 56.24
CA ILE E 75 6.19 -9.82 56.51
C ILE E 75 7.27 -10.89 56.70
N ALA E 76 8.25 -10.91 55.81
CA ALA E 76 9.29 -11.93 55.89
C ALA E 76 10.01 -11.89 57.23
N GLN E 77 10.25 -10.69 57.74
CA GLN E 77 10.83 -10.54 59.07
C GLN E 77 10.04 -11.30 60.12
N ASP E 78 8.72 -11.36 59.96
CA ASP E 78 7.92 -12.15 60.90
C ASP E 78 8.24 -13.64 60.81
N PHE E 79 8.49 -14.16 59.61
CA PHE E 79 8.94 -15.55 59.53
C PHE E 79 10.38 -15.70 59.99
N LYS E 80 11.25 -14.79 59.55
CA LYS E 80 12.65 -14.87 59.91
C LYS E 80 13.29 -13.51 59.72
N THR E 81 14.10 -13.11 60.69
CA THR E 81 14.77 -11.83 60.66
C THR E 81 15.85 -11.78 59.58
N ASP E 82 16.19 -10.56 59.18
CA ASP E 82 17.44 -10.21 58.51
C ASP E 82 17.58 -10.74 57.10
N LEU E 83 16.51 -11.25 56.49
CA LEU E 83 16.64 -11.70 55.11
C LEU E 83 17.00 -10.54 54.20
N ARG E 84 18.00 -10.77 53.35
CA ARG E 84 18.23 -9.96 52.17
C ARG E 84 17.42 -10.51 51.00
N PHE E 85 17.19 -9.68 50.00
CA PHE E 85 16.41 -10.07 48.84
C PHE E 85 17.14 -9.76 47.55
N GLN E 86 17.13 -10.71 46.62
CA GLN E 86 17.28 -10.36 45.22
C GLN E 86 16.13 -9.46 44.81
N SER E 87 16.46 -8.35 44.16
CA SER E 87 15.43 -7.48 43.63
C SER E 87 14.52 -8.23 42.67
N SER E 88 15.11 -9.09 41.83
CA SER E 88 14.33 -9.90 40.93
C SER E 88 13.33 -10.78 41.67
N ALA E 89 13.68 -11.22 42.87
CA ALA E 89 12.73 -11.97 43.67
C ALA E 89 11.51 -11.12 43.99
N VAL E 90 11.76 -9.87 44.39
CA VAL E 90 10.65 -8.94 44.64
C VAL E 90 9.82 -8.76 43.39
N MET E 91 10.46 -8.64 42.23
CA MET E 91 9.71 -8.44 41.00
C MET E 91 8.86 -9.65 40.67
N ALA E 92 9.41 -10.84 40.84
CA ALA E 92 8.64 -12.06 40.61
C ALA E 92 7.43 -12.12 41.52
N LEU E 93 7.65 -11.85 42.80
CA LEU E 93 6.53 -11.86 43.73
C LEU E 93 5.49 -10.84 43.33
N GLN E 94 5.93 -9.67 42.91
CA GLN E 94 5.01 -8.62 42.49
C GLN E 94 4.13 -9.12 41.34
N GLU E 95 4.76 -9.69 40.33
CA GLU E 95 4.01 -10.20 39.17
C GLU E 95 3.01 -11.25 39.58
N ALA E 96 3.43 -12.20 40.43
CA ALA E 96 2.50 -13.23 40.86
C ALA E 96 1.34 -12.64 41.64
N SER E 97 1.62 -11.66 42.48
CA SER E 97 0.57 -11.08 43.32
C SER E 97 -0.47 -10.38 42.45
N GLU E 98 0.00 -9.55 41.53
CA GLU E 98 -0.92 -8.88 40.62
C GLU E 98 -1.75 -9.89 39.83
N ALA E 99 -1.10 -10.92 39.27
CA ALA E 99 -1.83 -11.88 38.47
C ALA E 99 -2.92 -12.58 39.27
N TYR E 100 -2.59 -12.99 40.50
CA TYR E 100 -3.55 -13.65 41.35
C TYR E 100 -4.72 -12.74 41.69
N LEU E 101 -4.41 -11.48 42.02
CA LEU E 101 -5.49 -10.55 42.36
C LEU E 101 -6.41 -10.32 41.17
N VAL E 102 -5.85 -10.09 39.99
CA VAL E 102 -6.72 -9.83 38.85
C VAL E 102 -7.58 -11.05 38.54
N ALA E 103 -7.03 -12.25 38.72
CA ALA E 103 -7.85 -13.44 38.54
C ALA E 103 -9.02 -13.43 39.51
N LEU E 104 -8.74 -13.16 40.78
CA LEU E 104 -9.80 -13.08 41.77
C LEU E 104 -10.84 -12.03 41.41
N PHE E 105 -10.39 -10.86 40.92
CA PHE E 105 -11.34 -9.82 40.55
C PHE E 105 -12.23 -10.25 39.40
N GLU E 106 -11.69 -10.99 38.44
CA GLU E 106 -12.53 -11.51 37.38
C GLU E 106 -13.57 -12.46 37.94
N ASP E 107 -13.15 -13.32 38.86
CA ASP E 107 -14.07 -14.27 39.47
C ASP E 107 -15.19 -13.55 40.21
N THR E 108 -14.84 -12.52 40.96
CA THR E 108 -15.85 -11.77 41.69
C THR E 108 -16.75 -10.96 40.78
N ASN E 109 -16.23 -10.46 39.65
CA ASN E 109 -17.12 -9.80 38.70
C ASN E 109 -18.14 -10.78 38.16
N LEU E 110 -17.70 -12.00 37.84
CA LEU E 110 -18.65 -13.01 37.38
C LEU E 110 -19.71 -13.29 38.43
N CYS E 111 -19.31 -13.40 39.70
CA CYS E 111 -20.29 -13.53 40.76
C CYS E 111 -21.25 -12.36 40.80
N ALA E 112 -20.72 -11.14 40.73
CA ALA E 112 -21.54 -9.94 40.85
C ALA E 112 -22.58 -9.88 39.74
N ILE E 113 -22.16 -10.16 38.51
CA ILE E 113 -23.14 -10.21 37.43
C ILE E 113 -24.14 -11.32 37.67
N HIS E 114 -23.71 -12.43 38.26
CA HIS E 114 -24.68 -13.46 38.59
C HIS E 114 -25.71 -12.96 39.60
N ALA E 115 -25.29 -12.13 40.53
CA ALA E 115 -26.27 -11.50 41.42
C ALA E 115 -27.09 -10.43 40.72
N LYS E 116 -26.87 -10.20 39.43
CA LYS E 116 -27.60 -9.18 38.68
C LYS E 116 -27.45 -7.82 39.33
N ARG E 117 -26.22 -7.49 39.71
CA ARG E 117 -25.88 -6.15 40.14
C ARG E 117 -24.47 -5.85 39.66
N VAL E 118 -24.19 -4.56 39.51
CA VAL E 118 -22.88 -4.15 38.99
C VAL E 118 -21.85 -3.90 40.06
N THR E 119 -22.27 -3.58 41.28
CA THR E 119 -21.32 -3.30 42.35
C THR E 119 -20.82 -4.61 42.93
N ILE E 120 -19.50 -4.80 42.93
CA ILE E 120 -18.91 -5.94 43.64
C ILE E 120 -18.99 -5.72 45.13
N MET E 121 -19.31 -6.79 45.86
CA MET E 121 -19.45 -6.72 47.30
C MET E 121 -18.55 -7.74 47.96
N PRO E 122 -18.05 -7.47 49.17
CA PRO E 122 -17.13 -8.42 49.81
C PRO E 122 -17.66 -9.83 49.86
N LYS E 123 -18.97 -9.99 50.11
CA LYS E 123 -19.55 -11.31 50.08
C LYS E 123 -19.30 -12.01 48.75
N ASP E 124 -19.16 -11.24 47.68
CA ASP E 124 -18.80 -11.83 46.40
C ASP E 124 -17.39 -12.40 46.44
N ILE E 125 -16.45 -11.66 47.02
CA ILE E 125 -15.11 -12.19 47.19
C ILE E 125 -15.15 -13.49 47.97
N GLN E 126 -15.86 -13.46 49.10
CA GLN E 126 -15.86 -14.62 49.98
C GLN E 126 -16.45 -15.83 49.28
N LEU E 127 -17.54 -15.64 48.54
CA LEU E 127 -18.09 -16.72 47.73
C LEU E 127 -17.06 -17.24 46.74
N ALA E 128 -16.47 -16.35 45.95
CA ALA E 128 -15.54 -16.79 44.93
C ALA E 128 -14.38 -17.58 45.54
N ARG E 129 -13.84 -17.09 46.64
CA ARG E 129 -12.78 -17.81 47.33
C ARG E 129 -13.24 -19.18 47.80
N ARG E 130 -14.45 -19.27 48.34
CA ARG E 130 -14.94 -20.58 48.77
C ARG E 130 -15.14 -21.53 47.60
N ILE E 131 -15.69 -21.04 46.49
CA ILE E 131 -15.85 -21.91 45.33
C ILE E 131 -14.50 -22.37 44.81
N ARG E 132 -13.50 -21.49 44.84
CA ARG E 132 -12.16 -21.92 44.53
C ARG E 132 -11.57 -22.81 45.62
N GLY E 133 -12.27 -23.01 46.73
CA GLY E 133 -11.82 -23.90 47.76
C GLY E 133 -10.75 -23.31 48.66
N GLU E 134 -10.55 -22.01 48.63
CA GLU E 134 -9.44 -21.39 49.35
C GLU E 134 -9.82 -21.12 50.79
N ASN F 26 3.72 -0.80 55.89
CA ASN F 26 2.71 -1.85 56.21
C ASN F 26 1.64 -1.93 55.13
N ILE F 27 0.68 -2.82 55.32
CA ILE F 27 -0.32 -3.08 54.30
C ILE F 27 -1.03 -1.80 53.87
N GLN F 28 -1.11 -0.81 54.75
CA GLN F 28 -1.74 0.43 54.35
C GLN F 28 -0.93 1.17 53.30
N GLY F 29 0.25 0.66 52.95
CA GLY F 29 0.94 1.12 51.76
C GLY F 29 0.18 0.84 50.47
N ILE F 30 -0.72 -0.13 50.49
CA ILE F 30 -1.50 -0.45 49.29
C ILE F 30 -2.62 0.58 49.17
N THR F 31 -2.54 1.43 48.16
CA THR F 31 -3.46 2.55 48.03
C THR F 31 -4.79 2.08 47.48
N LYS F 32 -5.85 2.74 47.91
CA LYS F 32 -7.16 2.55 47.31
C LYS F 32 -7.12 2.74 45.81
N PRO F 33 -6.54 3.82 45.28
CA PRO F 33 -6.38 3.95 43.83
C PRO F 33 -5.71 2.76 43.17
N ALA F 34 -4.67 2.19 43.79
CA ALA F 34 -4.04 1.02 43.19
C ALA F 34 -5.03 -0.14 43.09
N ILE F 35 -5.80 -0.37 44.15
CA ILE F 35 -6.81 -1.42 44.11
C ILE F 35 -7.83 -1.15 43.01
N ARG F 36 -8.24 0.11 42.85
CA ARG F 36 -9.10 0.46 41.74
C ARG F 36 -8.47 0.11 40.41
N ARG F 37 -7.21 0.45 40.23
CA ARG F 37 -6.53 0.11 38.99
C ARG F 37 -6.55 -1.39 38.75
N LEU F 38 -6.26 -2.18 39.77
CA LEU F 38 -6.30 -3.63 39.62
C LEU F 38 -7.67 -4.10 39.19
N ALA F 39 -8.69 -3.68 39.91
CA ALA F 39 -10.05 -4.10 39.59
C ALA F 39 -10.45 -3.65 38.19
N ARG F 40 -9.98 -2.48 37.77
CA ARG F 40 -10.25 -2.03 36.41
C ARG F 40 -9.60 -2.95 35.40
N ARG F 41 -8.35 -3.35 35.63
CA ARG F 41 -7.77 -4.35 34.73
C ARG F 41 -8.60 -5.62 34.79
N GLY F 42 -9.11 -5.97 35.97
CA GLY F 42 -10.04 -7.05 36.09
C GLY F 42 -11.40 -6.79 35.50
N GLY F 43 -11.61 -5.62 34.90
CA GLY F 43 -12.88 -5.34 34.28
C GLY F 43 -13.99 -4.97 35.24
N VAL F 44 -13.66 -4.71 36.51
CA VAL F 44 -14.69 -4.36 37.47
C VAL F 44 -15.27 -3.01 37.11
N LYS F 45 -16.59 -2.94 36.96
CA LYS F 45 -17.25 -1.71 36.60
C LYS F 45 -17.43 -0.78 37.81
N ARG F 46 -17.90 -1.33 38.94
CA ARG F 46 -18.26 -0.53 40.09
C ARG F 46 -17.81 -1.23 41.36
N ILE F 47 -17.21 -0.47 42.27
CA ILE F 47 -16.46 -1.04 43.38
C ILE F 47 -16.97 -0.45 44.70
N SER F 48 -17.43 -1.33 45.58
CA SER F 48 -17.90 -0.90 46.89
C SER F 48 -16.72 -0.55 47.81
N GLY F 49 -16.94 0.44 48.67
CA GLY F 49 -15.88 0.91 49.55
C GLY F 49 -15.32 -0.18 50.46
N LEU F 50 -16.13 -1.17 50.82
CA LEU F 50 -15.68 -2.24 51.70
C LEU F 50 -14.58 -3.09 51.10
N ILE F 51 -14.42 -3.06 49.78
CA ILE F 51 -13.59 -4.05 49.12
C ILE F 51 -12.12 -3.90 49.50
N TYR F 52 -11.66 -2.67 49.75
CA TYR F 52 -10.22 -2.42 49.86
C TYR F 52 -9.60 -3.17 51.03
N GLU F 53 -10.21 -3.08 52.20
CA GLU F 53 -9.72 -3.83 53.35
C GLU F 53 -9.82 -5.34 53.12
N GLU F 54 -10.86 -5.77 52.41
CA GLU F 54 -11.04 -7.19 52.14
C GLU F 54 -9.87 -7.72 51.31
N THR F 55 -9.52 -7.00 50.26
CA THR F 55 -8.43 -7.44 49.40
C THR F 55 -7.09 -7.27 50.09
N ARG F 56 -6.90 -6.22 50.89
CA ARG F 56 -5.70 -6.14 51.71
C ARG F 56 -5.53 -7.40 52.54
N GLY F 57 -6.61 -7.88 53.12
CA GLY F 57 -6.58 -9.15 53.85
C GLY F 57 -6.19 -10.35 53.01
N VAL F 58 -6.94 -10.56 51.92
CA VAL F 58 -6.68 -11.72 51.09
C VAL F 58 -5.24 -11.72 50.59
N LEU F 59 -4.76 -10.55 50.16
CA LEU F 59 -3.38 -10.44 49.70
C LEU F 59 -2.42 -10.78 50.82
N LYS F 60 -2.65 -10.23 52.01
CA LYS F 60 -1.76 -10.52 53.12
C LYS F 60 -1.65 -12.02 53.37
N VAL F 61 -2.78 -12.72 53.31
CA VAL F 61 -2.76 -14.18 53.45
C VAL F 61 -1.93 -14.83 52.35
N PHE F 62 -2.25 -14.51 51.10
CA PHE F 62 -1.54 -15.13 49.98
C PHE F 62 -0.03 -14.90 50.09
N LEU F 63 0.35 -13.68 50.42
CA LEU F 63 1.76 -13.36 50.56
C LEU F 63 2.39 -14.20 51.66
N GLU F 64 1.80 -14.20 52.84
CA GLU F 64 2.37 -14.99 53.92
C GLU F 64 2.56 -16.43 53.47
N ASN F 65 1.54 -16.98 52.81
CA ASN F 65 1.55 -18.36 52.39
C ASN F 65 2.64 -18.69 51.39
N VAL F 66 3.11 -17.71 50.64
CA VAL F 66 4.24 -17.98 49.75
C VAL F 66 5.57 -17.62 50.43
N ILE F 67 5.58 -16.54 51.18
CA ILE F 67 6.80 -16.06 51.83
C ILE F 67 7.36 -17.14 52.74
N ARG F 68 6.50 -17.74 53.56
CA ARG F 68 6.96 -18.79 54.46
C ARG F 68 7.71 -19.88 53.70
N ASP F 69 7.21 -20.25 52.54
CA ASP F 69 7.86 -21.29 51.75
C ASP F 69 9.20 -20.83 51.20
N ALA F 70 9.23 -19.61 50.65
CA ALA F 70 10.49 -19.10 50.15
C ALA F 70 11.55 -19.00 51.25
N VAL F 71 11.14 -18.55 52.43
CA VAL F 71 12.00 -18.58 53.59
C VAL F 71 12.48 -20.00 53.88
N THR F 72 11.57 -20.96 53.83
CA THR F 72 11.95 -22.33 54.14
C THR F 72 13.03 -22.83 53.19
N TYR F 73 12.83 -22.64 51.90
CA TYR F 73 13.89 -22.97 50.94
C TYR F 73 15.19 -22.25 51.28
N THR F 74 15.12 -20.96 51.57
CA THR F 74 16.34 -20.19 51.78
C THR F 74 17.12 -20.72 52.98
N GLU F 75 16.43 -20.97 54.09
CA GLU F 75 17.10 -21.51 55.26
C GLU F 75 17.63 -22.91 54.99
N HIS F 76 16.89 -23.73 54.26
CA HIS F 76 17.40 -25.04 53.92
C HIS F 76 18.66 -24.93 53.07
N ALA F 77 18.71 -23.94 52.19
CA ALA F 77 19.94 -23.68 51.45
C ALA F 77 21.04 -23.12 52.35
N LYS F 78 20.74 -22.84 53.61
CA LYS F 78 21.73 -22.34 54.56
C LYS F 78 22.41 -21.08 54.02
N ARG F 79 21.60 -20.14 53.54
CA ARG F 79 22.10 -18.86 53.09
C ARG F 79 21.13 -17.77 53.55
N LYS F 80 21.60 -16.54 53.53
CA LYS F 80 20.87 -15.43 54.11
C LYS F 80 20.08 -14.62 53.09
N THR F 81 20.25 -14.89 51.81
CA THR F 81 19.63 -14.09 50.75
C THR F 81 18.57 -14.92 50.05
N VAL F 82 17.37 -14.37 49.97
CA VAL F 82 16.30 -14.98 49.18
C VAL F 82 16.55 -14.71 47.71
N THR F 83 16.28 -15.72 46.88
CA THR F 83 16.48 -15.61 45.45
C THR F 83 15.16 -15.86 44.71
N ALA F 84 15.10 -15.34 43.49
CA ALA F 84 13.96 -15.61 42.62
C ALA F 84 13.75 -17.09 42.41
N MET F 85 14.81 -17.89 42.37
CA MET F 85 14.65 -19.33 42.24
C MET F 85 13.83 -19.90 43.38
N ASP F 86 14.11 -19.46 44.60
CA ASP F 86 13.33 -19.91 45.74
C ASP F 86 11.87 -19.51 45.59
N VAL F 87 11.62 -18.30 45.12
CA VAL F 87 10.25 -17.83 44.95
C VAL F 87 9.51 -18.69 43.94
N VAL F 88 10.10 -18.90 42.77
CA VAL F 88 9.43 -19.70 41.76
C VAL F 88 9.27 -21.14 42.21
N TYR F 89 10.21 -21.66 43.00
CA TYR F 89 10.02 -22.99 43.57
C TYR F 89 8.82 -23.03 44.49
N ALA F 90 8.68 -22.02 45.34
CA ALA F 90 7.53 -21.96 46.23
C ALA F 90 6.23 -21.88 45.43
N LEU F 91 6.20 -21.03 44.41
CA LEU F 91 5.02 -20.91 43.58
C LEU F 91 4.69 -22.23 42.89
N LYS F 92 5.71 -22.89 42.33
CA LYS F 92 5.49 -24.17 41.71
C LYS F 92 4.91 -25.17 42.71
N ARG F 93 5.41 -25.15 43.93
CA ARG F 93 4.84 -26.02 44.95
C ARG F 93 3.40 -25.66 45.24
N GLN F 94 3.06 -24.38 45.18
CA GLN F 94 1.66 -23.98 45.24
C GLN F 94 0.92 -24.23 43.94
N GLY F 95 1.58 -24.80 42.94
CA GLY F 95 0.91 -25.09 41.68
C GLY F 95 0.63 -23.88 40.83
N ARG F 96 1.39 -22.80 41.00
CA ARG F 96 1.39 -21.69 40.07
C ARG F 96 2.78 -21.56 39.49
N THR F 97 2.87 -21.54 38.17
CA THR F 97 4.15 -21.48 37.47
C THR F 97 4.36 -20.11 36.88
N LEU F 98 5.44 -19.46 37.27
CA LEU F 98 5.84 -18.16 36.73
C LEU F 98 7.06 -18.35 35.86
N TYR F 99 6.97 -17.95 34.60
CA TYR F 99 8.10 -18.02 33.69
C TYR F 99 8.93 -16.74 33.72
N GLY F 100 10.05 -16.80 33.01
CA GLY F 100 10.86 -15.66 32.66
C GLY F 100 11.96 -15.32 33.65
N PHE F 101 11.77 -15.66 34.93
CA PHE F 101 12.83 -15.45 35.89
C PHE F 101 13.85 -16.57 35.88
N GLY F 102 13.51 -17.72 35.30
CA GLY F 102 14.47 -18.79 35.09
C GLY F 102 13.79 -20.09 34.71
N LYS G 16 18.38 -55.29 67.55
CA LYS G 16 19.00 -55.62 66.24
C LYS G 16 18.28 -54.92 65.08
N THR G 17 16.99 -55.22 64.89
CA THR G 17 16.25 -54.52 63.85
C THR G 17 16.19 -53.03 64.12
N ARG G 18 16.32 -52.26 63.05
CA ARG G 18 16.46 -50.81 63.18
C ARG G 18 15.20 -50.18 63.79
N SER G 19 14.03 -50.74 63.49
CA SER G 19 12.80 -50.24 64.07
C SER G 19 12.86 -50.26 65.59
N SER G 20 13.27 -51.39 66.16
CA SER G 20 13.36 -51.48 67.60
C SER G 20 14.54 -50.69 68.15
N ARG G 21 15.61 -50.55 67.39
CA ARG G 21 16.67 -49.63 67.82
C ARG G 21 16.14 -48.22 67.96
N ALA G 22 15.28 -47.78 67.04
CA ALA G 22 14.65 -46.48 67.15
C ALA G 22 13.48 -46.48 68.11
N GLY G 23 12.89 -47.64 68.38
CA GLY G 23 11.65 -47.69 69.14
C GLY G 23 10.42 -47.41 68.33
N LEU G 24 10.46 -47.60 67.01
CA LEU G 24 9.31 -47.39 66.16
C LEU G 24 8.59 -48.70 65.93
N GLN G 25 7.36 -48.59 65.44
CA GLN G 25 6.63 -49.74 64.94
C GLN G 25 6.77 -49.92 63.44
N PHE G 26 6.98 -48.84 62.70
CA PHE G 26 7.04 -48.91 61.27
C PHE G 26 8.29 -49.64 60.77
N PRO G 27 8.22 -50.27 59.59
CA PRO G 27 9.31 -51.11 59.12
C PRO G 27 10.43 -50.30 58.47
N VAL G 28 11.37 -49.84 59.30
CA VAL G 28 12.47 -49.01 58.80
C VAL G 28 13.15 -49.64 57.60
N GLY G 29 13.42 -50.94 57.67
CA GLY G 29 14.11 -51.60 56.58
C GLY G 29 13.37 -51.47 55.27
N ARG G 30 12.05 -51.70 55.30
CA ARG G 30 11.26 -51.63 54.08
C ARG G 30 11.26 -50.23 53.48
N VAL G 31 11.07 -49.21 54.30
CA VAL G 31 11.08 -47.85 53.77
C VAL G 31 12.45 -47.49 53.22
N HIS G 32 13.52 -47.93 53.86
CA HIS G 32 14.84 -47.66 53.32
C HIS G 32 15.03 -48.34 51.97
N ARG G 33 14.59 -49.58 51.86
CA ARG G 33 14.62 -50.29 50.59
C ARG G 33 13.84 -49.53 49.54
N LEU G 34 12.63 -49.13 49.85
CA LEU G 34 11.81 -48.44 48.87
C LEU G 34 12.44 -47.13 48.44
N LEU G 35 13.03 -46.39 49.39
CA LEU G 35 13.65 -45.12 49.06
C LEU G 35 14.80 -45.30 48.08
N ARG G 36 15.67 -46.28 48.33
CA ARG G 36 16.71 -46.56 47.34
C ARG G 36 16.10 -47.04 46.02
N LYS G 37 15.15 -47.96 46.12
CA LYS G 37 14.50 -48.54 44.94
C LYS G 37 13.72 -47.50 44.14
N GLY G 38 13.27 -46.43 44.77
CA GLY G 38 12.42 -45.47 44.10
C GLY G 38 13.13 -44.40 43.31
N ASN G 39 14.45 -44.51 43.14
CA ASN G 39 15.26 -43.57 42.38
C ASN G 39 15.21 -42.14 42.91
N TYR G 40 14.64 -41.92 44.09
CA TYR G 40 14.45 -40.55 44.54
C TYR G 40 15.77 -39.83 44.68
N ALA G 41 16.84 -40.56 45.01
CA ALA G 41 18.20 -40.10 44.77
C ALA G 41 19.11 -41.31 44.75
N GLU G 42 20.33 -41.08 44.29
CA GLU G 42 21.32 -42.16 44.27
C GLU G 42 21.78 -42.55 45.67
N ARG G 43 21.70 -41.66 46.64
CA ARG G 43 22.19 -41.94 47.98
C ARG G 43 21.14 -41.60 49.01
N VAL G 44 21.12 -42.38 50.09
CA VAL G 44 20.12 -42.24 51.14
C VAL G 44 20.79 -42.38 52.50
N GLY G 45 21.03 -41.25 53.17
CA GLY G 45 21.59 -41.30 54.52
C GLY G 45 20.63 -41.97 55.49
N ALA G 46 21.18 -42.82 56.35
CA ALA G 46 20.35 -43.71 57.16
C ALA G 46 19.41 -42.96 58.10
N GLY G 47 19.68 -41.69 58.39
CA GLY G 47 18.75 -40.93 59.22
C GLY G 47 17.44 -40.65 58.53
N ALA G 48 17.46 -40.53 57.20
CA ALA G 48 16.23 -40.23 56.48
C ALA G 48 15.18 -41.31 56.73
N PRO G 49 15.45 -42.59 56.50
CA PRO G 49 14.37 -43.56 56.58
C PRO G 49 13.74 -43.62 57.97
N VAL G 50 14.56 -43.52 59.01
CA VAL G 50 14.01 -43.53 60.36
C VAL G 50 13.18 -42.29 60.64
N TYR G 51 13.65 -41.13 60.20
CA TYR G 51 12.89 -39.92 60.44
C TYR G 51 11.54 -39.97 59.73
N LEU G 52 11.56 -40.39 58.46
CA LEU G 52 10.33 -40.56 57.71
C LEU G 52 9.39 -41.56 58.39
N ALA G 53 9.94 -42.69 58.83
CA ALA G 53 9.09 -43.68 59.50
C ALA G 53 8.45 -43.09 60.73
N ALA G 54 9.21 -42.34 61.52
CA ALA G 54 8.67 -41.73 62.72
C ALA G 54 7.51 -40.79 62.39
N VAL G 55 7.68 -39.96 61.36
CA VAL G 55 6.61 -39.01 61.05
C VAL G 55 5.39 -39.72 60.48
N LEU G 56 5.59 -40.77 59.69
CA LEU G 56 4.45 -41.53 59.20
C LEU G 56 3.70 -42.18 60.35
N GLU G 57 4.42 -42.80 61.26
CA GLU G 57 3.79 -43.42 62.43
C GLU G 57 2.98 -42.40 63.22
N TYR G 58 3.57 -41.23 63.49
CA TYR G 58 2.83 -40.18 64.18
C TYR G 58 1.56 -39.79 63.44
N LEU G 59 1.66 -39.57 62.13
CA LEU G 59 0.48 -39.20 61.35
C LEU G 59 -0.61 -40.25 61.47
N THR G 60 -0.23 -41.51 61.33
CA THR G 60 -1.21 -42.57 61.43
C THR G 60 -1.82 -42.64 62.81
N ALA G 61 -1.02 -42.42 63.85
CA ALA G 61 -1.56 -42.40 65.20
C ALA G 61 -2.61 -41.31 65.36
N GLU G 62 -2.33 -40.12 64.82
CA GLU G 62 -3.28 -39.02 64.94
C GLU G 62 -4.60 -39.34 64.25
N ILE G 63 -4.52 -39.78 63.00
CA ILE G 63 -5.75 -40.05 62.26
C ILE G 63 -6.50 -41.23 62.88
N LEU G 64 -5.78 -42.26 63.31
CA LEU G 64 -6.42 -43.41 63.93
C LEU G 64 -7.12 -43.02 65.21
N GLU G 65 -6.51 -42.12 65.99
CA GLU G 65 -7.16 -41.65 67.21
C GLU G 65 -8.47 -40.96 66.90
N LEU G 66 -8.45 -40.06 65.92
CA LEU G 66 -9.69 -39.36 65.59
C LEU G 66 -10.76 -40.32 65.07
N ALA G 67 -10.37 -41.25 64.21
CA ALA G 67 -11.34 -42.22 63.72
C ALA G 67 -11.89 -43.08 64.85
N GLY G 68 -11.02 -43.51 65.76
CA GLY G 68 -11.48 -44.29 66.91
C GLY G 68 -12.51 -43.54 67.73
N ASN G 69 -12.28 -42.27 67.97
CA ASN G 69 -13.26 -41.46 68.68
C ASN G 69 -14.57 -41.37 67.92
N ALA G 70 -14.51 -41.16 66.61
CA ALA G 70 -15.74 -41.13 65.82
C ALA G 70 -16.49 -42.45 65.88
N ALA G 71 -15.77 -43.57 65.81
CA ALA G 71 -16.41 -44.89 65.89
C ALA G 71 -17.04 -45.12 67.25
N ARG G 72 -16.35 -44.71 68.32
CA ARG G 72 -16.91 -44.84 69.65
C ARG G 72 -18.19 -44.03 69.78
N ASP G 73 -18.22 -42.83 69.22
CA ASP G 73 -19.47 -42.07 69.19
C ASP G 73 -20.57 -42.84 68.45
N ASN G 74 -20.22 -43.65 67.48
CA ASN G 74 -21.19 -44.53 66.83
C ASN G 74 -21.36 -45.85 67.57
N LYS G 75 -20.68 -46.02 68.69
CA LYS G 75 -20.75 -47.26 69.46
C LYS G 75 -20.41 -48.48 68.61
N LYS G 76 -19.38 -48.36 67.80
CA LYS G 76 -18.80 -49.50 67.09
C LYS G 76 -17.34 -49.62 67.50
N THR G 77 -16.85 -50.85 67.61
CA THR G 77 -15.42 -51.02 67.84
C THR G 77 -14.61 -51.21 66.56
N ARG G 78 -15.20 -51.77 65.52
CA ARG G 78 -14.58 -51.75 64.21
C ARG G 78 -14.75 -50.37 63.58
N ILE G 79 -13.63 -49.71 63.28
CA ILE G 79 -13.67 -48.50 62.48
C ILE G 79 -14.13 -48.83 61.06
N ILE G 80 -14.89 -47.91 60.47
CA ILE G 80 -15.28 -48.07 59.07
C ILE G 80 -15.04 -46.77 58.33
N PRO G 81 -14.96 -46.83 56.99
CA PRO G 81 -14.60 -45.64 56.21
C PRO G 81 -15.40 -44.40 56.54
N ARG G 82 -16.69 -44.55 56.82
CA ARG G 82 -17.50 -43.43 57.28
C ARG G 82 -16.81 -42.68 58.40
N HIS G 83 -16.29 -43.42 59.39
CA HIS G 83 -15.63 -42.78 60.50
C HIS G 83 -14.38 -42.04 60.05
N LEU G 84 -13.67 -42.59 59.07
CA LEU G 84 -12.49 -41.93 58.56
C LEU G 84 -12.85 -40.59 57.92
N GLN G 85 -13.90 -40.59 57.11
CA GLN G 85 -14.36 -39.34 56.50
C GLN G 85 -14.74 -38.33 57.56
N LEU G 86 -15.50 -38.78 58.55
CA LEU G 86 -15.90 -37.87 59.63
C LEU G 86 -14.69 -37.27 60.32
N ALA G 87 -13.72 -38.10 60.68
CA ALA G 87 -12.52 -37.60 61.34
C ALA G 87 -11.78 -36.60 60.46
N VAL G 88 -11.45 -37.01 59.23
CA VAL G 88 -10.56 -36.20 58.41
C VAL G 88 -11.23 -34.90 57.97
N ARG G 89 -12.54 -34.87 57.89
CA ARG G 89 -13.23 -33.63 57.55
C ARG G 89 -13.56 -32.80 58.78
N ASN G 90 -13.54 -33.39 59.97
CA ASN G 90 -13.69 -32.62 61.18
C ASN G 90 -12.43 -31.83 61.51
N ASP G 91 -11.26 -32.46 61.42
CA ASP G 91 -10.01 -31.73 61.62
C ASP G 91 -9.69 -30.85 60.42
N GLU G 92 -9.68 -29.55 60.65
CA GLU G 92 -9.28 -28.59 59.62
C GLU G 92 -7.87 -28.86 59.12
N GLU G 93 -6.97 -29.31 60.00
CA GLU G 93 -5.59 -29.54 59.58
C GLU G 93 -5.48 -30.72 58.62
N LEU G 94 -5.97 -31.88 59.02
CA LEU G 94 -5.93 -33.03 58.14
C LEU G 94 -6.79 -32.81 56.91
N ASN G 95 -7.94 -32.14 57.07
CA ASN G 95 -8.75 -31.82 55.92
C ASN G 95 -7.97 -30.97 54.92
N LYS G 96 -7.27 -29.95 55.42
CA LYS G 96 -6.45 -29.11 54.56
C LYS G 96 -5.33 -29.92 53.92
N LEU G 97 -4.80 -30.90 54.64
CA LEU G 97 -3.81 -31.79 54.03
C LEU G 97 -4.45 -32.71 53.00
N LEU G 98 -5.71 -33.07 53.19
CA LEU G 98 -6.41 -33.96 52.28
C LEU G 98 -7.48 -33.24 51.47
N GLY G 99 -7.23 -31.99 51.12
CA GLY G 99 -8.19 -31.20 50.38
C GLY G 99 -8.36 -31.62 48.94
N ARG G 100 -7.66 -32.66 48.50
CA ARG G 100 -7.77 -33.16 47.13
C ARG G 100 -7.99 -34.67 47.09
N VAL G 101 -8.47 -35.24 48.19
CA VAL G 101 -8.52 -36.68 48.36
C VAL G 101 -9.97 -37.08 48.57
N THR G 102 -10.35 -38.24 48.05
CA THR G 102 -11.68 -38.78 48.21
C THR G 102 -11.61 -40.11 48.93
N ILE G 103 -12.58 -40.36 49.81
CA ILE G 103 -12.68 -41.60 50.55
C ILE G 103 -13.82 -42.41 49.97
N ALA G 104 -13.49 -43.59 49.46
CA ALA G 104 -14.52 -44.49 48.96
C ALA G 104 -15.51 -44.81 50.06
N GLN G 105 -16.80 -44.71 49.73
CA GLN G 105 -17.86 -44.91 50.71
C GLN G 105 -17.76 -43.95 51.89
N GLY G 106 -17.03 -42.86 51.75
CA GLY G 106 -16.81 -41.97 52.88
C GLY G 106 -18.05 -41.21 53.29
N GLY G 107 -18.96 -40.98 52.34
CA GLY G 107 -20.09 -40.10 52.58
C GLY G 107 -19.66 -38.65 52.75
N VAL G 108 -20.51 -37.88 53.44
CA VAL G 108 -20.30 -36.46 53.62
C VAL G 108 -20.66 -36.07 55.05
N LEU G 109 -20.07 -34.96 55.50
CA LEU G 109 -20.39 -34.44 56.82
C LEU G 109 -21.83 -33.96 56.84
N PRO G 110 -22.67 -34.47 57.75
CA PRO G 110 -24.03 -33.94 57.85
C PRO G 110 -24.02 -32.44 58.14
N ASN G 111 -24.92 -31.73 57.46
CA ASN G 111 -25.07 -30.31 57.69
C ASN G 111 -26.41 -29.81 57.17
N LYS H 32 3.10 -60.47 48.52
CA LYS H 32 2.62 -59.09 48.23
C LYS H 32 2.81 -58.21 49.46
N GLU H 33 2.92 -56.90 49.26
CA GLU H 33 3.44 -55.98 50.25
C GLU H 33 2.33 -55.07 50.78
N SER H 34 2.16 -55.05 52.09
CA SER H 34 1.12 -54.27 52.73
C SER H 34 1.62 -53.78 54.08
N TYR H 35 0.97 -52.74 54.58
CA TYR H 35 1.32 -52.13 55.86
C TYR H 35 0.46 -52.63 57.01
N ALA H 36 -0.45 -53.56 56.73
CA ALA H 36 -1.56 -53.81 57.63
C ALA H 36 -1.09 -54.13 59.05
N ILE H 37 -0.03 -54.93 59.18
CA ILE H 37 0.41 -55.31 60.52
C ILE H 37 0.85 -54.10 61.31
N TYR H 38 1.59 -53.19 60.69
CA TYR H 38 2.08 -52.02 61.41
C TYR H 38 0.93 -51.10 61.79
N VAL H 39 0.00 -50.90 60.86
CA VAL H 39 -1.22 -50.16 61.17
C VAL H 39 -1.91 -50.77 62.38
N TYR H 40 -2.04 -52.10 62.38
CA TYR H 40 -2.71 -52.77 63.48
C TYR H 40 -1.96 -52.59 64.79
N LYS H 41 -0.63 -52.63 64.75
CA LYS H 41 0.14 -52.33 65.95
C LYS H 41 -0.20 -50.95 66.47
N VAL H 42 -0.14 -49.95 65.61
CA VAL H 42 -0.43 -48.58 66.05
C VAL H 42 -1.85 -48.48 66.59
N LEU H 43 -2.79 -49.06 65.86
CA LEU H 43 -4.19 -49.05 66.30
C LEU H 43 -4.33 -49.60 67.69
N LYS H 44 -3.84 -50.81 67.94
CA LYS H 44 -3.99 -51.38 69.28
C LYS H 44 -3.06 -50.76 70.31
N GLN H 45 -2.13 -49.91 69.90
CA GLN H 45 -1.47 -49.07 70.89
C GLN H 45 -2.36 -47.91 71.32
N VAL H 46 -2.96 -47.20 70.36
CA VAL H 46 -3.78 -46.05 70.72
C VAL H 46 -5.18 -46.42 71.18
N HIS H 47 -5.65 -47.61 70.82
CA HIS H 47 -7.00 -48.05 71.14
C HIS H 47 -7.00 -49.57 71.15
N PRO H 48 -6.52 -50.18 72.24
CA PRO H 48 -6.53 -51.64 72.32
C PRO H 48 -7.94 -52.20 72.26
N ASP H 49 -8.94 -51.38 72.51
CA ASP H 49 -10.33 -51.81 72.51
C ASP H 49 -10.93 -51.94 71.12
N THR H 50 -10.46 -51.18 70.15
CA THR H 50 -11.13 -51.12 68.85
C THR H 50 -10.65 -52.22 67.91
N GLY H 51 -11.39 -52.36 66.80
CA GLY H 51 -10.97 -53.07 65.62
C GLY H 51 -11.12 -52.19 64.40
N ILE H 52 -10.92 -52.72 63.19
CA ILE H 52 -10.96 -51.88 61.99
C ILE H 52 -11.40 -52.68 60.78
N SER H 53 -12.25 -52.05 59.97
CA SER H 53 -12.67 -52.60 58.70
C SER H 53 -11.48 -52.92 57.80
N SER H 54 -11.53 -54.10 57.19
CA SER H 54 -10.62 -54.43 56.09
C SER H 54 -10.58 -53.31 55.06
N LYS H 55 -11.74 -52.75 54.73
CA LYS H 55 -11.76 -51.62 53.80
C LYS H 55 -11.03 -50.43 54.39
N ALA H 56 -11.26 -50.14 55.67
CA ALA H 56 -10.52 -49.05 56.30
C ALA H 56 -9.01 -49.32 56.27
N MET H 57 -8.61 -50.57 56.43
CA MET H 57 -7.21 -50.91 56.24
C MET H 57 -6.72 -50.59 54.83
N SER H 58 -7.50 -50.91 53.82
CA SER H 58 -7.12 -50.51 52.46
C SER H 58 -7.00 -49.00 52.33
N ILE H 59 -7.93 -48.28 52.94
CA ILE H 59 -7.85 -46.82 52.95
C ILE H 59 -6.54 -46.36 53.57
N MET H 60 -6.21 -46.88 54.74
CA MET H 60 -4.99 -46.45 55.42
C MET H 60 -3.76 -46.79 54.59
N ASN H 61 -3.74 -47.96 53.96
CA ASN H 61 -2.59 -48.33 53.14
C ASN H 61 -2.43 -47.39 51.95
N SER H 62 -3.54 -47.05 51.29
CA SER H 62 -3.46 -46.05 50.24
C SER H 62 -2.94 -44.74 50.80
N PHE H 63 -3.49 -44.29 51.91
CA PHE H 63 -3.12 -43.00 52.46
C PHE H 63 -1.63 -42.94 52.73
N VAL H 64 -1.12 -43.93 53.46
CA VAL H 64 0.27 -43.91 53.86
C VAL H 64 1.17 -43.96 52.64
N ASN H 65 0.75 -44.71 51.62
CA ASN H 65 1.53 -44.71 50.38
C ASN H 65 1.54 -43.33 49.75
N ASP H 66 0.40 -42.65 49.78
CA ASP H 66 0.31 -41.32 49.17
C ASP H 66 1.24 -40.34 49.85
N VAL H 67 1.17 -40.27 51.17
CA VAL H 67 2.00 -39.33 51.92
C VAL H 67 3.46 -39.66 51.71
N PHE H 68 3.81 -40.94 51.72
CA PHE H 68 5.18 -41.32 51.45
C PHE H 68 5.65 -40.83 50.08
N GLU H 69 4.85 -41.09 49.05
CA GLU H 69 5.19 -40.62 47.72
C GLU H 69 5.43 -39.12 47.70
N ARG H 70 4.52 -38.37 48.33
CA ARG H 70 4.63 -36.92 48.32
C ARG H 70 5.93 -36.46 48.98
N ILE H 71 6.17 -36.97 50.18
CA ILE H 71 7.38 -36.60 50.91
C ILE H 71 8.62 -36.90 50.08
N ALA H 72 8.68 -38.11 49.50
CA ALA H 72 9.84 -38.47 48.71
C ALA H 72 10.01 -37.57 47.50
N GLY H 73 8.90 -37.21 46.85
CA GLY H 73 8.98 -36.27 45.74
C GLY H 73 9.58 -34.94 46.16
N GLU H 74 9.14 -34.43 47.30
CA GLU H 74 9.70 -33.18 47.79
C GLU H 74 11.18 -33.32 48.11
N ALA H 75 11.55 -34.38 48.81
CA ALA H 75 12.96 -34.59 49.12
C ALA H 75 13.80 -34.65 47.85
N SER H 76 13.29 -35.31 46.80
CA SER H 76 14.00 -35.36 45.54
C SER H 76 14.17 -33.97 44.93
N ARG H 77 13.09 -33.19 44.89
CA ARG H 77 13.22 -31.83 44.40
C ARG H 77 14.28 -31.06 45.16
N LEU H 78 14.24 -31.15 46.48
CA LEU H 78 15.19 -30.40 47.29
C LEU H 78 16.62 -30.83 47.02
N ALA H 79 16.87 -32.15 47.01
CA ALA H 79 18.22 -32.64 46.78
C ALA H 79 18.75 -32.18 45.44
N HIS H 80 17.95 -32.32 44.38
CA HIS H 80 18.40 -31.85 43.08
C HIS H 80 18.62 -30.34 43.07
N TYR H 81 17.70 -29.60 43.69
CA TYR H 81 17.82 -28.15 43.74
C TYR H 81 19.11 -27.72 44.45
N ASN H 82 19.45 -28.38 45.54
CA ASN H 82 20.72 -28.09 46.20
C ASN H 82 21.90 -28.80 45.56
N LYS H 83 21.70 -29.44 44.41
CA LYS H 83 22.78 -30.11 43.71
C LYS H 83 23.43 -31.20 44.55
N ARG H 84 22.74 -31.75 45.54
CA ARG H 84 23.33 -32.76 46.38
C ARG H 84 23.17 -34.13 45.77
N SER H 85 24.08 -35.04 46.13
CA SER H 85 23.97 -36.41 45.70
C SER H 85 22.97 -37.21 46.52
N THR H 86 22.79 -36.86 47.79
CA THR H 86 22.17 -37.76 48.75
C THR H 86 21.01 -37.06 49.45
N ILE H 87 19.96 -37.83 49.74
CA ILE H 87 19.00 -37.44 50.77
C ILE H 87 19.64 -37.55 52.15
N THR H 88 19.22 -36.70 53.07
CA THR H 88 19.41 -36.99 54.48
C THR H 88 18.30 -36.37 55.31
N SER H 89 18.45 -36.49 56.63
CA SER H 89 17.45 -36.02 57.59
C SER H 89 17.08 -34.56 57.38
N ARG H 90 18.06 -33.71 57.07
CA ARG H 90 17.76 -32.30 56.83
C ARG H 90 16.69 -32.14 55.75
N GLU H 91 16.86 -32.86 54.65
CA GLU H 91 15.91 -32.75 53.55
C GLU H 91 14.53 -33.24 53.96
N ILE H 92 14.47 -34.34 54.70
CA ILE H 92 13.18 -34.83 55.17
C ILE H 92 12.51 -33.80 56.07
N GLN H 93 13.30 -33.24 56.99
CA GLN H 93 12.77 -32.25 57.91
C GLN H 93 12.19 -31.06 57.18
N THR H 94 12.93 -30.52 56.22
CA THR H 94 12.42 -29.36 55.50
C THR H 94 11.24 -29.72 54.61
N ALA H 95 11.27 -30.89 53.99
CA ALA H 95 10.14 -31.32 53.19
C ALA H 95 8.89 -31.45 54.04
N VAL H 96 9.03 -31.95 55.26
CA VAL H 96 7.92 -32.00 56.19
C VAL H 96 7.42 -30.60 56.49
N ARG H 97 8.33 -29.69 56.83
CA ARG H 97 7.90 -28.32 57.10
C ARG H 97 7.13 -27.73 55.92
N LEU H 98 7.46 -28.14 54.70
CA LEU H 98 6.69 -27.68 53.56
C LEU H 98 5.34 -28.36 53.47
N LEU H 99 5.31 -29.69 53.52
CA LEU H 99 4.07 -30.41 53.22
C LEU H 99 3.04 -30.26 54.33
N LEU H 100 3.46 -30.18 55.56
CA LEU H 100 2.48 -30.31 56.63
C LEU H 100 1.78 -28.99 56.93
N PRO H 101 0.51 -29.06 57.36
CA PRO H 101 -0.08 -27.94 58.08
C PRO H 101 0.82 -27.49 59.23
N GLY H 102 0.79 -26.19 59.50
CA GLY H 102 1.81 -25.60 60.35
C GLY H 102 1.86 -26.18 61.75
N GLU H 103 0.71 -26.45 62.35
CA GLU H 103 0.73 -27.03 63.68
C GLU H 103 1.18 -28.48 63.62
N LEU H 104 0.56 -29.27 62.75
CA LEU H 104 0.85 -30.69 62.71
C LEU H 104 2.33 -30.91 62.42
N ALA H 105 2.91 -30.02 61.60
CA ALA H 105 4.32 -30.10 61.27
C ALA H 105 5.17 -30.12 62.54
N LYS H 106 4.89 -29.22 63.49
CA LYS H 106 5.80 -29.09 64.61
C LYS H 106 5.87 -30.36 65.43
N HIS H 107 4.71 -30.96 65.69
CA HIS H 107 4.67 -32.24 66.37
C HIS H 107 5.40 -33.32 65.59
N ALA H 108 5.09 -33.45 64.30
CA ALA H 108 5.76 -34.47 63.50
C ALA H 108 7.28 -34.30 63.52
N VAL H 109 7.74 -33.06 63.32
CA VAL H 109 9.17 -32.77 63.37
C VAL H 109 9.77 -33.15 64.71
N SER H 110 9.04 -32.89 65.78
CA SER H 110 9.50 -33.33 67.10
C SER H 110 9.63 -34.84 67.16
N GLU H 111 8.63 -35.56 66.64
CA GLU H 111 8.70 -37.02 66.64
C GLU H 111 9.90 -37.53 65.86
N GLY H 112 10.11 -36.99 64.66
CA GLY H 112 11.27 -37.39 63.88
C GLY H 112 12.59 -37.11 64.57
N THR H 113 12.72 -35.92 65.16
CA THR H 113 13.93 -35.60 65.89
C THR H 113 14.16 -36.59 67.02
N LYS H 114 13.13 -36.87 67.81
CA LYS H 114 13.26 -37.84 68.88
C LYS H 114 13.70 -39.19 68.35
N ALA H 115 13.01 -39.67 67.31
CA ALA H 115 13.29 -41.00 66.79
C ALA H 115 14.72 -41.11 66.32
N VAL H 116 15.19 -40.15 65.52
CA VAL H 116 16.57 -40.20 65.06
C VAL H 116 17.55 -40.08 66.22
N THR H 117 17.23 -39.24 67.20
CA THR H 117 18.11 -39.09 68.34
C THR H 117 18.28 -40.40 69.08
N LYS H 118 17.18 -41.11 69.32
CA LYS H 118 17.26 -42.42 69.93
C LYS H 118 18.05 -43.39 69.06
N TYR H 119 17.72 -43.44 67.76
CA TYR H 119 18.35 -44.42 66.89
C TYR H 119 19.86 -44.27 66.89
N THR H 120 20.33 -43.03 66.77
CA THR H 120 21.77 -42.81 66.74
C THR H 120 22.40 -42.98 68.11
N SER H 121 21.70 -42.56 69.17
CA SER H 121 22.23 -42.75 70.51
C SER H 121 22.29 -44.23 70.85
N ALA H 122 21.25 -44.98 70.51
CA ALA H 122 21.23 -46.42 70.72
C ALA H 122 22.11 -47.13 69.69
N LEU K 62 -3.31 23.57 -18.78
CA LEU K 62 -4.31 24.35 -19.57
C LEU K 62 -4.51 23.71 -20.94
N ILE K 63 -3.40 23.30 -21.54
CA ILE K 63 -3.40 22.70 -22.87
C ILE K 63 -3.33 21.19 -22.69
N ARG K 64 -3.82 20.46 -23.68
CA ARG K 64 -4.28 19.10 -23.47
C ARG K 64 -3.18 18.14 -23.89
N LYS K 65 -2.73 17.34 -22.91
CA LYS K 65 -1.52 16.55 -23.07
C LYS K 65 -1.59 15.62 -24.28
N LEU K 66 -2.73 14.96 -24.48
CA LEU K 66 -2.83 14.01 -25.58
C LEU K 66 -2.67 14.65 -26.95
N PRO K 67 -3.49 15.64 -27.33
CA PRO K 67 -3.21 16.36 -28.58
C PRO K 67 -1.81 16.92 -28.64
N PHE K 68 -1.35 17.55 -27.56
CA PHE K 68 -0.07 18.22 -27.57
C PHE K 68 1.05 17.24 -27.88
N GLN K 69 1.04 16.10 -27.18
CA GLN K 69 2.09 15.11 -27.37
C GLN K 69 1.99 14.44 -28.73
N ARG K 70 0.78 14.28 -29.26
CA ARG K 70 0.68 13.75 -30.62
C ARG K 70 1.28 14.70 -31.65
N LEU K 71 1.04 15.99 -31.49
CA LEU K 71 1.74 16.99 -32.31
C LEU K 71 3.26 16.88 -32.15
N VAL K 72 3.72 16.81 -30.90
CA VAL K 72 5.15 16.72 -30.62
C VAL K 72 5.75 15.51 -31.33
N ARG K 73 5.13 14.35 -31.17
CA ARG K 73 5.63 13.16 -31.82
C ARG K 73 5.61 13.29 -33.33
N GLU K 74 4.60 13.96 -33.88
CA GLU K 74 4.59 14.17 -35.32
C GLU K 74 5.82 14.95 -35.78
N ILE K 75 6.11 16.04 -35.09
CA ILE K 75 7.26 16.85 -35.50
C ILE K 75 8.55 16.08 -35.29
N ALA K 76 8.68 15.38 -34.17
CA ALA K 76 9.87 14.57 -33.96
C ALA K 76 10.01 13.54 -35.07
N GLN K 77 8.90 12.91 -35.45
CA GLN K 77 8.89 11.93 -36.52
C GLN K 77 9.42 12.52 -37.80
N ASP K 78 9.19 13.81 -38.02
CA ASP K 78 9.79 14.45 -39.18
C ASP K 78 11.32 14.46 -39.12
N PHE K 79 11.92 14.79 -37.98
CA PHE K 79 13.38 14.80 -37.92
C PHE K 79 13.98 13.40 -37.86
N LYS K 80 13.60 12.61 -36.85
CA LYS K 80 14.18 11.28 -36.67
C LYS K 80 13.48 10.22 -37.51
N THR K 81 12.16 10.26 -37.57
CA THR K 81 11.32 9.17 -38.08
C THR K 81 11.19 7.96 -37.14
N ASP K 82 11.92 7.91 -36.03
CA ASP K 82 11.59 6.93 -35.00
C ASP K 82 12.10 7.40 -33.65
N LEU K 83 11.21 7.53 -32.67
CA LEU K 83 11.52 8.14 -31.39
C LEU K 83 10.94 7.32 -30.25
N ARG K 84 11.46 7.55 -29.06
CA ARG K 84 10.71 7.36 -27.83
C ARG K 84 10.85 8.60 -26.96
N PHE K 85 9.85 8.82 -26.11
CA PHE K 85 9.81 10.01 -25.27
C PHE K 85 9.48 9.65 -23.83
N GLN K 86 10.21 10.24 -22.90
CA GLN K 86 9.76 10.28 -21.51
C GLN K 86 8.59 11.23 -21.38
N SER K 87 7.61 10.83 -20.57
CA SER K 87 6.48 11.69 -20.27
C SER K 87 6.90 12.99 -19.62
N SER K 88 8.01 12.97 -18.87
CA SER K 88 8.56 14.20 -18.32
C SER K 88 8.98 15.17 -19.42
N ALA K 89 9.49 14.64 -20.52
CA ALA K 89 9.82 15.50 -21.65
C ALA K 89 8.59 16.19 -22.21
N VAL K 90 7.50 15.44 -22.40
CA VAL K 90 6.25 16.03 -22.86
C VAL K 90 5.77 17.10 -21.88
N MET K 91 5.78 16.80 -20.59
CA MET K 91 5.39 17.79 -19.60
C MET K 91 6.21 19.06 -19.76
N ALA K 92 7.53 18.91 -19.87
CA ALA K 92 8.40 20.08 -19.98
C ALA K 92 8.05 20.91 -21.21
N LEU K 93 7.77 20.24 -22.32
CA LEU K 93 7.37 20.95 -23.52
C LEU K 93 6.06 21.69 -23.35
N GLN K 94 5.10 21.08 -22.65
CA GLN K 94 3.87 21.80 -22.34
C GLN K 94 4.15 23.06 -21.54
N GLU K 95 4.92 22.92 -20.46
CA GLU K 95 5.23 24.08 -19.63
C GLU K 95 5.91 25.18 -20.43
N ALA K 96 6.90 24.81 -21.22
CA ALA K 96 7.61 25.79 -22.04
C ALA K 96 6.68 26.49 -23.00
N SER K 97 5.88 25.72 -23.73
CA SER K 97 5.01 26.30 -24.75
C SER K 97 3.98 27.22 -24.12
N GLU K 98 3.35 26.78 -23.03
CA GLU K 98 2.40 27.64 -22.34
C GLU K 98 3.06 28.95 -21.91
N ALA K 99 4.22 28.87 -21.26
CA ALA K 99 4.85 30.10 -20.79
C ALA K 99 5.16 31.04 -21.94
N TYR K 100 5.73 30.49 -23.02
CA TYR K 100 6.08 31.30 -24.18
C TYR K 100 4.86 31.95 -24.80
N LEU K 101 3.80 31.17 -24.99
CA LEU K 101 2.59 31.72 -25.59
C LEU K 101 1.98 32.80 -24.72
N VAL K 102 1.90 32.57 -23.41
CA VAL K 102 1.30 33.57 -22.54
C VAL K 102 2.09 34.87 -22.60
N ALA K 103 3.42 34.78 -22.56
CA ALA K 103 4.23 35.98 -22.69
C ALA K 103 3.95 36.71 -23.99
N LEU K 104 3.89 35.96 -25.10
CA LEU K 104 3.59 36.59 -26.37
C LEU K 104 2.20 37.20 -26.41
N PHE K 105 1.23 36.59 -25.73
CA PHE K 105 -0.09 37.20 -25.62
C PHE K 105 -0.05 38.51 -24.86
N GLU K 106 0.67 38.55 -23.75
CA GLU K 106 0.79 39.80 -23.01
C GLU K 106 1.41 40.89 -23.86
N ASP K 107 2.44 40.54 -24.64
CA ASP K 107 3.01 41.50 -25.59
C ASP K 107 1.97 41.96 -26.61
N THR K 108 1.29 41.02 -27.26
CA THR K 108 0.40 41.41 -28.34
C THR K 108 -0.77 42.22 -27.81
N ASN K 109 -1.21 41.94 -26.59
CA ASN K 109 -2.22 42.78 -25.95
C ASN K 109 -1.71 44.19 -25.74
N LEU K 110 -0.47 44.33 -25.27
CA LEU K 110 0.13 45.66 -25.17
C LEU K 110 0.09 46.38 -26.50
N CYS K 111 0.40 45.66 -27.58
CA CYS K 111 0.31 46.24 -28.92
C CYS K 111 -1.12 46.66 -29.26
N ALA K 112 -2.09 45.79 -28.99
CA ALA K 112 -3.48 46.08 -29.35
C ALA K 112 -3.98 47.31 -28.61
N ILE K 113 -3.69 47.41 -27.32
CA ILE K 113 -4.13 48.58 -26.58
C ILE K 113 -3.37 49.82 -27.03
N HIS K 114 -2.12 49.66 -27.45
CA HIS K 114 -1.42 50.81 -28.01
C HIS K 114 -2.10 51.28 -29.29
N ALA K 115 -2.59 50.34 -30.10
CA ALA K 115 -3.41 50.71 -31.24
C ALA K 115 -4.85 51.04 -30.87
N LYS K 116 -5.17 51.12 -29.58
CA LYS K 116 -6.51 51.50 -29.15
C LYS K 116 -7.57 50.56 -29.72
N ARG K 117 -7.29 49.27 -29.68
CA ARG K 117 -8.29 48.26 -29.97
C ARG K 117 -8.49 47.40 -28.72
N VAL K 118 -9.72 46.90 -28.56
CA VAL K 118 -9.96 45.86 -27.59
C VAL K 118 -9.61 44.50 -28.16
N THR K 119 -9.95 44.25 -29.41
CA THR K 119 -9.51 43.04 -30.08
C THR K 119 -8.02 43.13 -30.38
N ILE K 120 -7.29 42.06 -30.07
CA ILE K 120 -5.99 41.85 -30.70
C ILE K 120 -6.16 41.47 -32.16
N MET K 121 -5.16 41.78 -32.96
CA MET K 121 -5.18 41.47 -34.38
C MET K 121 -3.92 40.72 -34.78
N PRO K 122 -3.99 39.93 -35.84
CA PRO K 122 -2.79 39.16 -36.25
C PRO K 122 -1.61 40.06 -36.52
N LYS K 123 -1.87 41.27 -37.01
CA LYS K 123 -0.81 42.24 -37.16
C LYS K 123 -0.07 42.44 -35.85
N ASP K 124 -0.80 42.44 -34.73
CA ASP K 124 -0.15 42.63 -33.45
C ASP K 124 0.73 41.45 -33.11
N ILE K 125 0.35 40.24 -33.51
CA ILE K 125 1.20 39.08 -33.29
C ILE K 125 2.47 39.22 -34.10
N GLN K 126 2.34 39.55 -35.38
CA GLN K 126 3.50 39.65 -36.25
C GLN K 126 4.46 40.70 -35.71
N LEU K 127 3.92 41.86 -35.33
CA LEU K 127 4.75 42.93 -34.80
C LEU K 127 5.45 42.50 -33.52
N ALA K 128 4.71 41.95 -32.57
CA ALA K 128 5.32 41.53 -31.31
C ALA K 128 6.43 40.51 -31.55
N ARG K 129 6.16 39.51 -32.38
CA ARG K 129 7.15 38.48 -32.64
C ARG K 129 8.39 39.07 -33.30
N ARG K 130 8.21 39.99 -34.24
CA ARG K 130 9.36 40.64 -34.83
C ARG K 130 10.16 41.39 -33.79
N ILE K 131 9.49 42.22 -33.00
CA ILE K 131 10.22 43.16 -32.15
C ILE K 131 10.93 42.42 -31.03
N ARG K 132 10.20 41.57 -30.31
CA ARG K 132 10.86 40.78 -29.27
C ARG K 132 11.68 39.66 -29.86
N GLY K 133 11.07 38.81 -30.67
CA GLY K 133 11.70 37.54 -31.00
C GLY K 133 12.83 37.70 -31.99
N GLU K 134 12.53 38.36 -33.10
CA GLU K 134 13.57 38.72 -34.05
C GLU K 134 14.29 39.94 -33.52
N LYS L 21 -11.52 8.55 -41.26
CA LYS L 21 -11.46 9.55 -40.19
C LYS L 21 -10.41 10.59 -40.61
N VAL L 22 -10.87 11.66 -41.23
CA VAL L 22 -10.05 12.39 -42.18
C VAL L 22 -9.17 13.47 -41.54
N LEU L 23 -9.61 14.09 -40.45
CA LEU L 23 -8.83 15.20 -39.89
C LEU L 23 -7.52 14.70 -39.28
N ARG L 24 -6.57 15.63 -39.15
CA ARG L 24 -5.26 15.36 -38.56
C ARG L 24 -5.04 16.26 -37.35
N ASP L 25 -4.58 15.65 -36.25
CA ASP L 25 -4.67 16.28 -34.93
C ASP L 25 -3.68 17.43 -34.76
N ASN L 26 -2.53 17.35 -35.41
CA ASN L 26 -1.42 18.24 -35.07
C ASN L 26 -1.82 19.72 -35.13
N ILE L 27 -2.57 20.11 -36.16
CA ILE L 27 -3.18 21.43 -36.15
C ILE L 27 -4.34 21.48 -35.18
N GLN L 28 -5.26 20.52 -35.29
CA GLN L 28 -6.55 20.64 -34.62
C GLN L 28 -6.41 20.49 -33.12
N GLY L 29 -5.42 19.72 -32.67
CA GLY L 29 -5.26 19.49 -31.24
C GLY L 29 -5.19 20.77 -30.44
N ILE L 30 -4.67 21.84 -31.02
CA ILE L 30 -4.64 23.15 -30.38
C ILE L 30 -5.83 23.93 -30.94
N THR L 31 -6.79 24.22 -30.08
CA THR L 31 -8.15 24.47 -30.51
C THR L 31 -8.73 25.68 -29.81
N LYS L 32 -9.68 26.31 -30.50
CA LYS L 32 -10.23 27.61 -30.10
C LYS L 32 -10.41 27.78 -28.61
N PRO L 33 -11.08 26.89 -27.88
CA PRO L 33 -11.25 27.11 -26.44
C PRO L 33 -9.95 27.15 -25.66
N ALA L 34 -9.00 26.27 -25.96
CA ALA L 34 -7.73 26.31 -25.26
C ALA L 34 -6.97 27.60 -25.56
N ILE L 35 -7.01 28.04 -26.81
CA ILE L 35 -6.39 29.32 -27.17
C ILE L 35 -7.05 30.45 -26.41
N ARG L 36 -8.39 30.44 -26.35
CA ARG L 36 -9.13 31.42 -25.57
C ARG L 36 -8.67 31.44 -24.12
N ARG L 37 -8.50 30.27 -23.53
CA ARG L 37 -8.04 30.17 -22.15
C ARG L 37 -6.64 30.74 -21.99
N LEU L 38 -5.74 30.42 -22.92
CA LEU L 38 -4.42 31.03 -22.88
C LEU L 38 -4.48 32.54 -22.99
N ALA L 39 -5.30 33.06 -23.89
CA ALA L 39 -5.45 34.50 -24.02
C ALA L 39 -5.99 35.13 -22.74
N ARG L 40 -6.99 34.49 -22.13
CA ARG L 40 -7.53 35.01 -20.88
C ARG L 40 -6.45 35.01 -19.80
N ARG L 41 -5.68 33.94 -19.72
CA ARG L 41 -4.52 33.95 -18.83
C ARG L 41 -3.57 35.07 -19.20
N GLY L 42 -3.40 35.32 -20.49
CA GLY L 42 -2.64 36.47 -20.93
C GLY L 42 -3.37 37.79 -20.82
N GLY L 43 -4.53 37.82 -20.17
CA GLY L 43 -5.22 39.07 -19.94
C GLY L 43 -5.88 39.68 -21.15
N VAL L 44 -5.95 38.97 -22.27
CA VAL L 44 -6.57 39.53 -23.47
C VAL L 44 -8.06 39.71 -23.24
N LYS L 45 -8.59 40.82 -23.74
CA LYS L 45 -10.02 41.08 -23.63
C LYS L 45 -10.80 40.37 -24.74
N ARG L 46 -10.47 40.68 -25.98
CA ARG L 46 -11.20 40.16 -27.13
C ARG L 46 -10.20 39.80 -28.21
N ILE L 47 -10.58 38.90 -29.10
CA ILE L 47 -9.69 38.40 -30.13
C ILE L 47 -10.40 38.36 -31.47
N SER L 48 -9.67 38.74 -32.52
CA SER L 48 -10.13 38.45 -33.88
C SER L 48 -10.16 36.95 -34.12
N GLY L 49 -11.14 36.51 -34.90
CA GLY L 49 -11.21 35.11 -35.31
C GLY L 49 -10.04 34.64 -36.14
N LEU L 50 -9.22 35.55 -36.65
CA LEU L 50 -8.05 35.17 -37.44
C LEU L 50 -6.89 34.71 -36.60
N ILE L 51 -6.86 35.06 -35.32
CA ILE L 51 -5.63 34.97 -34.54
C ILE L 51 -5.15 33.53 -34.45
N TYR L 52 -6.08 32.59 -34.30
CA TYR L 52 -5.70 31.23 -33.92
C TYR L 52 -4.71 30.62 -34.90
N GLU L 53 -4.87 30.91 -36.19
CA GLU L 53 -4.02 30.28 -37.18
C GLU L 53 -2.63 30.88 -37.16
N GLU L 54 -2.51 32.14 -36.80
CA GLU L 54 -1.20 32.70 -36.58
C GLU L 54 -0.51 31.97 -35.44
N THR L 55 -1.21 31.83 -34.31
CA THR L 55 -0.57 31.25 -33.14
C THR L 55 -0.19 29.80 -33.34
N ARG L 56 -1.03 29.03 -34.01
CA ARG L 56 -0.64 27.67 -34.35
C ARG L 56 0.66 27.68 -35.15
N GLY L 57 0.75 28.55 -36.14
CA GLY L 57 1.98 28.63 -36.89
C GLY L 57 3.14 28.99 -35.99
N VAL L 58 2.97 30.04 -35.20
CA VAL L 58 4.03 30.44 -34.30
C VAL L 58 4.37 29.29 -33.36
N LEU L 59 3.35 28.63 -32.84
CA LEU L 59 3.62 27.49 -31.96
C LEU L 59 4.43 26.44 -32.68
N LYS L 60 4.02 26.08 -33.89
CA LYS L 60 4.79 25.10 -34.62
C LYS L 60 6.25 25.54 -34.73
N VAL L 61 6.46 26.79 -35.12
CA VAL L 61 7.84 27.26 -35.26
C VAL L 61 8.56 27.14 -33.93
N PHE L 62 7.93 27.61 -32.86
CA PHE L 62 8.59 27.54 -31.57
C PHE L 62 8.90 26.09 -31.25
N LEU L 63 7.91 25.23 -31.38
CA LEU L 63 8.13 23.82 -31.07
C LEU L 63 9.21 23.27 -31.98
N GLU L 64 9.07 23.54 -33.28
CA GLU L 64 10.04 23.02 -34.23
C GLU L 64 11.45 23.41 -33.84
N ASN L 65 11.64 24.65 -33.39
CA ASN L 65 12.98 25.06 -33.03
C ASN L 65 13.58 24.21 -31.92
N VAL L 66 12.83 24.03 -30.84
CA VAL L 66 13.38 23.31 -29.69
C VAL L 66 13.63 21.83 -30.02
N ILE L 67 12.63 21.17 -30.60
CA ILE L 67 12.72 19.72 -30.72
C ILE L 67 13.83 19.27 -31.64
N ARG L 68 14.15 20.06 -32.66
CA ARG L 68 15.27 19.73 -33.51
C ARG L 68 16.54 19.57 -32.70
N ASP L 69 16.79 20.51 -31.78
CA ASP L 69 18.01 20.40 -31.01
C ASP L 69 17.93 19.26 -30.02
N ALA L 70 16.75 18.99 -29.48
CA ALA L 70 16.62 17.84 -28.61
C ALA L 70 16.97 16.56 -29.36
N VAL L 71 16.52 16.48 -30.62
CA VAL L 71 16.88 15.35 -31.45
C VAL L 71 18.39 15.25 -31.54
N THR L 72 19.06 16.35 -31.82
CA THR L 72 20.50 16.25 -31.99
C THR L 72 21.19 15.90 -30.68
N TYR L 73 20.69 16.40 -29.55
CA TYR L 73 21.20 15.89 -28.29
C TYR L 73 21.03 14.39 -28.19
N THR L 74 19.86 13.89 -28.55
CA THR L 74 19.63 12.46 -28.47
C THR L 74 20.55 11.73 -29.42
N GLU L 75 20.81 12.30 -30.60
CA GLU L 75 21.80 11.70 -31.48
C GLU L 75 23.16 11.58 -30.81
N HIS L 76 23.61 12.63 -30.13
CA HIS L 76 24.95 12.57 -29.57
C HIS L 76 25.04 11.53 -28.47
N ALA L 77 23.93 11.27 -27.78
CA ALA L 77 23.88 10.13 -26.88
C ALA L 77 23.70 8.80 -27.61
N LYS L 78 23.45 8.84 -28.92
CA LYS L 78 23.18 7.64 -29.71
C LYS L 78 22.01 6.84 -29.15
N ARG L 79 21.18 7.49 -28.34
CA ARG L 79 20.02 6.78 -27.74
C ARG L 79 18.81 6.91 -28.65
N LYS L 80 17.89 5.95 -28.60
CA LYS L 80 16.62 6.10 -29.30
C LYS L 80 15.65 6.99 -28.55
N THR L 81 15.77 7.02 -27.23
CA THR L 81 14.82 7.71 -26.37
C THR L 81 15.30 9.11 -26.04
N VAL L 82 14.36 10.04 -25.94
CA VAL L 82 14.63 11.43 -25.64
C VAL L 82 14.21 11.67 -24.20
N THR L 83 15.11 12.22 -23.39
CA THR L 83 14.80 12.47 -21.99
C THR L 83 14.45 13.93 -21.76
N ALA L 84 13.83 14.17 -20.60
CA ALA L 84 13.61 15.52 -20.12
C ALA L 84 14.91 16.30 -19.96
N MET L 85 16.01 15.64 -19.63
CA MET L 85 17.30 16.34 -19.56
C MET L 85 17.75 16.90 -20.91
N ASP L 86 17.52 16.15 -21.99
CA ASP L 86 17.83 16.69 -23.31
C ASP L 86 16.97 17.91 -23.60
N VAL L 87 15.69 17.79 -23.28
CA VAL L 87 14.78 18.91 -23.41
C VAL L 87 15.28 20.10 -22.62
N VAL L 88 15.69 19.86 -21.38
CA VAL L 88 16.20 20.95 -20.56
C VAL L 88 17.40 21.62 -21.21
N TYR L 89 18.29 20.85 -21.83
CA TYR L 89 19.43 21.51 -22.49
C TYR L 89 18.99 22.36 -23.67
N ALA L 90 18.16 21.81 -24.55
CA ALA L 90 17.69 22.58 -25.69
C ALA L 90 16.87 23.79 -25.23
N LEU L 91 15.95 23.57 -24.30
CA LEU L 91 15.08 24.61 -23.82
C LEU L 91 15.85 25.67 -23.06
N LYS L 92 16.86 25.26 -22.27
CA LYS L 92 17.70 26.24 -21.53
C LYS L 92 18.26 27.29 -22.47
N ARG L 93 19.20 26.92 -23.36
CA ARG L 93 19.88 27.92 -24.23
C ARG L 93 18.86 28.61 -25.16
N GLN L 94 17.97 27.84 -25.79
CA GLN L 94 17.02 28.45 -26.77
C GLN L 94 16.07 29.42 -26.07
N GLY L 95 15.58 29.06 -24.87
CA GLY L 95 14.65 29.92 -24.13
C GLY L 95 15.28 31.25 -23.75
N ARG L 96 16.53 31.22 -23.28
CA ARG L 96 17.22 32.46 -22.85
C ARG L 96 17.39 33.41 -24.04
N THR L 97 17.79 32.87 -25.20
CA THR L 97 17.94 33.69 -26.43
C THR L 97 16.58 34.23 -26.86
N LEU L 98 15.53 33.40 -26.76
CA LEU L 98 14.17 33.82 -27.20
C LEU L 98 13.36 34.31 -25.99
N LYS M 16 55.85 17.06 -43.20
CA LYS M 16 55.30 18.38 -43.60
C LYS M 16 54.16 18.79 -42.66
N THR M 17 53.80 20.07 -42.70
CA THR M 17 52.83 20.60 -41.74
C THR M 17 51.50 19.87 -41.83
N ARG M 18 50.88 19.69 -40.67
CA ARG M 18 49.61 18.99 -40.57
C ARG M 18 48.53 19.64 -41.43
N SER M 19 48.56 20.97 -41.51
CA SER M 19 47.61 21.68 -42.37
C SER M 19 47.69 21.22 -43.81
N SER M 20 48.91 21.15 -44.36
CA SER M 20 49.08 20.70 -45.73
C SER M 20 48.88 19.21 -45.87
N ARG M 21 49.14 18.44 -44.82
CA ARG M 21 48.76 17.03 -44.84
C ARG M 21 47.25 16.86 -44.93
N ALA M 22 46.49 17.75 -44.30
CA ALA M 22 45.06 17.82 -44.54
C ALA M 22 44.75 18.51 -45.85
N GLY M 23 45.59 19.46 -46.26
CA GLY M 23 45.30 20.26 -47.43
C GLY M 23 44.56 21.54 -47.13
N LEU M 24 44.75 22.10 -45.94
CA LEU M 24 43.99 23.26 -45.49
C LEU M 24 44.95 24.40 -45.20
N GLN M 25 44.44 25.63 -45.32
CA GLN M 25 45.26 26.80 -45.07
C GLN M 25 45.37 27.13 -43.59
N PHE M 26 44.29 27.03 -42.84
CA PHE M 26 44.31 27.45 -41.45
C PHE M 26 45.30 26.63 -40.63
N PRO M 27 45.89 27.25 -39.61
CA PRO M 27 46.98 26.60 -38.86
C PRO M 27 46.47 25.55 -37.88
N VAL M 28 46.54 24.28 -38.26
CA VAL M 28 46.05 23.22 -37.38
C VAL M 28 46.77 23.23 -36.05
N GLY M 29 48.09 23.43 -36.07
CA GLY M 29 48.84 23.51 -34.83
C GLY M 29 48.35 24.60 -33.92
N ARG M 30 48.08 25.78 -34.50
CA ARG M 30 47.49 26.86 -33.72
C ARG M 30 46.18 26.43 -33.09
N VAL M 31 45.28 25.88 -33.88
CA VAL M 31 43.98 25.46 -33.37
C VAL M 31 44.14 24.48 -32.21
N HIS M 32 45.00 23.48 -32.38
CA HIS M 32 45.25 22.50 -31.33
C HIS M 32 45.78 23.16 -30.06
N ARG M 33 46.79 24.01 -30.19
CA ARG M 33 47.28 24.75 -29.03
C ARG M 33 46.17 25.52 -28.35
N LEU M 34 45.38 26.26 -29.14
CA LEU M 34 44.32 27.08 -28.56
C LEU M 34 43.29 26.23 -27.83
N LEU M 35 42.99 25.05 -28.37
CA LEU M 35 42.09 24.13 -27.70
C LEU M 35 42.64 23.67 -26.37
N ARG M 36 43.92 23.31 -26.33
CA ARG M 36 44.48 22.90 -25.04
C ARG M 36 44.54 24.05 -24.05
N LYS M 37 44.97 25.22 -24.52
CA LYS M 37 44.97 26.42 -23.68
C LYS M 37 43.58 26.71 -23.14
N GLY M 38 42.56 26.59 -23.97
CA GLY M 38 41.22 26.80 -23.48
C GLY M 38 40.69 25.68 -22.62
N ASN M 39 41.45 24.60 -22.46
CA ASN M 39 41.13 23.54 -21.52
C ASN M 39 39.69 23.08 -21.64
N TYR M 40 39.14 23.14 -22.86
CA TYR M 40 37.73 22.87 -23.05
C TYR M 40 37.37 21.46 -22.63
N ALA M 41 38.35 20.55 -22.63
CA ALA M 41 38.21 19.26 -21.95
C ALA M 41 39.60 18.80 -21.56
N GLU M 42 39.64 17.74 -20.76
CA GLU M 42 40.92 17.21 -20.33
C GLU M 42 41.76 16.72 -21.50
N ARG M 43 41.11 16.23 -22.56
CA ARG M 43 41.81 15.64 -23.69
C ARG M 43 41.20 16.17 -24.98
N VAL M 44 41.93 16.04 -26.08
CA VAL M 44 41.40 16.30 -27.41
C VAL M 44 41.79 15.18 -28.35
N GLY M 45 40.83 14.72 -29.16
CA GLY M 45 41.12 13.77 -30.22
C GLY M 45 41.72 14.48 -31.42
N ALA M 46 42.67 13.81 -32.07
CA ALA M 46 43.46 14.47 -33.09
C ALA M 46 42.61 14.96 -34.26
N GLY M 47 41.46 14.33 -34.49
CA GLY M 47 40.59 14.77 -35.57
C GLY M 47 39.88 16.09 -35.29
N ALA M 48 39.70 16.43 -34.01
CA ALA M 48 38.92 17.62 -33.69
C ALA M 48 39.54 18.88 -34.25
N PRO M 49 40.83 19.17 -34.03
CA PRO M 49 41.36 20.45 -34.49
C PRO M 49 41.35 20.59 -36.00
N VAL M 50 41.58 19.49 -36.73
CA VAL M 50 41.52 19.58 -38.18
C VAL M 50 40.09 19.80 -38.64
N TYR M 51 39.12 19.11 -38.03
CA TYR M 51 37.73 19.31 -38.41
C TYR M 51 37.30 20.75 -38.15
N LEU M 52 37.74 21.31 -37.02
CA LEU M 52 37.47 22.70 -36.72
C LEU M 52 38.10 23.63 -37.75
N ALA M 53 39.39 23.44 -38.04
CA ALA M 53 40.04 24.30 -39.03
C ALA M 53 39.32 24.24 -40.36
N ALA M 54 38.83 23.05 -40.72
CA ALA M 54 38.09 22.89 -41.97
C ALA M 54 36.85 23.77 -41.98
N VAL M 55 36.00 23.61 -40.96
CA VAL M 55 34.77 24.38 -40.93
C VAL M 55 35.05 25.88 -40.87
N LEU M 56 36.09 26.28 -40.16
CA LEU M 56 36.47 27.69 -40.14
C LEU M 56 36.84 28.19 -41.54
N GLU M 57 37.67 27.45 -42.24
CA GLU M 57 38.09 27.86 -43.57
C GLU M 57 36.88 27.97 -44.49
N TYR M 58 35.99 26.99 -44.43
CA TYR M 58 34.78 27.05 -45.23
C TYR M 58 33.95 28.30 -44.93
N LEU M 59 33.68 28.56 -43.65
CA LEU M 59 32.92 29.75 -43.30
C LEU M 59 33.58 31.02 -43.81
N THR M 60 34.90 31.11 -43.67
CA THR M 60 35.61 32.33 -44.08
C THR M 60 35.52 32.51 -45.58
N ALA M 61 35.72 31.45 -46.35
CA ALA M 61 35.56 31.55 -47.79
C ALA M 61 34.15 31.99 -48.13
N GLU M 62 33.15 31.37 -47.50
CA GLU M 62 31.78 31.64 -47.87
C GLU M 62 31.46 33.11 -47.68
N ILE M 63 31.81 33.66 -46.52
CA ILE M 63 31.54 35.07 -46.29
C ILE M 63 32.34 35.95 -47.23
N LEU M 64 33.58 35.55 -47.53
CA LEU M 64 34.43 36.38 -48.35
C LEU M 64 33.92 36.47 -49.78
N GLU M 65 33.25 35.43 -50.27
CA GLU M 65 32.59 35.55 -51.56
C GLU M 65 31.63 36.73 -51.58
N LEU M 66 30.75 36.80 -50.59
CA LEU M 66 29.74 37.85 -50.55
C LEU M 66 30.37 39.23 -50.39
N ALA M 67 31.39 39.32 -49.54
CA ALA M 67 32.10 40.59 -49.41
C ALA M 67 32.75 41.01 -50.73
N GLY M 68 33.37 40.06 -51.43
CA GLY M 68 33.93 40.37 -52.74
C GLY M 68 32.89 40.87 -53.72
N ASN M 69 31.75 40.18 -53.77
CA ASN M 69 30.65 40.62 -54.62
C ASN M 69 30.23 42.05 -54.30
N ALA M 70 30.03 42.35 -53.01
CA ALA M 70 29.67 43.72 -52.63
C ALA M 70 30.73 44.73 -53.07
N ALA M 71 32.01 44.40 -52.86
CA ALA M 71 33.09 45.32 -53.24
C ALA M 71 33.11 45.55 -54.74
N ARG M 72 32.90 44.49 -55.52
CA ARG M 72 32.84 44.63 -56.97
C ARG M 72 31.63 45.45 -57.40
N ASP M 73 30.50 45.31 -56.71
CA ASP M 73 29.37 46.16 -57.03
C ASP M 73 29.67 47.61 -56.69
N ASN M 74 30.48 47.85 -55.66
CA ASN M 74 31.04 49.17 -55.41
C ASN M 74 32.28 49.42 -56.23
N LYS M 75 32.59 48.50 -57.14
CA LYS M 75 33.76 48.57 -58.03
C LYS M 75 35.02 48.97 -57.27
N LYS M 76 35.12 48.56 -56.01
CA LYS M 76 36.40 48.59 -55.32
C LYS M 76 37.13 47.27 -55.58
N THR M 77 38.45 47.31 -55.53
CA THR M 77 39.20 46.08 -55.29
C THR M 77 39.47 45.82 -53.82
N ARG M 78 39.60 46.87 -53.00
CA ARG M 78 39.74 46.70 -51.57
C ARG M 78 38.38 46.44 -50.93
N ILE M 79 38.26 45.31 -50.23
CA ILE M 79 37.09 45.08 -49.38
C ILE M 79 37.14 46.01 -48.18
N ILE M 80 35.99 46.55 -47.79
CA ILE M 80 35.92 47.45 -46.65
C ILE M 80 34.74 47.06 -45.77
N PRO M 81 34.74 47.49 -44.51
CA PRO M 81 33.72 47.02 -43.56
C PRO M 81 32.28 47.16 -44.05
N ARG M 82 31.99 48.23 -44.77
CA ARG M 82 30.66 48.41 -45.36
C ARG M 82 30.27 47.19 -46.18
N HIS M 83 31.19 46.71 -47.01
CA HIS M 83 30.88 45.54 -47.84
C HIS M 83 30.55 44.34 -46.98
N LEU M 84 31.25 44.18 -45.86
CA LEU M 84 30.99 43.06 -44.98
C LEU M 84 29.60 43.16 -44.36
N GLN M 85 29.26 44.35 -43.86
CA GLN M 85 27.93 44.54 -43.29
C GLN M 85 26.85 44.26 -44.32
N LEU M 86 27.02 44.80 -45.53
CA LEU M 86 26.02 44.58 -46.57
C LEU M 86 25.91 43.11 -46.93
N ALA M 87 27.02 42.38 -46.90
CA ALA M 87 26.98 40.94 -47.12
C ALA M 87 26.17 40.25 -46.05
N VAL M 88 26.55 40.42 -44.79
CA VAL M 88 25.88 39.68 -43.73
C VAL M 88 24.39 40.02 -43.70
N ARG M 89 24.06 41.29 -43.84
CA ARG M 89 22.66 41.69 -43.79
C ARG M 89 21.92 41.34 -45.05
N ASN M 90 22.63 40.90 -46.10
CA ASN M 90 21.95 40.27 -47.23
C ASN M 90 21.67 38.80 -46.98
N ASP M 91 22.61 38.06 -46.40
CA ASP M 91 22.39 36.63 -46.15
C ASP M 91 21.59 36.41 -44.88
N GLU M 92 20.39 35.83 -45.05
CA GLU M 92 19.57 35.48 -43.90
C GLU M 92 20.28 34.49 -42.98
N GLU M 93 21.06 33.56 -43.54
CA GLU M 93 21.74 32.59 -42.69
C GLU M 93 22.81 33.23 -41.82
N LEU M 94 23.71 33.98 -42.42
CA LEU M 94 24.68 34.73 -41.63
C LEU M 94 24.01 35.71 -40.68
N ASN M 95 22.96 36.39 -41.15
CA ASN M 95 22.29 37.35 -40.27
C ASN M 95 21.70 36.65 -39.05
N LYS M 96 21.12 35.47 -39.25
CA LYS M 96 20.64 34.68 -38.11
C LYS M 96 21.80 34.25 -37.23
N LEU M 97 22.92 33.88 -37.85
CA LEU M 97 24.11 33.54 -37.09
C LEU M 97 24.63 34.74 -36.33
N LEU M 98 24.35 35.94 -36.81
CA LEU M 98 25.03 37.16 -36.34
C LEU M 98 24.03 38.20 -35.85
N GLY M 99 22.84 37.77 -35.43
CA GLY M 99 21.78 38.71 -35.11
C GLY M 99 22.14 39.62 -33.95
N ARG M 100 23.02 39.15 -33.06
CA ARG M 100 23.44 39.92 -31.90
C ARG M 100 24.81 40.56 -32.10
N VAL M 101 25.28 40.65 -33.34
CA VAL M 101 26.64 41.06 -33.64
C VAL M 101 26.59 42.39 -34.38
N THR M 102 27.54 43.26 -34.08
CA THR M 102 27.56 44.62 -34.59
C THR M 102 28.95 44.94 -35.14
N ILE M 103 28.97 45.79 -36.16
CA ILE M 103 30.19 46.07 -36.91
C ILE M 103 30.45 47.57 -36.87
N ALA M 104 31.62 47.95 -36.39
CA ALA M 104 32.03 49.34 -36.42
C ALA M 104 32.07 49.86 -37.85
N GLN M 105 31.56 51.07 -38.05
CA GLN M 105 31.49 51.69 -39.37
C GLN M 105 30.70 50.85 -40.37
N GLY M 106 29.92 49.87 -39.90
CA GLY M 106 29.18 49.03 -40.82
C GLY M 106 27.97 49.74 -41.41
N GLY M 107 27.41 50.68 -40.66
CA GLY M 107 26.16 51.32 -41.01
C GLY M 107 24.98 50.37 -41.00
N VAL M 108 23.94 50.78 -41.71
CA VAL M 108 22.73 49.99 -41.87
C VAL M 108 22.48 49.71 -43.34
N LEU M 109 21.84 48.58 -43.60
CA LEU M 109 21.45 48.24 -44.97
C LEU M 109 20.35 49.19 -45.42
N PRO M 110 20.55 49.96 -46.49
CA PRO M 110 19.53 50.93 -46.91
C PRO M 110 18.21 50.25 -47.26
N ASN M 111 17.16 50.64 -46.55
CA ASN M 111 15.82 50.12 -46.79
C ASN M 111 14.80 51.12 -46.30
N ILE M 112 13.63 51.13 -46.94
CA ILE M 112 12.57 52.07 -46.62
C ILE M 112 11.24 51.33 -46.55
N GLN M 113 10.43 51.67 -45.56
CA GLN M 113 9.04 51.23 -45.52
C GLN M 113 8.22 51.98 -46.57
N SER M 114 7.64 51.24 -47.52
CA SER M 114 7.01 51.86 -48.68
C SER M 114 5.88 52.80 -48.28
N VAL M 115 5.25 52.56 -47.13
CA VAL M 115 4.17 53.43 -46.68
C VAL M 115 4.67 54.83 -46.38
N LEU M 116 5.96 54.99 -46.10
CA LEU M 116 6.52 56.32 -45.89
C LEU M 116 6.68 57.10 -47.19
N LEU M 117 6.71 56.41 -48.32
CA LEU M 117 6.92 57.08 -49.59
C LEU M 117 5.70 57.94 -49.94
N PRO M 118 5.92 59.09 -50.59
CA PRO M 118 4.81 59.96 -50.98
C PRO M 118 3.93 59.35 -52.06
N GLU N 33 49.62 38.26 -32.53
CA GLU N 33 49.22 37.10 -33.38
C GLU N 33 47.92 37.39 -34.10
N SER N 34 47.74 36.77 -35.26
CA SER N 34 46.59 37.06 -36.10
C SER N 34 46.39 35.94 -37.11
N TYR N 35 45.19 35.93 -37.70
CA TYR N 35 44.86 35.05 -38.81
C TYR N 35 45.10 35.71 -40.15
N ALA N 36 45.53 36.98 -40.14
CA ALA N 36 45.53 37.78 -41.36
C ALA N 36 46.19 37.07 -42.53
N ILE N 37 47.28 36.35 -42.26
CA ILE N 37 47.95 35.61 -43.34
C ILE N 37 47.00 34.61 -43.97
N TYR N 38 46.30 33.83 -43.15
CA TYR N 38 45.36 32.85 -43.69
C TYR N 38 44.17 33.53 -44.34
N VAL N 39 43.72 34.64 -43.74
CA VAL N 39 42.67 35.42 -44.37
C VAL N 39 43.08 35.83 -45.79
N TYR N 40 44.32 36.26 -45.95
CA TYR N 40 44.83 36.61 -47.27
C TYR N 40 44.91 35.41 -48.18
N LYS N 41 45.33 34.26 -47.65
CA LYS N 41 45.37 33.06 -48.47
C LYS N 41 43.99 32.74 -49.03
N VAL N 42 43.00 32.62 -48.17
CA VAL N 42 41.65 32.32 -48.63
C VAL N 42 41.11 33.41 -49.54
N LEU N 43 41.39 34.67 -49.23
CA LEU N 43 40.95 35.77 -50.08
C LEU N 43 41.51 35.65 -51.49
N LYS N 44 42.81 35.45 -51.60
CA LYS N 44 43.42 35.30 -52.92
C LYS N 44 42.96 34.05 -53.62
N GLN N 45 42.59 33.02 -52.87
CA GLN N 45 42.01 31.85 -53.49
C GLN N 45 40.65 32.15 -54.07
N VAL N 46 39.83 32.91 -53.34
CA VAL N 46 38.45 33.14 -53.79
C VAL N 46 38.33 34.36 -54.68
N HIS N 47 39.14 35.39 -54.46
CA HIS N 47 39.07 36.63 -55.24
C HIS N 47 40.47 37.17 -55.40
N PRO N 48 41.29 36.54 -56.25
CA PRO N 48 42.70 36.92 -56.34
C PRO N 48 42.91 38.35 -56.77
N ASP N 49 41.92 38.95 -57.44
CA ASP N 49 41.99 40.35 -57.80
C ASP N 49 41.90 41.27 -56.59
N THR N 50 41.08 40.93 -55.60
CA THR N 50 40.72 41.88 -54.57
C THR N 50 41.85 42.09 -53.56
N GLY N 51 41.78 43.23 -52.87
CA GLY N 51 42.47 43.43 -51.62
C GLY N 51 41.46 43.69 -50.51
N ILE N 52 41.99 43.86 -49.29
CA ILE N 52 41.14 44.15 -48.15
C ILE N 52 41.72 45.28 -47.29
N SER N 53 40.82 46.07 -46.72
CA SER N 53 41.20 47.02 -45.68
C SER N 53 41.60 46.29 -44.40
N SER N 54 42.70 46.72 -43.80
CA SER N 54 43.11 46.13 -42.53
C SER N 54 42.03 46.27 -41.47
N LYS N 55 41.21 47.30 -41.55
CA LYS N 55 40.05 47.40 -40.66
C LYS N 55 39.12 46.20 -40.83
N ALA N 56 38.77 45.89 -42.07
CA ALA N 56 37.91 44.75 -42.33
C ALA N 56 38.58 43.45 -41.90
N MET N 57 39.88 43.30 -42.19
CA MET N 57 40.56 42.10 -41.73
C MET N 57 40.50 41.99 -40.21
N SER N 58 40.65 43.10 -39.50
CA SER N 58 40.48 43.06 -38.04
C SER N 58 39.09 42.59 -37.65
N ILE N 59 38.08 42.99 -38.42
CA ILE N 59 36.73 42.48 -38.20
C ILE N 59 36.71 40.97 -38.33
N MET N 60 37.31 40.45 -39.41
CA MET N 60 37.36 39.01 -39.60
C MET N 60 38.10 38.31 -38.47
N ASN N 61 39.19 38.91 -38.01
CA ASN N 61 39.96 38.34 -36.93
C ASN N 61 39.14 38.22 -35.65
N SER N 62 38.35 39.24 -35.34
CA SER N 62 37.42 39.11 -34.21
C SER N 62 36.36 38.05 -34.47
N PHE N 63 35.82 38.03 -35.69
CA PHE N 63 34.75 37.09 -36.01
C PHE N 63 35.18 35.64 -35.84
N VAL N 64 36.35 35.29 -36.38
CA VAL N 64 36.80 33.91 -36.32
C VAL N 64 37.02 33.49 -34.88
N ASN N 65 37.50 34.40 -34.05
CA ASN N 65 37.67 34.08 -32.63
C ASN N 65 36.32 33.87 -31.97
N ASP N 66 35.34 34.69 -32.33
CA ASP N 66 34.01 34.52 -31.76
C ASP N 66 33.47 33.13 -32.06
N VAL N 67 33.47 32.75 -33.34
CA VAL N 67 32.89 31.48 -33.73
C VAL N 67 33.68 30.32 -33.12
N PHE N 68 35.00 30.47 -33.04
CA PHE N 68 35.82 29.46 -32.38
C PHE N 68 35.44 29.27 -30.93
N GLU N 69 35.22 30.37 -30.21
CA GLU N 69 34.78 30.26 -28.83
C GLU N 69 33.42 29.59 -28.74
N ARG N 70 32.48 30.02 -29.59
CA ARG N 70 31.12 29.50 -29.46
C ARG N 70 31.09 28.00 -29.69
N ILE N 71 31.75 27.54 -30.75
CA ILE N 71 31.81 26.11 -31.03
C ILE N 71 32.52 25.37 -29.91
N ALA N 72 33.62 25.94 -29.38
CA ALA N 72 34.31 25.23 -28.32
C ALA N 72 33.43 25.13 -27.07
N GLY N 73 32.68 26.18 -26.78
CA GLY N 73 31.77 26.15 -25.65
C GLY N 73 30.77 25.02 -25.78
N GLU N 74 30.15 24.89 -26.94
CA GLU N 74 29.20 23.80 -27.13
C GLU N 74 29.89 22.44 -27.05
N ALA N 75 31.10 22.33 -27.59
CA ALA N 75 31.82 21.08 -27.47
C ALA N 75 32.06 20.69 -26.02
N SER N 76 32.47 21.67 -25.21
CA SER N 76 32.63 21.44 -23.78
C SER N 76 31.34 20.97 -23.14
N ARG N 77 30.23 21.64 -23.47
CA ARG N 77 28.96 21.27 -22.86
C ARG N 77 28.59 19.83 -23.20
N LEU N 78 28.69 19.48 -24.48
CA LEU N 78 28.41 18.11 -24.89
C LEU N 78 29.28 17.11 -24.16
N ALA N 79 30.58 17.34 -24.14
CA ALA N 79 31.49 16.41 -23.47
C ALA N 79 31.13 16.26 -22.00
N HIS N 80 30.85 17.37 -21.32
CA HIS N 80 30.47 17.31 -19.92
C HIS N 80 29.19 16.51 -19.71
N TYR N 81 28.17 16.76 -20.52
CA TYR N 81 26.94 15.98 -20.39
C TYR N 81 27.19 14.49 -20.55
N ASN N 82 28.04 14.10 -21.49
CA ASN N 82 28.33 12.69 -21.72
C ASN N 82 29.49 12.19 -20.87
N LYS N 83 29.93 12.96 -19.88
CA LYS N 83 30.97 12.54 -18.96
C LYS N 83 32.26 12.18 -19.66
N ARG N 84 32.48 12.72 -20.86
CA ARG N 84 33.66 12.38 -21.61
C ARG N 84 34.87 13.15 -21.06
N SER N 85 36.03 12.50 -21.13
CA SER N 85 37.28 13.20 -20.83
C SER N 85 37.79 14.04 -21.99
N THR N 86 37.30 13.81 -23.21
CA THR N 86 37.99 14.26 -24.40
C THR N 86 36.99 14.88 -25.37
N ILE N 87 37.52 15.74 -26.24
CA ILE N 87 36.79 16.25 -27.40
C ILE N 87 37.27 15.49 -28.63
N THR N 88 36.33 15.00 -29.43
CA THR N 88 36.66 14.39 -30.70
C THR N 88 35.95 15.06 -31.86
N SER N 89 36.32 14.62 -33.06
CA SER N 89 35.59 14.97 -34.28
C SER N 89 34.08 14.76 -34.13
N ARG N 90 33.67 13.71 -33.41
CA ARG N 90 32.24 13.47 -33.23
C ARG N 90 31.56 14.61 -32.48
N GLU N 91 32.22 15.14 -31.45
CA GLU N 91 31.65 16.24 -30.68
C GLU N 91 31.52 17.50 -31.52
N ILE N 92 32.60 17.92 -32.15
CA ILE N 92 32.52 19.14 -32.96
C ILE N 92 31.55 18.95 -34.11
N GLN N 93 31.58 17.78 -34.73
CA GLN N 93 30.67 17.50 -35.83
C GLN N 93 29.22 17.68 -35.42
N THR N 94 28.83 17.12 -34.28
CA THR N 94 27.46 17.35 -33.82
C THR N 94 27.23 18.81 -33.42
N ALA N 95 28.18 19.43 -32.74
CA ALA N 95 27.96 20.78 -32.26
C ALA N 95 27.76 21.77 -33.40
N VAL N 96 28.49 21.59 -34.50
CA VAL N 96 28.30 22.46 -35.66
C VAL N 96 26.85 22.44 -36.08
N ARG N 97 26.23 21.26 -36.03
CA ARG N 97 24.82 21.14 -36.38
C ARG N 97 23.93 21.92 -35.41
N LEU N 98 24.43 22.21 -34.21
CA LEU N 98 23.70 23.05 -33.28
C LEU N 98 23.95 24.54 -33.49
N LEU N 99 25.13 24.92 -33.98
CA LEU N 99 25.39 26.34 -34.17
C LEU N 99 24.79 26.85 -35.47
N LEU N 100 25.00 26.17 -36.51
CA LEU N 100 24.72 26.72 -37.83
C LEU N 100 23.29 26.44 -38.26
N PRO N 101 22.70 27.32 -39.08
CA PRO N 101 21.48 26.96 -39.78
C PRO N 101 21.73 25.85 -40.78
N GLY N 102 20.65 25.13 -41.09
CA GLY N 102 20.80 23.76 -41.55
C GLY N 102 21.51 23.61 -42.88
N GLU N 103 21.36 24.59 -43.78
CA GLU N 103 21.99 24.47 -45.09
C GLU N 103 23.47 24.80 -45.01
N LEU N 104 23.78 25.91 -44.35
CA LEU N 104 25.15 26.22 -43.99
C LEU N 104 25.76 25.10 -43.17
N ALA N 105 24.98 24.56 -42.23
CA ALA N 105 25.46 23.43 -41.44
C ALA N 105 25.80 22.23 -42.31
N LYS N 106 24.91 21.88 -43.25
CA LYS N 106 25.16 20.74 -44.12
C LYS N 106 26.45 20.91 -44.90
N HIS N 107 26.67 22.09 -45.48
CA HIS N 107 27.93 22.34 -46.16
C HIS N 107 29.11 22.26 -45.21
N ALA N 108 29.05 22.96 -44.09
CA ALA N 108 30.15 22.94 -43.15
C ALA N 108 30.50 21.52 -42.73
N VAL N 109 29.49 20.74 -42.36
CA VAL N 109 29.72 19.41 -41.81
C VAL N 109 30.29 18.47 -42.86
N SER N 110 29.78 18.54 -44.09
CA SER N 110 30.33 17.66 -45.12
C SER N 110 31.74 18.08 -45.51
N GLU N 111 32.02 19.38 -45.53
CA GLU N 111 33.38 19.83 -45.74
C GLU N 111 34.32 19.37 -44.65
N GLY N 112 33.88 19.48 -43.39
CA GLY N 112 34.67 18.95 -42.30
C GLY N 112 34.95 17.47 -42.42
N THR N 113 33.93 16.69 -42.81
CA THR N 113 34.14 15.27 -43.03
C THR N 113 35.21 15.03 -44.10
N LYS N 114 35.08 15.70 -45.24
CA LYS N 114 36.07 15.53 -46.29
C LYS N 114 37.47 15.90 -45.81
N ALA N 115 37.57 17.00 -45.06
CA ALA N 115 38.87 17.44 -44.55
C ALA N 115 39.48 16.40 -43.62
N VAL N 116 38.69 15.91 -42.67
CA VAL N 116 39.24 15.00 -41.68
C VAL N 116 39.58 13.66 -42.31
N THR N 117 38.79 13.22 -43.28
CA THR N 117 39.14 11.99 -43.99
C THR N 117 40.43 12.14 -44.78
N LYS N 118 40.62 13.27 -45.46
CA LYS N 118 41.87 13.51 -46.15
C LYS N 118 43.05 13.57 -45.19
N TYR N 119 42.86 14.18 -44.02
CA TYR N 119 43.90 14.14 -43.00
C TYR N 119 44.17 12.72 -42.53
N THR N 120 43.12 11.90 -42.43
CA THR N 120 43.31 10.54 -41.96
C THR N 120 44.12 9.74 -42.95
N SER N 121 43.78 9.84 -44.23
CA SER N 121 44.57 9.18 -45.26
C SER N 121 45.88 9.90 -45.50
N ALA N 122 45.89 11.21 -45.28
CA ALA N 122 47.12 11.99 -45.39
C ALA N 122 47.22 13.00 -44.24
N HIS O 40 12.41 79.13 -53.02
CA HIS O 40 11.17 78.50 -52.51
C HIS O 40 11.45 77.67 -51.26
N ARG O 41 10.41 77.09 -50.69
CA ARG O 41 10.55 76.06 -49.66
C ARG O 41 10.18 74.72 -50.28
N TYR O 42 11.06 73.74 -50.15
CA TYR O 42 10.68 72.36 -50.39
C TYR O 42 9.57 71.92 -49.44
N ARG O 43 8.65 71.11 -49.96
CA ARG O 43 7.52 70.70 -49.15
C ARG O 43 8.00 69.74 -48.05
N PRO O 44 7.33 69.77 -46.90
CA PRO O 44 7.80 68.98 -45.75
C PRO O 44 7.79 67.48 -46.00
N GLY O 45 8.94 66.84 -45.74
CA GLY O 45 9.15 65.43 -45.98
C GLY O 45 10.06 65.10 -47.14
N THR O 46 10.04 65.90 -48.21
CA THR O 46 10.91 65.57 -49.33
C THR O 46 12.36 65.75 -48.92
N VAL O 47 12.65 66.82 -48.19
CA VAL O 47 13.95 67.00 -47.56
C VAL O 47 14.23 65.81 -46.66
N ALA O 48 13.25 65.46 -45.83
CA ALA O 48 13.42 64.34 -44.91
C ALA O 48 13.77 63.07 -45.65
N LEU O 49 13.04 62.75 -46.72
CA LEU O 49 13.31 61.53 -47.46
C LEU O 49 14.72 61.52 -48.04
N ARG O 50 15.14 62.62 -48.67
CA ARG O 50 16.47 62.63 -49.28
C ARG O 50 17.58 62.59 -48.24
N GLU O 51 17.39 63.23 -47.09
CA GLU O 51 18.39 63.09 -46.04
C GLU O 51 18.40 61.70 -45.42
N ILE O 52 17.23 61.06 -45.32
CA ILE O 52 17.19 59.66 -44.89
C ILE O 52 18.04 58.81 -45.82
N ARG O 53 17.83 58.98 -47.12
CA ARG O 53 18.61 58.22 -48.10
C ARG O 53 20.11 58.50 -47.96
N ARG O 54 20.48 59.76 -47.78
CA ARG O 54 21.88 60.10 -47.54
C ARG O 54 22.44 59.40 -46.31
N TYR O 55 21.75 59.50 -45.18
CA TYR O 55 22.28 58.96 -43.94
C TYR O 55 22.29 57.44 -43.92
N GLN O 56 21.33 56.80 -44.61
CA GLN O 56 21.43 55.36 -44.80
C GLN O 56 22.64 55.00 -45.64
N LYS O 57 22.87 55.72 -46.73
CA LYS O 57 24.00 55.36 -47.59
C LYS O 57 25.33 55.69 -46.95
N SER O 58 25.42 56.79 -46.19
CA SER O 58 26.66 57.13 -45.52
C SER O 58 26.91 56.23 -44.31
N THR O 59 28.12 56.34 -43.77
CA THR O 59 28.63 55.39 -42.78
C THR O 59 29.34 56.04 -41.60
N GLU O 60 29.42 57.37 -41.53
CA GLU O 60 30.17 58.03 -40.49
C GLU O 60 29.46 57.96 -39.14
N LEU O 61 30.20 58.30 -38.09
CA LEU O 61 29.60 58.59 -36.80
C LEU O 61 28.81 59.88 -36.87
N LEU O 62 27.59 59.85 -36.36
CA LEU O 62 26.69 60.99 -36.41
C LEU O 62 26.69 61.83 -35.15
N ILE O 63 27.05 61.27 -34.01
CA ILE O 63 27.15 62.03 -32.78
C ILE O 63 28.47 62.78 -32.70
N ARG O 64 28.41 63.98 -32.14
CA ARG O 64 29.59 64.82 -32.00
C ARG O 64 30.59 64.21 -31.03
N LYS O 65 31.86 64.32 -31.38
CA LYS O 65 32.89 63.49 -30.79
C LYS O 65 33.20 63.91 -29.36
N LEU O 66 33.70 65.12 -29.18
CA LEU O 66 34.01 65.62 -27.85
C LEU O 66 32.82 65.65 -26.90
N PRO O 67 31.63 66.06 -27.31
CA PRO O 67 30.47 65.93 -26.42
C PRO O 67 30.31 64.54 -25.85
N PHE O 68 30.45 63.51 -26.68
CA PHE O 68 30.38 62.13 -26.21
C PHE O 68 31.55 61.81 -25.27
N GLN O 69 32.76 62.22 -25.66
CA GLN O 69 33.91 61.95 -24.83
C GLN O 69 33.72 62.50 -23.42
N ARG O 70 33.28 63.77 -23.33
CA ARG O 70 32.99 64.37 -22.04
C ARG O 70 31.89 63.60 -21.31
N LEU O 71 30.78 63.36 -22.01
CA LEU O 71 29.64 62.76 -21.36
C LEU O 71 30.04 61.47 -20.66
N VAL O 72 30.71 60.58 -21.39
CA VAL O 72 31.09 59.31 -20.78
C VAL O 72 32.07 59.54 -19.65
N ARG O 73 32.96 60.53 -19.80
CA ARG O 73 33.95 60.80 -18.77
C ARG O 73 33.26 61.10 -17.45
N GLU O 74 32.18 61.87 -17.50
CA GLU O 74 31.48 62.23 -16.26
C GLU O 74 30.78 61.01 -15.67
N ILE O 75 29.93 60.36 -16.44
CA ILE O 75 29.10 59.29 -15.91
C ILE O 75 29.94 58.14 -15.39
N ALA O 76 31.11 57.91 -15.99
CA ALA O 76 32.02 56.92 -15.42
C ALA O 76 32.51 57.34 -14.03
N GLN O 77 32.67 58.64 -13.80
CA GLN O 77 33.33 59.09 -12.58
C GLN O 77 32.51 58.78 -11.33
N ASP O 78 31.22 58.53 -11.48
CA ASP O 78 30.42 58.03 -10.35
C ASP O 78 30.98 56.74 -9.77
N PHE O 79 31.64 55.91 -10.58
CA PHE O 79 32.11 54.61 -10.12
C PHE O 79 33.56 54.60 -9.66
N LYS O 80 34.41 55.47 -10.19
CA LYS O 80 35.78 55.55 -9.71
C LYS O 80 36.30 56.97 -9.91
N THR O 81 37.21 57.36 -9.02
CA THR O 81 37.71 58.73 -9.01
C THR O 81 38.27 59.15 -10.35
N ASP O 82 39.07 58.29 -11.00
CA ASP O 82 39.73 58.69 -12.24
C ASP O 82 40.06 57.47 -13.07
N LEU O 83 39.55 57.45 -14.30
CA LEU O 83 39.88 56.42 -15.28
C LEU O 83 40.55 57.12 -16.46
N ARG O 84 41.78 56.75 -16.75
CA ARG O 84 42.52 57.35 -17.85
C ARG O 84 42.22 56.59 -19.15
N PHE O 85 40.99 56.81 -19.65
CA PHE O 85 40.44 55.97 -20.70
C PHE O 85 41.36 55.84 -21.90
N GLN O 86 41.46 54.61 -22.39
CA GLN O 86 41.89 54.39 -23.77
C GLN O 86 40.88 55.00 -24.74
N SER O 87 41.37 55.91 -25.58
CA SER O 87 40.49 56.57 -26.54
C SER O 87 39.75 55.56 -27.41
N SER O 88 40.44 54.51 -27.86
CA SER O 88 39.77 53.50 -28.67
C SER O 88 38.57 52.92 -27.95
N ALA O 89 38.63 52.85 -26.62
CA ALA O 89 37.48 52.38 -25.86
C ALA O 89 36.31 53.33 -26.03
N VAL O 90 36.59 54.63 -25.99
CA VAL O 90 35.55 55.62 -26.25
C VAL O 90 34.96 55.44 -27.64
N MET O 91 35.82 55.18 -28.63
CA MET O 91 35.33 54.95 -29.99
C MET O 91 34.39 53.76 -30.02
N ALA O 92 34.78 52.67 -29.37
CA ALA O 92 33.93 51.49 -29.32
C ALA O 92 32.60 51.79 -28.66
N LEU O 93 32.62 52.55 -27.56
CA LEU O 93 31.37 52.94 -26.92
C LEU O 93 30.51 53.76 -27.86
N GLN O 94 31.12 54.66 -28.61
CA GLN O 94 30.38 55.47 -29.57
C GLN O 94 29.67 54.60 -30.58
N GLU O 95 30.40 53.66 -31.18
CA GLU O 95 29.79 52.73 -32.12
C GLU O 95 28.66 51.93 -31.49
N ALA O 96 28.88 51.41 -30.28
CA ALA O 96 27.87 50.59 -29.64
C ALA O 96 26.61 51.39 -29.39
N SER O 97 26.76 52.60 -28.88
CA SER O 97 25.61 53.45 -28.57
C SER O 97 24.86 53.82 -29.84
N GLU O 98 25.59 54.20 -30.89
CA GLU O 98 24.93 54.52 -32.15
C GLU O 98 24.11 53.33 -32.65
N ALA O 99 24.71 52.15 -32.70
CA ALA O 99 23.99 50.98 -33.18
C ALA O 99 22.75 50.70 -32.34
N TYR O 100 22.90 50.71 -31.02
CA TYR O 100 21.79 50.41 -30.14
C TYR O 100 20.65 51.41 -30.33
N LEU O 101 20.98 52.69 -30.41
CA LEU O 101 19.95 53.69 -30.61
C LEU O 101 19.25 53.52 -31.95
N VAL O 102 20.01 53.34 -33.03
CA VAL O 102 19.36 53.25 -34.33
C VAL O 102 18.44 52.04 -34.38
N ALA O 103 18.85 50.94 -33.74
CA ALA O 103 17.97 49.79 -33.66
C ALA O 103 16.67 50.12 -32.93
N LEU O 104 16.78 50.82 -31.80
CA LEU O 104 15.58 51.22 -31.09
C LEU O 104 14.72 52.15 -31.93
N PHE O 105 15.35 53.04 -32.69
CA PHE O 105 14.63 53.98 -33.51
C PHE O 105 13.83 53.29 -34.60
N GLU O 106 14.44 52.32 -35.29
CA GLU O 106 13.70 51.61 -36.32
C GLU O 106 12.58 50.78 -35.70
N ASP O 107 12.81 50.19 -34.54
CA ASP O 107 11.73 49.44 -33.88
C ASP O 107 10.56 50.35 -33.54
N THR O 108 10.84 51.49 -32.90
CA THR O 108 9.76 52.38 -32.53
C THR O 108 9.08 52.99 -33.74
N ASN O 109 9.82 53.21 -34.84
CA ASN O 109 9.16 53.63 -36.06
C ASN O 109 8.20 52.57 -36.58
N LEU O 110 8.59 51.30 -36.46
CA LEU O 110 7.64 50.23 -36.79
C LEU O 110 6.42 50.28 -35.91
N CYS O 111 6.60 50.62 -34.63
CA CYS O 111 5.45 50.80 -33.76
C CYS O 111 4.57 51.95 -34.22
N ALA O 112 5.18 53.08 -34.55
CA ALA O 112 4.41 54.25 -34.95
C ALA O 112 3.61 53.96 -36.21
N ILE O 113 4.24 53.31 -37.19
CA ILE O 113 3.50 52.98 -38.41
C ILE O 113 2.40 51.98 -38.12
N HIS O 114 2.62 51.08 -37.16
CA HIS O 114 1.52 50.23 -36.73
C HIS O 114 0.40 51.06 -36.11
N ALA O 115 0.75 52.06 -35.30
CA ALA O 115 -0.26 53.01 -34.86
C ALA O 115 -0.97 53.69 -36.02
N LYS O 116 -0.31 53.79 -37.16
CA LYS O 116 -0.76 54.47 -38.36
C LYS O 116 -0.63 55.98 -38.23
N ARG O 117 -0.07 56.48 -37.14
CA ARG O 117 0.55 57.78 -37.16
C ARG O 117 1.79 57.76 -38.05
N VAL O 118 2.37 58.93 -38.28
CA VAL O 118 3.76 59.02 -38.67
C VAL O 118 4.61 59.81 -37.68
N THR O 119 4.00 60.59 -36.78
CA THR O 119 4.75 61.25 -35.73
C THR O 119 5.20 60.24 -34.68
N ILE O 120 6.49 60.21 -34.39
CA ILE O 120 7.02 59.38 -33.31
C ILE O 120 6.70 60.01 -31.97
N MET O 121 6.17 59.20 -31.04
CA MET O 121 5.83 59.68 -29.73
C MET O 121 6.54 58.86 -28.65
N PRO O 122 6.83 59.46 -27.50
CA PRO O 122 7.51 58.72 -26.43
C PRO O 122 6.82 57.42 -26.05
N LYS O 123 5.49 57.40 -26.07
CA LYS O 123 4.76 56.17 -25.81
C LYS O 123 5.20 55.05 -26.73
N ASP O 124 5.57 55.37 -27.96
CA ASP O 124 6.10 54.33 -28.84
C ASP O 124 7.45 53.82 -28.36
N ILE O 125 8.24 54.68 -27.72
CA ILE O 125 9.50 54.24 -27.15
C ILE O 125 9.23 53.31 -25.98
N GLN O 126 8.34 53.73 -25.10
CA GLN O 126 8.03 52.94 -23.91
C GLN O 126 7.51 51.58 -24.32
N LEU O 127 6.60 51.53 -25.28
CA LEU O 127 6.14 50.27 -25.83
C LEU O 127 7.29 49.45 -26.38
N ALA O 128 8.14 50.05 -27.21
CA ALA O 128 9.24 49.31 -27.81
C ALA O 128 10.09 48.65 -26.74
N ARG O 129 10.50 49.44 -25.74
CA ARG O 129 11.36 48.90 -24.65
C ARG O 129 10.60 47.80 -23.89
N ARG O 130 9.29 48.00 -23.66
CA ARG O 130 8.50 46.98 -22.99
C ARG O 130 8.53 45.66 -23.76
N ILE O 131 8.20 45.71 -25.05
CA ILE O 131 8.15 44.50 -25.86
C ILE O 131 9.54 43.89 -25.96
N ARG O 132 10.56 44.71 -26.08
CA ARG O 132 11.92 44.20 -26.07
C ARG O 132 12.31 43.66 -24.70
N GLY O 133 11.46 43.79 -23.69
CA GLY O 133 11.79 43.32 -22.38
C GLY O 133 12.82 44.16 -21.67
N GLU O 134 13.10 45.34 -22.20
CA GLU O 134 14.16 46.19 -21.64
C GLU O 134 13.65 46.98 -20.45
N ARG O 135 12.35 47.28 -20.43
CA ARG O 135 11.70 47.80 -19.24
C ARG O 135 11.46 46.67 -18.25
N VAL P 22 28.44 70.38 -15.58
CA VAL P 22 28.12 70.80 -16.97
C VAL P 22 27.97 69.58 -17.86
N LEU P 23 28.81 68.57 -17.66
CA LEU P 23 28.74 67.36 -18.47
C LEU P 23 27.36 66.73 -18.36
N ARG P 24 26.68 66.91 -17.23
CA ARG P 24 25.27 66.60 -17.16
C ARG P 24 24.51 67.33 -18.26
N ASP P 25 24.73 68.64 -18.38
CA ASP P 25 24.19 69.39 -19.51
C ASP P 25 24.65 68.82 -20.85
N ASN P 26 25.82 68.20 -20.90
CA ASN P 26 26.26 67.47 -22.09
C ASN P 26 25.29 66.37 -22.51
N ILE P 27 24.56 65.75 -21.56
CA ILE P 27 23.49 64.87 -22.02
C ILE P 27 22.43 65.64 -22.80
N GLN P 28 22.18 66.89 -22.44
CA GLN P 28 21.46 67.78 -23.35
C GLN P 28 22.34 68.20 -24.50
N GLY P 29 23.65 68.32 -24.25
CA GLY P 29 24.60 68.72 -25.28
C GLY P 29 24.74 67.76 -26.42
N ILE P 30 24.27 66.53 -26.29
CA ILE P 30 23.96 65.75 -27.49
C ILE P 30 22.71 66.33 -28.11
N THR P 31 22.90 67.09 -29.18
CA THR P 31 21.94 68.09 -29.59
C THR P 31 20.78 67.49 -30.37
N LYS P 32 19.65 68.18 -30.31
CA LYS P 32 18.47 67.85 -31.11
C LYS P 32 18.79 67.48 -32.56
N PRO P 33 19.53 68.26 -33.32
CA PRO P 33 19.82 67.87 -34.70
C PRO P 33 20.69 66.63 -34.82
N ALA P 34 21.58 66.37 -33.88
CA ALA P 34 22.31 65.10 -33.90
C ALA P 34 21.35 63.93 -33.73
N ILE P 35 20.44 64.04 -32.77
CA ILE P 35 19.41 63.02 -32.60
C ILE P 35 18.60 62.89 -33.88
N ARG P 36 18.26 64.00 -34.51
CA ARG P 36 17.54 63.98 -35.77
C ARG P 36 18.31 63.19 -36.82
N ARG P 37 19.61 63.47 -36.95
CA ARG P 37 20.44 62.73 -37.88
C ARG P 37 20.34 61.23 -37.62
N LEU P 38 20.48 60.84 -36.36
CA LEU P 38 20.38 59.43 -36.01
C LEU P 38 19.01 58.87 -36.42
N ALA P 39 17.95 59.60 -36.11
CA ALA P 39 16.62 59.16 -36.47
C ALA P 39 16.46 59.02 -37.98
N ARG P 40 17.13 59.87 -38.74
CA ARG P 40 17.11 59.71 -40.20
C ARG P 40 17.84 58.44 -40.61
N ARG P 41 18.94 58.12 -39.94
CA ARG P 41 19.52 56.81 -40.17
C ARG P 41 18.56 55.71 -39.73
N GLY P 42 17.79 55.98 -38.67
CA GLY P 42 16.67 55.12 -38.35
C GLY P 42 15.53 55.18 -39.34
N GLY P 43 15.59 56.07 -40.32
CA GLY P 43 14.58 56.11 -41.36
C GLY P 43 13.27 56.76 -40.95
N VAL P 44 13.21 57.40 -39.79
CA VAL P 44 11.93 57.89 -39.27
C VAL P 44 11.61 59.22 -39.92
N LYS P 45 10.33 59.42 -40.24
CA LYS P 45 9.94 60.55 -41.06
C LYS P 45 9.64 61.80 -40.24
N ARG P 46 8.93 61.66 -39.12
CA ARG P 46 8.43 62.81 -38.39
C ARG P 46 8.47 62.49 -36.90
N ILE P 47 8.94 63.44 -36.09
CA ILE P 47 9.23 63.18 -34.69
C ILE P 47 8.72 64.33 -33.82
N SER P 48 8.11 63.97 -32.69
CA SER P 48 7.63 64.96 -31.73
C SER P 48 8.77 65.49 -30.87
N GLY P 49 8.56 66.68 -30.33
CA GLY P 49 9.57 67.35 -29.53
C GLY P 49 9.96 66.64 -28.25
N LEU P 50 9.16 65.67 -27.81
CA LEU P 50 9.42 64.99 -26.54
C LEU P 50 10.61 64.04 -26.65
N ILE P 51 10.84 63.47 -27.83
CA ILE P 51 11.65 62.27 -27.95
C ILE P 51 13.07 62.50 -27.46
N TYR P 52 13.58 63.72 -27.58
CA TYR P 52 14.98 63.99 -27.25
C TYR P 52 15.32 63.67 -25.79
N GLU P 53 14.55 64.17 -24.85
CA GLU P 53 14.81 63.85 -23.45
C GLU P 53 14.60 62.38 -23.14
N GLU P 54 13.61 61.76 -23.77
CA GLU P 54 13.36 60.34 -23.54
C GLU P 54 14.57 59.52 -23.97
N THR P 55 15.07 59.78 -25.17
CA THR P 55 16.21 59.04 -25.67
C THR P 55 17.46 59.36 -24.87
N ARG P 56 17.60 60.61 -24.41
CA ARG P 56 18.71 60.92 -23.51
C ARG P 56 18.68 60.04 -22.28
N GLY P 57 17.50 59.87 -21.68
CA GLY P 57 17.38 58.97 -20.54
C GLY P 57 17.74 57.54 -20.86
N VAL P 58 17.18 57.01 -21.94
CA VAL P 58 17.47 55.63 -22.32
C VAL P 58 18.96 55.42 -22.55
N LEU P 59 19.57 56.34 -23.28
CA LEU P 59 21.00 56.26 -23.53
C LEU P 59 21.79 56.31 -22.24
N LYS P 60 21.43 57.23 -21.35
CA LYS P 60 22.14 57.33 -20.09
C LYS P 60 22.11 56.01 -19.35
N VAL P 61 20.92 55.41 -19.22
CA VAL P 61 20.81 54.14 -18.50
C VAL P 61 21.67 53.06 -19.14
N PHE P 62 21.55 52.92 -20.46
CA PHE P 62 22.32 51.89 -21.16
C PHE P 62 23.81 52.07 -20.96
N LEU P 63 24.29 53.30 -21.18
CA LEU P 63 25.71 53.55 -21.11
C LEU P 63 26.23 53.40 -19.70
N GLU P 64 25.47 53.89 -18.72
CA GLU P 64 25.86 53.74 -17.33
C GLU P 64 26.05 52.27 -16.99
N ASN P 65 25.14 51.41 -17.45
CA ASN P 65 25.30 50.00 -17.18
C ASN P 65 26.58 49.45 -17.80
N VAL P 66 26.80 49.74 -19.08
CA VAL P 66 27.95 49.14 -19.74
C VAL P 66 29.24 49.63 -19.10
N ILE P 67 29.32 50.93 -18.80
CA ILE P 67 30.56 51.43 -18.20
C ILE P 67 30.74 50.88 -16.79
N ARG P 68 29.64 50.66 -16.06
CA ARG P 68 29.77 50.02 -14.75
C ARG P 68 30.48 48.68 -14.88
N ASP P 69 30.10 47.90 -15.88
CA ASP P 69 30.76 46.62 -16.09
C ASP P 69 32.21 46.79 -16.51
N ALA P 70 32.45 47.70 -17.46
CA ALA P 70 33.81 47.92 -17.93
C ALA P 70 34.73 48.35 -16.80
N VAL P 71 34.27 49.27 -15.94
CA VAL P 71 35.07 49.67 -14.80
C VAL P 71 35.26 48.52 -13.82
N THR P 72 34.28 47.64 -13.69
CA THR P 72 34.46 46.50 -12.80
C THR P 72 35.61 45.64 -13.29
N TYR P 73 35.68 45.41 -14.60
CA TYR P 73 36.87 44.77 -15.16
C TYR P 73 38.13 45.58 -14.92
N THR P 74 38.06 46.89 -15.14
CA THR P 74 39.25 47.74 -15.06
C THR P 74 39.87 47.65 -13.68
N GLU P 75 39.04 47.79 -12.65
CA GLU P 75 39.53 47.71 -11.29
C GLU P 75 39.96 46.30 -10.93
N HIS P 76 39.29 45.28 -11.47
CA HIS P 76 39.81 43.94 -11.24
C HIS P 76 41.21 43.76 -11.79
N ALA P 77 41.52 44.39 -12.92
CA ALA P 77 42.90 44.39 -13.37
C ALA P 77 43.77 45.37 -12.60
N LYS P 78 43.18 46.11 -11.66
CA LYS P 78 43.93 46.98 -10.76
C LYS P 78 44.82 47.98 -11.49
N ARG P 79 44.33 48.48 -12.63
CA ARG P 79 45.08 49.52 -13.38
C ARG P 79 44.12 50.68 -13.66
N LYS P 80 44.65 51.90 -13.70
CA LYS P 80 43.83 53.08 -13.94
C LYS P 80 43.34 53.16 -15.38
N THR P 81 44.03 52.51 -16.31
CA THR P 81 43.66 52.56 -17.71
C THR P 81 42.50 51.61 -17.99
N VAL P 82 41.39 52.15 -18.47
CA VAL P 82 40.38 51.35 -19.13
C VAL P 82 40.85 51.05 -20.55
N THR P 83 40.58 49.84 -21.03
CA THR P 83 40.93 49.46 -22.39
C THR P 83 39.67 49.15 -23.18
N ALA P 84 39.81 49.19 -24.50
CA ALA P 84 38.74 48.76 -25.38
C ALA P 84 38.37 47.31 -25.15
N MET P 85 39.35 46.48 -24.82
CA MET P 85 39.07 45.08 -24.51
C MET P 85 38.08 44.96 -23.36
N ASP P 86 38.23 45.79 -22.33
CA ASP P 86 37.28 45.78 -21.23
C ASP P 86 35.88 46.14 -21.70
N VAL P 87 35.77 47.12 -22.61
CA VAL P 87 34.47 47.45 -23.18
C VAL P 87 33.89 46.28 -23.95
N VAL P 88 34.73 45.58 -24.71
CA VAL P 88 34.27 44.42 -25.46
C VAL P 88 33.69 43.38 -24.50
N TYR P 89 34.42 43.06 -23.44
CA TYR P 89 33.91 42.13 -22.46
C TYR P 89 32.62 42.61 -21.82
N ALA P 90 32.54 43.91 -21.51
CA ALA P 90 31.33 44.43 -20.89
C ALA P 90 30.13 44.24 -21.80
N LEU P 91 30.28 44.57 -23.08
CA LEU P 91 29.20 44.32 -24.03
C LEU P 91 28.87 42.84 -24.13
N LYS P 92 29.91 42.01 -24.22
CA LYS P 92 29.71 40.58 -24.35
C LYS P 92 28.89 40.02 -23.21
N ARG P 93 29.20 40.43 -21.98
CA ARG P 93 28.39 40.00 -20.84
C ARG P 93 27.03 40.67 -20.80
N GLN P 94 26.92 41.91 -21.28
CA GLN P 94 25.59 42.45 -21.53
C GLN P 94 24.82 41.58 -22.50
N GLY P 95 25.52 40.94 -23.42
CA GLY P 95 24.92 39.96 -24.31
C GLY P 95 24.98 40.39 -25.76
N ARG P 96 25.92 41.28 -26.07
CA ARG P 96 26.01 41.86 -27.40
C ARG P 96 27.48 42.00 -27.76
N THR P 97 27.79 41.80 -29.04
CA THR P 97 29.16 41.67 -29.49
C THR P 97 29.51 42.76 -30.49
N LEU P 98 30.74 43.22 -30.43
CA LEU P 98 31.25 44.27 -31.31
C LEU P 98 32.62 43.85 -31.81
N TYR P 99 32.84 43.96 -33.12
CA TYR P 99 34.05 43.46 -33.75
C TYR P 99 35.06 44.57 -34.02
N GLY P 100 36.27 44.14 -34.37
CA GLY P 100 37.34 45.03 -34.74
C GLY P 100 38.30 45.38 -33.63
N PHE P 101 38.32 44.64 -32.54
CA PHE P 101 39.15 44.98 -31.40
C PHE P 101 39.71 43.75 -30.70
N LYS Q 32 21.09 12.32 -6.87
CA LYS Q 32 21.96 11.78 -5.79
C LYS Q 32 22.85 12.87 -5.20
N GLU Q 33 23.75 13.42 -6.03
CA GLU Q 33 24.57 14.56 -5.65
C GLU Q 33 23.71 15.82 -5.62
N SER Q 34 22.97 15.98 -4.52
CA SER Q 34 21.89 16.95 -4.45
C SER Q 34 21.93 17.66 -3.10
N TYR Q 35 21.27 18.81 -3.05
CA TYR Q 35 21.38 19.71 -1.91
C TYR Q 35 20.17 19.67 -0.99
N ALA Q 36 19.20 18.80 -1.27
CA ALA Q 36 17.93 18.86 -0.57
C ALA Q 36 18.11 18.84 0.95
N ILE Q 37 19.10 18.09 1.43
CA ILE Q 37 19.40 18.09 2.85
C ILE Q 37 19.88 19.46 3.30
N TYR Q 38 20.69 20.13 2.48
CA TYR Q 38 21.11 21.48 2.81
C TYR Q 38 19.95 22.46 2.66
N VAL Q 39 19.11 22.24 1.67
CA VAL Q 39 17.86 23.00 1.57
C VAL Q 39 17.03 22.83 2.82
N TYR Q 40 16.86 21.58 3.26
CA TYR Q 40 16.16 21.34 4.52
C TYR Q 40 16.82 22.07 5.67
N LYS Q 41 18.15 22.03 5.76
CA LYS Q 41 18.83 22.76 6.82
C LYS Q 41 18.45 24.24 6.81
N VAL Q 42 18.69 24.91 5.69
CA VAL Q 42 18.40 26.35 5.65
C VAL Q 42 16.90 26.61 5.68
N LEU Q 43 16.10 25.69 5.13
CA LEU Q 43 14.65 25.82 5.27
C LEU Q 43 14.23 25.84 6.74
N LYS Q 44 14.69 24.85 7.50
CA LYS Q 44 14.49 24.88 8.94
C LYS Q 44 15.16 26.09 9.58
N GLN Q 45 16.24 26.57 8.99
CA GLN Q 45 16.91 27.74 9.51
C GLN Q 45 16.21 29.05 9.17
N VAL Q 46 15.36 29.08 8.15
CA VAL Q 46 14.73 30.32 7.69
C VAL Q 46 13.23 30.31 7.91
N HIS Q 47 12.56 29.17 7.68
CA HIS Q 47 11.12 29.06 7.89
C HIS Q 47 10.78 27.62 8.25
N PRO Q 48 11.15 27.19 9.45
CA PRO Q 48 10.85 25.80 9.85
C PRO Q 48 9.35 25.52 9.97
N ASP Q 49 8.52 26.56 10.04
CA ASP Q 49 7.07 26.40 9.97
C ASP Q 49 6.57 26.03 8.59
N THR Q 50 7.42 26.06 7.57
CA THR Q 50 7.02 25.73 6.21
C THR Q 50 7.62 24.40 5.78
N GLY Q 51 6.77 23.53 5.25
CA GLY Q 51 7.24 22.42 4.44
C GLY Q 51 7.59 22.87 3.05
N ILE Q 52 8.04 21.91 2.24
CA ILE Q 52 8.33 22.16 0.83
C ILE Q 52 7.92 20.95 0.00
N SER Q 53 7.27 21.22 -1.12
CA SER Q 53 7.01 20.17 -2.09
C SER Q 53 8.31 19.69 -2.70
N SER Q 54 8.38 18.38 -2.98
CA SER Q 54 9.51 17.85 -3.73
C SER Q 54 9.73 18.60 -5.03
N LYS Q 55 8.64 19.04 -5.66
CA LYS Q 55 8.76 19.87 -6.86
C LYS Q 55 9.52 21.15 -6.55
N ALA Q 56 9.10 21.86 -5.50
CA ALA Q 56 9.82 23.08 -5.12
C ALA Q 56 11.25 22.78 -4.73
N MET Q 57 11.47 21.68 -3.99
CA MET Q 57 12.83 21.27 -3.66
C MET Q 57 13.67 21.04 -4.91
N SER Q 58 13.12 20.34 -5.90
CA SER Q 58 13.86 20.16 -7.15
C SER Q 58 14.12 21.49 -7.84
N ILE Q 59 13.14 22.39 -7.83
CA ILE Q 59 13.35 23.72 -8.39
C ILE Q 59 14.49 24.42 -7.66
N MET Q 60 14.55 24.28 -6.34
CA MET Q 60 15.68 24.84 -5.61
C MET Q 60 17.00 24.21 -6.06
N ASN Q 61 17.01 22.89 -6.25
CA ASN Q 61 18.22 22.24 -6.74
C ASN Q 61 18.61 22.75 -8.12
N SER Q 62 17.63 22.85 -9.02
CA SER Q 62 17.90 23.43 -10.34
C SER Q 62 18.40 24.86 -10.22
N PHE Q 63 17.75 25.65 -9.37
CA PHE Q 63 18.20 27.01 -9.11
C PHE Q 63 19.63 27.04 -8.59
N VAL Q 64 19.93 26.22 -7.59
CA VAL Q 64 21.28 26.20 -7.03
C VAL Q 64 22.31 25.88 -8.12
N ASN Q 65 22.03 24.86 -8.92
CA ASN Q 65 22.96 24.50 -9.99
C ASN Q 65 23.12 25.64 -10.99
N ASP Q 66 22.03 26.29 -11.34
CA ASP Q 66 22.09 27.38 -12.31
C ASP Q 66 22.98 28.52 -11.83
N VAL Q 67 22.75 29.00 -10.62
CA VAL Q 67 23.57 30.10 -10.12
C VAL Q 67 25.02 29.68 -9.96
N PHE Q 68 25.25 28.44 -9.54
CA PHE Q 68 26.63 27.97 -9.40
C PHE Q 68 27.37 27.99 -10.73
N GLU Q 69 26.79 27.37 -11.75
CA GLU Q 69 27.46 27.33 -13.04
C GLU Q 69 27.63 28.73 -13.64
N ARG Q 70 26.69 29.62 -13.32
CA ARG Q 70 26.75 31.02 -13.84
C ARG Q 70 27.98 31.71 -13.24
N ILE Q 71 28.11 31.70 -11.92
CA ILE Q 71 29.22 32.39 -11.26
C ILE Q 71 30.54 31.70 -11.61
N ALA Q 72 30.55 30.38 -11.63
CA ALA Q 72 31.80 29.67 -11.90
C ALA Q 72 32.26 29.89 -13.32
N GLY Q 73 31.36 29.76 -14.29
CA GLY Q 73 31.74 29.99 -15.67
C GLY Q 73 32.27 31.39 -15.90
N GLU Q 74 31.67 32.37 -15.26
CA GLU Q 74 32.17 33.74 -15.36
C GLU Q 74 33.57 33.84 -14.76
N ALA Q 75 33.73 33.42 -13.51
CA ALA Q 75 35.01 33.53 -12.85
C ALA Q 75 36.11 32.84 -13.64
N SER Q 76 35.82 31.67 -14.19
CA SER Q 76 36.79 31.01 -15.06
C SER Q 76 37.19 31.90 -16.22
N ARG Q 77 36.21 32.44 -16.94
CA ARG Q 77 36.53 33.23 -18.12
C ARG Q 77 37.22 34.52 -17.73
N LEU Q 78 36.89 35.09 -16.58
CA LEU Q 78 37.65 36.22 -16.08
C LEU Q 78 39.09 35.83 -15.77
N ALA Q 79 39.28 34.69 -15.11
CA ALA Q 79 40.64 34.25 -14.82
C ALA Q 79 41.45 34.03 -16.08
N HIS Q 80 40.86 33.36 -17.07
CA HIS Q 80 41.53 33.23 -18.35
C HIS Q 80 41.84 34.59 -18.96
N TYR Q 81 40.91 35.53 -18.87
CA TYR Q 81 41.18 36.86 -19.36
C TYR Q 81 42.35 37.50 -18.62
N ASN Q 82 42.41 37.31 -17.30
CA ASN Q 82 43.55 37.75 -16.52
C ASN Q 82 44.75 36.83 -16.68
N LYS Q 83 44.68 35.86 -17.59
CA LYS Q 83 45.79 34.95 -17.83
C LYS Q 83 46.14 34.12 -16.60
N ARG Q 84 45.16 33.87 -15.74
CA ARG Q 84 45.39 33.22 -14.46
C ARG Q 84 44.94 31.77 -14.52
N SER Q 85 45.81 30.87 -14.07
CA SER Q 85 45.49 29.46 -13.92
C SER Q 85 44.80 29.14 -12.59
N THR Q 86 44.60 30.12 -11.72
CA THR Q 86 44.00 29.90 -10.42
C THR Q 86 42.85 30.86 -10.20
N ILE Q 87 41.83 30.38 -9.49
CA ILE Q 87 40.67 31.18 -9.09
C ILE Q 87 40.77 31.43 -7.59
N THR Q 88 40.56 32.69 -7.19
CA THR Q 88 40.61 33.05 -5.77
C THR Q 88 39.37 33.82 -5.37
N SER Q 89 39.30 34.12 -4.07
CA SER Q 89 38.23 34.95 -3.52
C SER Q 89 38.00 36.23 -4.32
N ARG Q 90 39.07 36.87 -4.78
CA ARG Q 90 38.88 38.09 -5.55
C ARG Q 90 38.11 37.83 -6.84
N GLU Q 91 38.45 36.76 -7.54
CA GLU Q 91 37.75 36.48 -8.79
C GLU Q 91 36.27 36.28 -8.56
N ILE Q 92 35.91 35.45 -7.58
CA ILE Q 92 34.51 35.24 -7.28
C ILE Q 92 33.88 36.50 -6.71
N GLN Q 93 34.62 37.20 -5.85
CA GLN Q 93 34.12 38.45 -5.31
C GLN Q 93 33.84 39.47 -6.40
N THR Q 94 34.70 39.49 -7.42
CA THR Q 94 34.44 40.31 -8.59
C THR Q 94 33.28 39.78 -9.41
N ALA Q 95 33.29 38.47 -9.69
CA ALA Q 95 32.25 37.90 -10.53
C ALA Q 95 30.86 38.12 -9.94
N VAL Q 96 30.72 37.90 -8.64
CA VAL Q 96 29.40 38.06 -8.02
C VAL Q 96 28.94 39.51 -8.12
N ARG Q 97 29.86 40.45 -7.94
CA ARG Q 97 29.51 41.84 -8.12
C ARG Q 97 29.12 42.14 -9.56
N LEU Q 98 29.66 41.38 -10.50
CA LEU Q 98 29.24 41.51 -11.88
C LEU Q 98 27.85 40.91 -12.09
N LEU Q 99 27.65 39.68 -11.63
CA LEU Q 99 26.37 39.02 -11.87
C LEU Q 99 25.25 39.65 -11.08
N LEU Q 100 25.52 40.07 -9.86
CA LEU Q 100 24.40 40.13 -8.94
C LEU Q 100 23.88 41.56 -8.81
N PRO Q 101 22.56 41.73 -8.69
CA PRO Q 101 22.00 43.07 -8.45
C PRO Q 101 22.66 43.79 -7.29
N GLY Q 102 22.65 45.12 -7.38
CA GLY Q 102 23.56 45.93 -6.58
C GLY Q 102 23.45 45.72 -5.09
N GLU Q 103 22.23 45.62 -4.57
CA GLU Q 103 22.07 45.38 -3.14
C GLU Q 103 22.47 43.95 -2.80
N LEU Q 104 21.89 42.99 -3.49
CA LEU Q 104 22.23 41.59 -3.27
C LEU Q 104 23.73 41.38 -3.35
N ALA Q 105 24.39 42.07 -4.28
CA ALA Q 105 25.83 41.99 -4.43
C ALA Q 105 26.55 42.40 -3.14
N LYS Q 106 26.40 43.64 -2.72
CA LYS Q 106 27.16 44.09 -1.55
C LYS Q 106 26.76 43.36 -0.29
N HIS Q 107 25.51 42.94 -0.18
CA HIS Q 107 25.12 42.10 0.94
C HIS Q 107 25.82 40.75 0.87
N ALA Q 108 25.72 40.09 -0.29
CA ALA Q 108 26.40 38.81 -0.48
C ALA Q 108 27.91 38.95 -0.31
N VAL Q 109 28.49 40.00 -0.90
CA VAL Q 109 29.93 40.22 -0.76
C VAL Q 109 30.31 40.30 0.71
N SER Q 110 29.55 41.07 1.48
CA SER Q 110 29.83 41.17 2.91
C SER Q 110 29.70 39.82 3.58
N GLU Q 111 28.70 39.04 3.19
CA GLU Q 111 28.55 37.71 3.74
C GLU Q 111 29.73 36.81 3.38
N GLY Q 112 30.18 36.87 2.13
CA GLY Q 112 31.34 36.11 1.75
C GLY Q 112 32.60 36.51 2.49
N THR Q 113 32.84 37.82 2.60
CA THR Q 113 34.03 38.29 3.29
C THR Q 113 33.97 37.95 4.77
N LYS Q 114 32.81 38.11 5.40
CA LYS Q 114 32.65 37.65 6.78
C LYS Q 114 32.96 36.18 6.91
N ALA Q 115 32.34 35.36 6.05
CA ALA Q 115 32.53 33.91 6.14
C ALA Q 115 33.99 33.51 5.96
N VAL Q 116 34.64 34.01 4.92
CA VAL Q 116 36.03 33.66 4.70
C VAL Q 116 36.92 34.23 5.79
N THR Q 117 36.54 35.37 6.36
CA THR Q 117 37.28 35.87 7.51
C THR Q 117 37.20 34.89 8.67
N LYS Q 118 35.99 34.43 8.99
CA LYS Q 118 35.85 33.42 10.04
C LYS Q 118 36.62 32.16 9.69
N TYR Q 119 36.49 31.69 8.46
CA TYR Q 119 37.21 30.50 8.03
C TYR Q 119 38.70 30.68 8.17
N THR Q 120 39.23 31.79 7.65
CA THR Q 120 40.68 31.98 7.65
C THR Q 120 41.19 32.31 9.05
N SER Q 121 40.41 33.06 9.82
CA SER Q 121 40.83 33.37 11.18
C SER Q 121 40.82 32.13 12.06
N ALA Q 122 39.94 31.17 11.77
CA ALA Q 122 40.00 29.87 12.40
C ALA Q 122 41.23 29.10 11.92
N LYS R 16 37.49 21.26 13.33
CA LYS R 16 36.09 21.14 12.83
C LYS R 16 36.04 21.27 11.32
N THR R 17 34.97 20.76 10.71
CA THR R 17 34.85 20.75 9.26
C THR R 17 34.89 22.17 8.71
N ARG R 18 35.35 22.27 7.45
CA ARG R 18 35.54 23.58 6.82
C ARG R 18 34.24 24.38 6.86
N SER R 19 33.12 23.73 6.56
CA SER R 19 31.83 24.41 6.62
C SER R 19 31.57 24.95 8.03
N SER R 20 31.63 24.06 9.03
CA SER R 20 31.38 24.49 10.39
C SER R 20 32.45 25.47 10.86
N ARG R 21 33.67 25.35 10.34
CA ARG R 21 34.68 26.36 10.62
C ARG R 21 34.23 27.72 10.12
N ALA R 22 33.66 27.76 8.92
CA ALA R 22 33.06 28.98 8.39
C ALA R 22 31.65 29.23 8.94
N GLY R 23 31.08 28.27 9.66
CA GLY R 23 29.70 28.36 10.05
C GLY R 23 28.71 28.08 8.93
N LEU R 24 29.18 27.65 7.77
CA LEU R 24 28.35 27.52 6.59
C LEU R 24 27.64 26.18 6.57
N GLN R 25 26.48 26.16 5.92
CA GLN R 25 25.60 25.00 5.87
C GLN R 25 25.59 24.37 4.47
N PHE R 26 26.73 24.31 3.82
CA PHE R 26 26.82 23.74 2.48
C PHE R 26 28.09 22.94 2.32
N PRO R 27 28.11 21.98 1.40
CA PRO R 27 29.25 21.07 1.29
C PRO R 27 30.45 21.70 0.61
N VAL R 28 31.26 22.41 1.38
CA VAL R 28 32.45 23.06 0.83
C VAL R 28 33.32 22.05 0.09
N GLY R 29 33.44 20.85 0.65
CA GLY R 29 34.19 19.81 -0.03
C GLY R 29 33.65 19.44 -1.39
N ARG R 30 32.32 19.30 -1.50
CA ARG R 30 31.73 19.03 -2.81
C ARG R 30 32.09 20.14 -3.79
N VAL R 31 31.78 21.39 -3.44
CA VAL R 31 31.95 22.47 -4.39
C VAL R 31 33.43 22.67 -4.70
N HIS R 32 34.28 22.52 -3.69
CA HIS R 32 35.72 22.57 -3.90
C HIS R 32 36.15 21.50 -4.90
N ARG R 33 35.59 20.30 -4.76
CA ARG R 33 35.80 19.25 -5.75
C ARG R 33 35.20 19.63 -7.10
N LEU R 34 33.96 20.14 -7.08
CA LEU R 34 33.28 20.50 -8.32
C LEU R 34 34.05 21.57 -9.09
N LEU R 35 34.68 22.50 -8.38
CA LEU R 35 35.48 23.51 -9.07
C LEU R 35 36.60 22.87 -9.88
N ARG R 36 37.16 21.77 -9.41
CA ARG R 36 38.05 20.96 -10.24
C ARG R 36 37.26 20.17 -11.27
N LYS R 37 36.20 19.50 -10.84
CA LYS R 37 35.49 18.59 -11.73
C LYS R 37 34.91 19.31 -12.94
N GLY R 38 34.57 20.58 -12.81
CA GLY R 38 34.09 21.34 -13.95
C GLY R 38 35.15 22.03 -14.79
N ASN R 39 36.42 21.74 -14.58
CA ASN R 39 37.53 22.32 -15.35
C ASN R 39 37.63 23.83 -15.21
N TYR R 40 36.84 24.45 -14.35
CA TYR R 40 36.78 25.90 -14.31
C TYR R 40 38.17 26.51 -14.13
N ALA R 41 39.00 25.89 -13.31
CA ALA R 41 40.41 26.16 -13.36
C ALA R 41 41.20 24.97 -12.83
N GLU R 42 42.40 24.81 -13.38
CA GLU R 42 43.34 23.79 -12.93
C GLU R 42 43.87 24.06 -11.53
N ARG R 43 43.73 25.28 -11.03
CA ARG R 43 43.97 25.58 -9.63
C ARG R 43 42.77 26.31 -9.06
N VAL R 44 42.53 26.11 -7.76
CA VAL R 44 41.49 26.79 -7.03
C VAL R 44 42.01 27.13 -5.64
N GLY R 45 41.70 28.34 -5.17
CA GLY R 45 42.27 28.85 -3.94
C GLY R 45 41.30 28.71 -2.78
N ALA R 46 41.85 28.40 -1.61
CA ALA R 46 41.07 27.77 -0.56
C ALA R 46 39.85 28.60 -0.16
N GLY R 47 39.99 29.93 -0.20
CA GLY R 47 38.87 30.78 0.15
C GLY R 47 37.75 30.73 -0.86
N ALA R 48 38.08 30.49 -2.13
CA ALA R 48 37.06 30.58 -3.18
C ALA R 48 35.88 29.67 -2.91
N PRO R 49 36.05 28.37 -2.64
CA PRO R 49 34.87 27.55 -2.37
C PRO R 49 34.16 27.99 -1.11
N VAL R 50 34.89 28.50 -0.13
CA VAL R 50 34.26 29.03 1.07
C VAL R 50 33.43 30.25 0.73
N TYR R 51 34.05 31.20 0.03
CA TYR R 51 33.35 32.41 -0.36
C TYR R 51 32.14 32.08 -1.22
N LEU R 52 32.30 31.13 -2.13
CA LEU R 52 31.17 30.65 -2.93
C LEU R 52 30.05 30.11 -2.06
N ALA R 53 30.39 29.21 -1.13
CA ALA R 53 29.37 28.66 -0.25
C ALA R 53 28.63 29.72 0.54
N ALA R 54 29.35 30.76 0.99
CA ALA R 54 28.70 31.81 1.76
C ALA R 54 27.63 32.52 0.93
N VAL R 55 27.95 32.89 -0.31
CA VAL R 55 26.98 33.59 -1.14
C VAL R 55 25.85 32.67 -1.57
N LEU R 56 26.13 31.40 -1.80
CA LEU R 56 25.06 30.46 -2.09
C LEU R 56 24.06 30.39 -0.95
N GLU R 57 24.54 30.26 0.28
CA GLU R 57 23.65 30.25 1.44
C GLU R 57 22.85 31.54 1.52
N TYR R 58 23.52 32.67 1.35
CA TYR R 58 22.82 33.95 1.41
C TYR R 58 21.72 34.03 0.34
N LEU R 59 22.06 33.70 -0.90
CA LEU R 59 21.10 33.83 -1.98
C LEU R 59 19.86 32.97 -1.74
N THR R 60 20.04 31.70 -1.39
CA THR R 60 18.89 30.84 -1.18
C THR R 60 18.06 31.31 0.00
N ALA R 61 18.70 31.80 1.05
CA ALA R 61 17.97 32.31 2.20
C ALA R 61 17.02 33.44 1.82
N GLU R 62 17.49 34.37 0.99
CA GLU R 62 16.65 35.50 0.61
C GLU R 62 15.39 35.03 -0.13
N ILE R 63 15.55 34.12 -1.08
CA ILE R 63 14.38 33.63 -1.82
C ILE R 63 13.48 32.79 -0.92
N LEU R 64 14.07 31.95 -0.09
CA LEU R 64 13.27 31.07 0.76
C LEU R 64 12.45 31.88 1.76
N GLU R 65 13.02 32.95 2.30
CA GLU R 65 12.27 33.81 3.20
C GLU R 65 11.01 34.35 2.52
N LEU R 66 11.16 34.87 1.31
CA LEU R 66 9.99 35.36 0.58
C LEU R 66 9.01 34.24 0.27
N ALA R 67 9.51 33.09 -0.15
CA ALA R 67 8.63 31.97 -0.45
C ALA R 67 7.93 31.44 0.79
N GLY R 68 8.59 31.50 1.94
CA GLY R 68 7.94 31.13 3.18
C GLY R 68 6.78 32.05 3.53
N ASN R 69 7.00 33.36 3.38
CA ASN R 69 5.90 34.30 3.50
C ASN R 69 4.78 33.96 2.51
N ALA R 70 5.13 33.58 1.28
CA ALA R 70 4.11 33.26 0.30
C ALA R 70 3.28 32.05 0.73
N ALA R 71 3.93 30.98 1.20
CA ALA R 71 3.18 29.84 1.72
C ALA R 71 2.37 30.25 2.94
N ARG R 72 3.03 30.94 3.88
CA ARG R 72 2.35 31.37 5.10
C ARG R 72 1.16 32.26 4.78
N ASP R 73 1.34 33.20 3.87
CA ASP R 73 0.23 34.05 3.46
C ASP R 73 -0.89 33.24 2.82
N ASN R 74 -0.54 32.26 2.01
CA ASN R 74 -1.55 31.35 1.47
C ASN R 74 -2.03 30.33 2.49
N LYS R 75 -1.68 30.49 3.76
CA LYS R 75 -2.13 29.63 4.84
C LYS R 75 -1.66 28.19 4.67
N LYS R 76 -0.60 27.98 3.90
CA LYS R 76 -0.05 26.65 3.66
C LYS R 76 1.29 26.53 4.36
N THR R 77 1.52 25.38 5.00
CA THR R 77 2.87 25.05 5.45
C THR R 77 3.77 24.69 4.29
N ARG R 78 3.23 24.02 3.27
CA ARG R 78 4.07 23.56 2.17
C ARG R 78 4.44 24.75 1.30
N ILE R 79 5.75 24.98 1.15
CA ILE R 79 6.26 25.78 0.05
C ILE R 79 6.10 25.00 -1.25
N ILE R 80 5.51 25.65 -2.25
CA ILE R 80 5.25 25.01 -3.54
C ILE R 80 5.63 25.95 -4.65
N PRO R 81 5.82 25.41 -5.87
CA PRO R 81 6.24 26.26 -7.00
C PRO R 81 5.43 27.54 -7.14
N ARG R 82 4.12 27.47 -6.92
CA ARG R 82 3.32 28.68 -6.90
C ARG R 82 3.86 29.69 -5.91
N HIS R 83 4.19 29.24 -4.70
CA HIS R 83 4.68 30.15 -3.68
C HIS R 83 6.06 30.68 -4.03
N LEU R 84 6.92 29.82 -4.60
CA LEU R 84 8.20 30.28 -5.11
C LEU R 84 8.01 31.29 -6.23
N GLN R 85 7.17 30.96 -7.20
CA GLN R 85 6.96 31.86 -8.33
C GLN R 85 6.42 33.21 -7.88
N LEU R 86 5.41 33.20 -7.00
CA LEU R 86 4.90 34.45 -6.46
C LEU R 86 5.99 35.27 -5.80
N ALA R 87 6.80 34.64 -4.97
CA ALA R 87 7.94 35.34 -4.37
C ALA R 87 8.89 35.88 -5.44
N VAL R 88 9.31 35.01 -6.36
CA VAL R 88 10.32 35.40 -7.34
C VAL R 88 9.87 36.59 -8.16
N ARG R 89 8.61 36.60 -8.57
CA ARG R 89 8.11 37.68 -9.41
C ARG R 89 7.81 38.95 -8.62
N ASN R 90 7.67 38.85 -7.30
CA ASN R 90 7.36 40.04 -6.51
C ASN R 90 8.59 40.90 -6.25
N ASP R 91 9.74 40.30 -5.97
CA ASP R 91 10.98 41.07 -5.96
C ASP R 91 11.44 41.33 -7.40
N GLU R 92 11.48 42.60 -7.78
CA GLU R 92 11.99 42.96 -9.09
C GLU R 92 13.44 42.53 -9.29
N GLU R 93 14.24 42.55 -8.23
CA GLU R 93 15.64 42.16 -8.36
C GLU R 93 15.77 40.68 -8.65
N LEU R 94 15.15 39.85 -7.81
CA LEU R 94 15.06 38.43 -8.12
C LEU R 94 14.37 38.22 -9.46
N ASN R 95 13.25 38.91 -9.68
CA ASN R 95 12.52 38.74 -10.92
C ASN R 95 13.40 39.12 -12.11
N LYS R 96 14.09 40.26 -12.01
CA LYS R 96 14.94 40.68 -13.12
C LYS R 96 16.22 39.87 -13.17
N LEU R 97 16.69 39.40 -12.02
CA LEU R 97 17.76 38.40 -12.01
C LEU R 97 17.30 37.12 -12.67
N LEU R 98 16.08 36.69 -12.40
CA LEU R 98 15.55 35.42 -12.84
C LEU R 98 14.59 35.56 -14.01
N GLY R 99 14.73 36.63 -14.79
CA GLY R 99 13.74 37.00 -15.78
C GLY R 99 13.57 35.96 -16.87
N ARG R 100 14.58 35.12 -17.08
CA ARG R 100 14.50 34.03 -18.05
C ARG R 100 14.32 32.68 -17.40
N VAL R 101 14.35 32.59 -16.07
CA VAL R 101 14.01 31.35 -15.40
C VAL R 101 12.49 31.15 -15.49
N THR R 102 12.08 29.92 -15.81
CA THR R 102 10.67 29.57 -15.88
C THR R 102 10.38 28.49 -14.84
N ILE R 103 9.28 28.65 -14.11
CA ILE R 103 8.95 27.79 -12.99
C ILE R 103 7.90 26.78 -13.45
N ALA R 104 8.30 25.51 -13.48
CA ALA R 104 7.36 24.45 -13.81
C ALA R 104 6.23 24.41 -12.80
N GLN R 105 4.99 24.40 -13.29
CA GLN R 105 3.79 24.49 -12.45
C GLN R 105 3.75 25.77 -11.64
N GLY R 106 4.59 26.74 -11.95
CA GLY R 106 4.43 28.07 -11.40
C GLY R 106 3.53 28.90 -12.30
N GLY R 107 2.32 29.17 -11.82
CA GLY R 107 1.39 29.98 -12.57
C GLY R 107 1.84 31.42 -12.70
N VAL R 108 1.16 32.14 -13.58
CA VAL R 108 1.51 33.53 -13.84
C VAL R 108 1.36 34.36 -12.58
N THR S 125 16.51 32.52 11.68
CA THR S 125 17.85 32.43 12.25
C THR S 125 18.89 32.67 11.17
N ARG S 126 18.63 32.17 9.96
CA ARG S 126 19.34 32.60 8.75
C ARG S 126 18.83 33.98 8.33
N PHE S 127 19.24 34.98 9.09
CA PHE S 127 18.72 36.33 8.92
C PHE S 127 19.05 36.87 7.53
N SER S 128 18.20 37.75 7.04
CA SER S 128 18.31 38.35 5.72
C SER S 128 18.84 39.76 5.80
N ASN S 129 19.87 40.06 5.01
CA ASN S 129 20.54 41.36 5.10
C ASN S 129 19.74 42.46 4.43
N ARG S 130 19.18 42.18 3.25
CA ARG S 130 18.52 43.23 2.50
C ARG S 130 17.29 43.73 3.25
N GLN S 131 17.05 45.03 3.15
CA GLN S 131 15.80 45.65 3.56
C GLN S 131 14.96 45.88 2.30
N ASN S 132 13.79 45.26 2.26
CA ASN S 132 13.03 45.12 1.03
C ASN S 132 11.56 45.35 1.31
N LYS S 133 10.81 45.54 0.23
CA LYS S 133 9.38 45.79 0.35
C LYS S 133 8.66 44.61 1.00
N THR S 134 7.78 44.93 1.93
CA THR S 134 6.88 43.92 2.50
C THR S 134 5.82 43.54 1.47
N VAL S 135 5.48 42.25 1.46
CA VAL S 135 4.56 41.69 0.48
C VAL S 135 3.48 40.90 1.22
N ASN S 136 2.25 40.99 0.72
CA ASN S 136 1.18 40.07 1.07
C ASN S 136 0.91 39.16 -0.12
N TYR S 137 1.06 37.86 0.09
CA TYR S 137 0.90 36.87 -0.97
C TYR S 137 -0.45 36.16 -0.90
N ASN S 138 -1.26 36.44 0.11
CA ASN S 138 -2.43 35.63 0.39
C ASN S 138 -3.40 35.63 -0.79
N THR T 125 10.75 -21.87 6.64
CA THR T 125 11.08 -23.26 6.38
C THR T 125 10.31 -24.24 7.25
N ARG T 126 9.80 -23.80 8.40
CA ARG T 126 8.87 -24.57 9.21
C ARG T 126 7.50 -23.94 9.16
N PHE T 127 6.47 -24.78 9.17
CA PHE T 127 5.09 -24.33 9.08
C PHE T 127 4.22 -25.26 9.91
N SER T 128 3.19 -24.68 10.52
CA SER T 128 2.13 -25.49 11.09
C SER T 128 1.37 -26.23 10.00
N ASN T 129 0.84 -27.40 10.36
CA ASN T 129 -0.10 -28.12 9.50
C ASN T 129 -1.35 -28.50 10.26
N ARG T 130 -1.53 -27.99 11.47
CA ARG T 130 -2.82 -28.07 12.14
C ARG T 130 -3.87 -27.29 11.36
N GLN T 131 -5.10 -27.79 11.35
CA GLN T 131 -6.23 -26.94 11.02
C GLN T 131 -6.37 -25.87 12.10
N ASN T 132 -6.76 -24.67 11.69
CA ASN T 132 -6.94 -23.58 12.62
C ASN T 132 -8.00 -22.62 12.10
N LYS T 133 -8.59 -21.88 13.02
CA LYS T 133 -9.49 -20.80 12.67
C LYS T 133 -8.68 -19.60 12.18
N THR T 134 -9.39 -18.55 11.76
CA THR T 134 -8.76 -17.25 11.52
C THR T 134 -9.00 -16.33 12.71
N VAL T 135 -7.91 -15.70 13.17
CA VAL T 135 -7.88 -14.97 14.43
C VAL T 135 -7.01 -13.73 14.20
N ASN T 136 -7.36 -12.63 14.88
CA ASN T 136 -6.61 -11.40 14.74
C ASN T 136 -6.45 -10.72 16.09
N TYR T 137 -5.39 -9.94 16.20
CA TYR T 137 -5.04 -9.21 17.43
C TYR T 137 -5.23 -7.71 17.21
N ASN T 138 -5.92 -7.05 18.14
CA ASN T 138 -6.06 -5.60 18.07
C ASN T 138 -6.08 -5.04 19.49
N ILE T 139 -5.07 -4.24 19.80
CA ILE T 139 -4.98 -3.55 21.09
C ILE T 139 -5.96 -2.39 21.20
N ASP T 140 -6.28 -1.73 20.10
CA ASP T 140 -6.74 -0.35 20.13
C ASP T 140 -8.21 -0.22 19.76
N TYR T 141 -8.77 0.95 20.11
CA TYR T 141 -10.20 1.12 20.28
C TYR T 141 -10.51 2.62 20.15
N SER T 142 -11.80 2.94 20.06
CA SER T 142 -12.24 4.32 20.09
C SER T 142 -13.59 4.44 20.78
N ASP T 143 -13.81 5.61 21.40
CA ASP T 143 -14.95 5.88 22.27
C ASP T 143 -16.15 6.42 21.49
N ASP T 144 -16.47 5.72 20.40
CA ASP T 144 -17.22 6.29 19.28
C ASP T 144 -18.43 7.13 19.69
N ASP T 145 -19.27 6.61 20.58
CA ASP T 145 -20.51 7.28 20.96
C ASP T 145 -20.56 7.73 22.42
N LEU T 146 -19.44 7.72 23.13
CA LEU T 146 -19.46 8.25 24.49
C LEU T 146 -19.48 9.77 24.53
N LEU T 147 -19.16 10.44 23.42
CA LEU T 147 -19.30 11.89 23.31
C LEU T 147 -18.63 12.63 24.46
N GLY U 178 -40.16 23.05 -18.05
CA GLY U 178 -39.30 23.12 -19.26
C GLY U 178 -39.61 22.01 -20.25
N ILE U 179 -39.13 22.16 -21.48
CA ILE U 179 -39.40 21.18 -22.53
C ILE U 179 -38.52 19.95 -22.34
N ASP U 180 -39.13 18.79 -22.57
CA ASP U 180 -38.47 17.50 -22.59
C ASP U 180 -38.96 16.79 -23.85
N ILE U 181 -38.17 15.83 -24.34
CA ILE U 181 -38.15 15.52 -25.75
C ILE U 181 -39.09 14.35 -26.03
N VAL U 182 -39.85 14.50 -27.11
CA VAL U 182 -41.17 13.87 -27.23
C VAL U 182 -41.06 12.38 -27.45
N ILE U 183 -42.04 11.66 -26.92
CA ILE U 183 -42.09 10.21 -27.08
C ILE U 183 -42.28 9.86 -28.55
N ASN U 184 -43.21 10.55 -29.21
CA ASN U 184 -43.72 10.14 -30.51
C ASN U 184 -44.31 11.36 -31.20
N HIS U 185 -44.57 11.22 -32.49
CA HIS U 185 -45.09 12.30 -33.31
C HIS U 185 -46.26 11.80 -34.13
N ARG U 186 -47.18 12.72 -34.43
CA ARG U 186 -48.30 12.44 -35.31
C ARG U 186 -48.82 13.75 -35.88
N LEU U 187 -49.70 13.64 -36.86
CA LEU U 187 -50.34 14.82 -37.44
C LEU U 187 -51.17 15.57 -36.40
N LEU U 204 -41.57 22.38 -45.32
CA LEU U 204 -41.18 22.32 -43.91
C LEU U 204 -42.19 23.05 -43.04
N ASN U 205 -42.79 24.11 -43.59
CA ASN U 205 -43.82 24.85 -42.86
C ASN U 205 -45.03 23.97 -42.60
N ASN U 206 -45.34 23.05 -43.50
CA ASN U 206 -46.36 22.04 -43.23
C ASN U 206 -45.99 21.20 -42.02
N CYS U 207 -44.74 20.75 -41.94
CA CYS U 207 -44.28 19.98 -40.79
C CYS U 207 -44.42 20.77 -39.49
N LYS U 208 -44.07 22.06 -39.52
CA LYS U 208 -44.20 22.91 -38.33
C LYS U 208 -45.65 23.17 -37.92
N GLU U 209 -46.51 23.53 -38.87
CA GLU U 209 -47.91 23.83 -38.53
C GLU U 209 -48.74 22.58 -38.24
N ASN U 210 -48.71 21.58 -39.12
CA ASN U 210 -49.75 20.56 -39.11
C ASN U 210 -49.64 19.56 -37.96
N TYR U 211 -48.44 19.26 -37.49
CA TYR U 211 -48.21 18.01 -36.76
C TYR U 211 -48.28 18.20 -35.25
N GLU U 212 -48.29 17.05 -34.56
CA GLU U 212 -48.53 16.93 -33.13
C GLU U 212 -47.55 15.92 -32.55
N PHE U 213 -47.14 16.15 -31.30
CA PHE U 213 -46.02 15.43 -30.73
C PHE U 213 -46.29 15.08 -29.27
N LEU U 214 -45.83 13.89 -28.88
CA LEU U 214 -46.08 13.35 -27.54
C LEU U 214 -45.01 13.86 -26.58
N ILE U 215 -45.22 15.09 -26.11
CA ILE U 215 -44.26 15.87 -25.34
C ILE U 215 -43.92 15.15 -24.03
N LYS U 216 -42.86 15.62 -23.39
CA LYS U 216 -42.60 15.37 -21.98
C LYS U 216 -42.08 16.66 -21.39
N TRP U 217 -42.15 16.79 -20.07
CA TRP U 217 -41.73 18.02 -19.41
C TRP U 217 -40.67 17.78 -18.33
N THR U 218 -39.84 18.81 -18.16
CA THR U 218 -38.59 18.71 -17.41
C THR U 218 -38.80 18.32 -15.95
N ASP U 219 -40.02 18.44 -15.42
CA ASP U 219 -40.27 18.23 -14.01
C ASP U 219 -41.35 17.19 -13.76
N GLU U 220 -41.76 16.46 -14.80
CA GLU U 220 -42.91 15.57 -14.75
C GLU U 220 -42.47 14.22 -15.26
N SER U 221 -42.85 13.16 -14.56
CA SER U 221 -42.45 11.83 -14.96
C SER U 221 -43.03 11.42 -16.30
N HIS U 222 -42.45 10.37 -16.87
CA HIS U 222 -42.80 9.90 -18.20
C HIS U 222 -44.30 9.67 -18.38
N LEU U 223 -45.00 9.26 -17.33
CA LEU U 223 -46.44 9.10 -17.44
C LEU U 223 -47.18 10.42 -17.62
N HIS U 224 -46.53 11.55 -17.39
CA HIS U 224 -47.11 12.86 -17.70
C HIS U 224 -46.99 13.23 -19.18
N ASN U 225 -46.64 12.29 -20.04
CA ASN U 225 -46.61 12.55 -21.47
C ASN U 225 -47.99 12.94 -21.98
N THR U 226 -48.04 13.92 -22.87
CA THR U 226 -49.28 14.37 -23.49
C THR U 226 -49.02 14.77 -24.94
N TRP U 227 -50.05 14.65 -25.77
CA TRP U 227 -49.99 15.13 -27.15
C TRP U 227 -50.22 16.62 -27.21
N GLU U 228 -49.28 17.35 -27.82
CA GLU U 228 -49.27 18.79 -27.83
C GLU U 228 -48.85 19.27 -29.22
N THR U 229 -49.16 20.53 -29.51
CA THR U 229 -48.91 21.13 -30.81
C THR U 229 -48.17 22.46 -30.65
N TYR U 230 -47.49 22.82 -31.74
CA TYR U 230 -46.53 23.93 -31.72
C TYR U 230 -47.14 25.22 -31.22
N GLU U 231 -48.31 25.61 -31.75
CA GLU U 231 -48.98 26.82 -31.29
C GLU U 231 -49.60 26.65 -29.90
N SER U 232 -50.05 25.45 -29.56
CA SER U 232 -50.59 25.22 -28.23
C SER U 232 -49.53 25.40 -27.16
N ILE U 233 -48.34 24.85 -27.38
CA ILE U 233 -47.23 25.07 -26.45
C ILE U 233 -46.69 26.49 -26.60
N GLY U 234 -46.60 26.99 -27.83
CA GLY U 234 -45.92 28.25 -28.04
C GLY U 234 -44.43 28.14 -27.71
N GLN U 235 -43.81 29.32 -27.54
CA GLN U 235 -42.42 29.38 -27.11
C GLN U 235 -42.29 28.92 -25.65
N VAL U 236 -41.44 27.92 -25.43
CA VAL U 236 -41.21 27.37 -24.11
C VAL U 236 -39.73 26.97 -24.04
N ARG U 237 -39.18 27.04 -22.83
CA ARG U 237 -37.79 26.68 -22.61
C ARG U 237 -37.46 25.29 -23.16
N GLY U 238 -36.46 25.23 -24.02
CA GLY U 238 -36.01 23.98 -24.63
C GLY U 238 -36.65 23.65 -25.96
N LEU U 239 -37.34 24.60 -26.59
CA LEU U 239 -38.02 24.34 -27.85
C LEU U 239 -37.08 23.85 -28.95
N LYS U 240 -35.78 24.10 -28.84
CA LYS U 240 -34.82 23.50 -29.77
C LYS U 240 -34.87 21.99 -29.80
N ARG U 241 -35.32 21.35 -28.72
CA ARG U 241 -35.56 19.91 -28.77
C ARG U 241 -36.65 19.56 -29.76
N LEU U 242 -37.73 20.32 -29.75
CA LEU U 242 -38.75 20.13 -30.77
C LEU U 242 -38.19 20.42 -32.14
N ASP U 243 -37.35 21.45 -32.26
CA ASP U 243 -36.69 21.66 -33.54
C ASP U 243 -35.86 20.46 -33.92
N ASN U 244 -35.11 19.90 -32.98
CA ASN U 244 -34.36 18.70 -33.28
C ASN U 244 -35.28 17.57 -33.71
N TYR U 245 -36.38 17.38 -32.98
CA TYR U 245 -37.30 16.33 -33.37
C TYR U 245 -37.98 16.65 -34.68
N CYS U 246 -38.22 17.94 -34.96
CA CYS U 246 -38.73 18.29 -36.27
C CYS U 246 -37.74 17.91 -37.36
N LYS U 247 -36.48 18.23 -37.16
CA LYS U 247 -35.47 17.79 -38.11
C LYS U 247 -35.46 16.27 -38.22
N GLN U 248 -35.52 15.59 -37.08
CA GLN U 248 -35.55 14.13 -37.14
C GLN U 248 -36.76 13.65 -37.92
N PHE U 249 -37.93 14.24 -37.64
CA PHE U 249 -39.11 13.80 -38.35
C PHE U 249 -39.00 14.07 -39.84
N ILE U 250 -38.42 15.21 -40.20
CA ILE U 250 -38.18 15.47 -41.61
C ILE U 250 -37.31 14.39 -42.22
N ILE U 251 -36.17 14.10 -41.60
CA ILE U 251 -35.30 13.09 -42.20
C ILE U 251 -35.95 11.72 -42.15
N GLU U 252 -36.77 11.46 -41.13
CA GLU U 252 -37.53 10.22 -41.14
C GLU U 252 -38.43 10.15 -42.37
N ASP U 253 -39.19 11.22 -42.61
CA ASP U 253 -40.00 11.26 -43.82
C ASP U 253 -39.12 11.06 -45.05
N GLN U 254 -37.98 11.74 -45.10
CA GLN U 254 -37.10 11.59 -46.24
C GLN U 254 -36.64 10.14 -46.41
N GLN U 255 -36.17 9.52 -45.32
CA GLN U 255 -35.68 8.14 -45.44
C GLN U 255 -36.81 7.14 -45.66
N VAL U 256 -37.93 7.28 -44.96
CA VAL U 256 -38.99 6.29 -45.05
C VAL U 256 -39.77 6.40 -46.37
N ARG U 257 -39.89 7.60 -46.92
CA ARG U 257 -40.90 7.85 -47.95
C ARG U 257 -40.34 8.36 -49.27
N LEU U 258 -39.31 9.21 -49.25
CA LEU U 258 -38.83 9.83 -50.48
C LEU U 258 -37.65 9.12 -51.11
N ASP U 259 -36.72 8.60 -50.32
CA ASP U 259 -35.54 7.96 -50.91
C ASP U 259 -35.93 6.66 -51.59
N PRO U 260 -35.73 6.53 -52.92
CA PRO U 260 -36.17 5.30 -53.61
C PRO U 260 -35.27 4.10 -53.38
N TYR U 261 -34.05 4.31 -52.89
CA TYR U 261 -33.11 3.22 -52.71
C TYR U 261 -33.38 2.39 -51.47
N VAL U 262 -34.04 2.98 -50.46
CA VAL U 262 -34.13 2.33 -49.16
C VAL U 262 -34.88 1.02 -49.33
N THR U 263 -34.20 -0.08 -49.02
CA THR U 263 -34.73 -1.42 -49.21
C THR U 263 -35.75 -1.77 -48.13
N ALA U 264 -36.60 -2.75 -48.47
CA ALA U 264 -37.66 -3.17 -47.57
C ALA U 264 -37.15 -3.60 -46.21
N GLU U 265 -36.02 -4.30 -46.16
CA GLU U 265 -35.44 -4.68 -44.87
C GLU U 265 -34.91 -3.48 -44.10
N ASP U 266 -34.46 -2.43 -44.79
CA ASP U 266 -34.12 -1.19 -44.09
C ASP U 266 -35.36 -0.47 -43.55
N ILE U 267 -36.50 -0.57 -44.25
CA ILE U 267 -37.75 -0.07 -43.71
C ILE U 267 -38.19 -0.90 -42.50
N GLU U 268 -37.98 -2.22 -42.56
CA GLU U 268 -38.27 -3.07 -41.41
C GLU U 268 -37.37 -2.76 -40.22
N ILE U 269 -36.10 -2.46 -40.46
CA ILE U 269 -35.21 -2.00 -39.39
C ILE U 269 -35.63 -0.66 -38.83
N MET U 270 -36.15 0.23 -39.66
CA MET U 270 -36.72 1.48 -39.16
C MET U 270 -37.96 1.24 -38.30
N ASP U 271 -38.86 0.36 -38.75
CA ASP U 271 -40.01 -0.04 -37.95
C ASP U 271 -39.60 -0.69 -36.64
N MET U 272 -38.55 -1.51 -36.67
CA MET U 272 -38.00 -2.07 -35.43
C MET U 272 -37.51 -0.96 -34.50
N GLU U 273 -36.74 -0.01 -35.02
CA GLU U 273 -36.28 1.10 -34.20
C GLU U 273 -37.45 1.87 -33.57
N ARG U 274 -38.46 2.16 -34.39
CA ARG U 274 -39.68 2.80 -33.91
C ARG U 274 -40.33 2.01 -32.77
N GLU U 275 -40.72 0.76 -33.05
CA GLU U 275 -41.51 0.02 -32.07
C GLU U 275 -40.69 -0.33 -30.84
N ARG U 276 -39.42 -0.65 -31.01
CA ARG U 276 -38.56 -0.98 -29.88
C ARG U 276 -38.35 0.22 -28.96
N ARG U 277 -38.06 1.39 -29.53
CA ARG U 277 -37.93 2.58 -28.71
C ARG U 277 -39.25 2.98 -28.06
N LEU U 278 -40.36 2.88 -28.79
CA LEU U 278 -41.65 3.24 -28.22
C LEU U 278 -42.07 2.30 -27.09
N ASP U 279 -41.82 1.00 -27.25
CA ASP U 279 -42.00 0.05 -26.16
C ASP U 279 -41.11 0.35 -24.97
N GLU U 280 -39.87 0.80 -25.22
CA GLU U 280 -39.01 1.17 -24.11
C GLU U 280 -39.44 2.48 -23.45
N PHE U 281 -40.02 3.40 -24.20
CA PHE U 281 -40.70 4.54 -23.60
C PHE U 281 -41.90 4.12 -22.76
N GLU U 282 -42.66 3.13 -23.23
CA GLU U 282 -43.74 2.57 -22.42
C GLU U 282 -43.22 1.89 -21.15
N GLU U 283 -42.04 1.29 -21.21
CA GLU U 283 -41.37 0.79 -20.02
C GLU U 283 -40.93 1.92 -19.10
N PHE U 284 -40.48 3.04 -19.65
CA PHE U 284 -40.27 4.21 -18.83
C PHE U 284 -41.57 4.73 -18.22
N HIS U 285 -42.69 4.50 -18.91
CA HIS U 285 -44.01 4.79 -18.37
C HIS U 285 -44.47 3.80 -17.31
N VAL U 286 -43.74 2.73 -17.03
CA VAL U 286 -44.05 1.85 -15.89
C VAL U 286 -43.03 2.09 -14.79
N PRO U 287 -43.47 2.39 -13.56
CA PRO U 287 -42.55 2.41 -12.42
C PRO U 287 -41.76 1.12 -12.29
N GLU U 288 -40.60 1.23 -11.66
CA GLU U 288 -39.86 0.07 -11.15
C GLU U 288 -39.69 0.10 -9.65
N ARG U 289 -39.51 1.27 -9.04
CA ARG U 289 -39.25 1.36 -7.61
C ARG U 289 -39.87 2.62 -7.04
N ILE U 290 -40.42 2.51 -5.84
CA ILE U 290 -40.64 3.65 -4.97
C ILE U 290 -39.53 3.72 -3.95
N ILE U 291 -39.06 4.94 -3.70
CA ILE U 291 -37.93 5.19 -2.82
C ILE U 291 -38.40 5.67 -1.44
N ASP U 292 -39.35 6.60 -1.42
CA ASP U 292 -39.93 7.08 -0.18
C ASP U 292 -41.29 7.68 -0.48
N SER U 293 -42.01 8.04 0.59
CA SER U 293 -43.31 8.68 0.46
C SER U 293 -43.29 9.99 1.23
N GLN U 294 -43.96 10.99 0.69
CA GLN U 294 -44.19 12.23 1.44
C GLN U 294 -45.53 12.82 1.03
N ARG U 295 -46.19 13.48 1.98
CA ARG U 295 -47.36 14.29 1.68
C ARG U 295 -46.95 15.75 1.58
N ALA U 296 -47.42 16.42 0.54
CA ALA U 296 -47.04 17.80 0.28
C ALA U 296 -48.27 18.63 -0.07
N SER U 297 -48.21 19.91 0.32
CA SER U 297 -49.26 20.87 0.01
C SER U 297 -49.22 21.30 -1.45
N LEU U 298 -50.40 21.45 -2.03
CA LEU U 298 -50.58 21.95 -3.39
C LEU U 298 -51.02 23.41 -3.33
N GLU U 299 -50.93 24.07 -4.47
CA GLU U 299 -51.30 25.49 -4.56
C GLU U 299 -52.77 25.73 -4.24
N ASP U 300 -53.62 24.73 -4.39
CA ASP U 300 -55.01 24.83 -3.96
C ASP U 300 -55.18 24.78 -2.45
N GLY U 301 -54.10 24.59 -1.69
CA GLY U 301 -54.19 24.42 -0.26
C GLY U 301 -54.52 23.03 0.20
N THR U 302 -54.89 22.15 -0.73
CA THR U 302 -55.02 20.73 -0.44
C THR U 302 -53.63 20.13 -0.27
N SER U 303 -53.58 18.82 0.00
CA SER U 303 -52.32 18.11 0.04
C SER U 303 -52.49 16.77 -0.65
N GLN U 304 -51.39 16.23 -1.13
CA GLN U 304 -51.39 14.94 -1.80
C GLN U 304 -50.20 14.11 -1.34
N LEU U 305 -50.37 12.79 -1.39
CA LEU U 305 -49.32 11.86 -1.03
C LEU U 305 -48.59 11.45 -2.29
N GLN U 306 -47.33 11.86 -2.41
CA GLN U 306 -46.48 11.53 -3.53
C GLN U 306 -45.52 10.42 -3.11
N TYR U 307 -45.30 9.48 -4.03
CA TYR U 307 -44.26 8.48 -3.90
C TYR U 307 -43.09 8.85 -4.81
N LEU U 308 -41.89 8.85 -4.23
CA LEU U 308 -40.68 9.03 -5.02
C LEU U 308 -40.47 7.78 -5.87
N VAL U 309 -40.72 7.90 -7.16
CA VAL U 309 -40.85 6.76 -8.05
C VAL U 309 -39.66 6.77 -9.00
N LYS U 310 -38.94 5.66 -9.01
CA LYS U 310 -38.01 5.27 -10.05
C LYS U 310 -38.73 4.43 -11.09
N TRP U 311 -38.19 4.42 -12.31
CA TRP U 311 -38.89 3.86 -13.45
C TRP U 311 -38.04 2.80 -14.12
N ARG U 312 -38.73 1.90 -14.82
CA ARG U 312 -38.09 0.76 -15.45
C ARG U 312 -37.20 1.17 -16.61
N ARG U 313 -36.11 0.40 -16.79
CA ARG U 313 -35.00 0.73 -17.66
C ARG U 313 -34.35 2.06 -17.33
N LEU U 314 -34.66 2.64 -16.17
CA LEU U 314 -34.39 4.04 -15.91
C LEU U 314 -34.00 4.21 -14.46
N ASN U 315 -33.34 5.32 -14.14
CA ASN U 315 -32.62 5.47 -12.88
C ASN U 315 -33.04 6.76 -12.19
N TYR U 316 -32.46 6.96 -11.02
CA TYR U 316 -32.74 8.02 -10.05
C TYR U 316 -32.38 9.39 -10.54
N ASP U 317 -31.95 9.58 -11.78
CA ASP U 317 -32.01 10.92 -12.37
C ASP U 317 -33.44 11.30 -12.75
N GLU U 318 -34.18 10.37 -13.37
CA GLU U 318 -35.59 10.64 -13.66
C GLU U 318 -36.44 10.58 -12.40
N ALA U 319 -36.11 9.69 -11.47
CA ALA U 319 -37.07 9.34 -10.42
C ALA U 319 -37.49 10.59 -9.66
N THR U 320 -38.79 10.68 -9.37
CA THR U 320 -39.33 11.89 -8.77
C THR U 320 -40.60 11.56 -8.00
N TRP U 321 -41.01 12.50 -7.14
CA TRP U 321 -42.24 12.34 -6.39
C TRP U 321 -43.46 12.55 -7.29
N GLU U 322 -44.25 11.49 -7.46
CA GLU U 322 -45.47 11.54 -8.24
C GLU U 322 -46.59 10.97 -7.38
N ASN U 323 -47.78 11.52 -7.53
CA ASN U 323 -48.89 11.11 -6.66
C ASN U 323 -49.12 9.61 -6.73
N ALA U 324 -49.20 8.98 -5.55
CA ALA U 324 -49.40 7.54 -5.44
C ALA U 324 -50.64 7.08 -6.20
N THR U 325 -51.58 7.97 -6.49
CA THR U 325 -52.85 7.59 -7.09
C THR U 325 -52.67 6.73 -8.34
N ASP U 326 -51.59 6.94 -9.09
CA ASP U 326 -51.30 6.08 -10.24
C ASP U 326 -50.46 4.88 -9.89
N ILE U 327 -49.44 5.06 -9.04
CA ILE U 327 -48.60 3.95 -8.58
C ILE U 327 -49.47 2.80 -8.06
N VAL U 328 -50.43 3.12 -7.21
CA VAL U 328 -51.23 2.09 -6.54
C VAL U 328 -52.03 1.24 -7.51
N LYS U 329 -52.39 1.79 -8.67
CA LYS U 329 -53.11 1.01 -9.68
C LYS U 329 -52.21 0.38 -10.73
N LEU U 330 -51.11 1.03 -11.09
CA LEU U 330 -50.24 0.49 -12.14
C LEU U 330 -49.36 -0.65 -11.64
N ALA U 331 -48.84 -0.57 -10.42
CA ALA U 331 -47.89 -1.58 -9.92
C ALA U 331 -48.10 -1.78 -8.43
N PRO U 332 -49.24 -2.37 -8.05
CA PRO U 332 -49.43 -2.69 -6.63
C PRO U 332 -48.40 -3.67 -6.12
N GLU U 333 -47.90 -4.54 -7.00
CA GLU U 333 -46.72 -5.34 -6.68
C GLU U 333 -45.54 -4.47 -6.27
N GLN U 334 -45.30 -3.39 -7.02
CA GLN U 334 -44.23 -2.47 -6.64
C GLN U 334 -44.52 -1.76 -5.34
N VAL U 335 -45.79 -1.43 -5.07
CA VAL U 335 -46.14 -0.83 -3.79
C VAL U 335 -45.86 -1.79 -2.64
N LYS U 336 -46.29 -3.05 -2.79
CA LYS U 336 -45.98 -4.09 -1.82
C LYS U 336 -44.47 -4.24 -1.61
N HIS U 337 -43.72 -4.36 -2.70
CA HIS U 337 -42.26 -4.47 -2.58
C HIS U 337 -41.65 -3.25 -1.91
N PHE U 338 -42.12 -2.05 -2.25
CA PHE U 338 -41.67 -0.84 -1.58
C PHE U 338 -41.94 -0.87 -0.08
N GLN U 339 -43.16 -1.26 0.30
CA GLN U 339 -43.48 -1.42 1.72
C GLN U 339 -42.63 -2.48 2.41
N ASN U 340 -42.20 -3.51 1.68
CA ASN U 340 -41.21 -4.44 2.20
C ASN U 340 -39.84 -3.78 2.37
N ARG U 341 -39.38 -3.10 1.33
CA ARG U 341 -38.03 -2.54 1.30
C ARG U 341 -37.87 -1.39 2.29
N GLU U 342 -38.98 -0.74 2.64
CA GLU U 342 -39.03 0.23 3.72
C GLU U 342 -38.84 -0.40 5.09
N ASN U 343 -39.02 -1.72 5.24
CA ASN U 343 -39.25 -2.31 6.55
C ASN U 343 -38.51 -3.62 6.80
N SER U 344 -37.51 -3.97 6.00
CA SER U 344 -36.87 -5.28 6.15
C SER U 344 -36.07 -5.41 7.45
N LYS U 345 -35.70 -4.31 8.10
CA LYS U 345 -34.73 -4.31 9.21
C LYS U 345 -33.44 -5.07 8.88
N ILE U 346 -33.08 -5.16 7.61
CA ILE U 346 -31.76 -5.65 7.20
C ILE U 346 -30.90 -4.42 6.93
N LEU U 347 -30.15 -4.00 7.95
CA LEU U 347 -29.54 -2.68 8.00
C LEU U 347 -28.33 -2.73 8.92
N PRO U 348 -27.35 -1.84 8.74
CA PRO U 348 -26.10 -1.93 9.52
C PRO U 348 -26.28 -1.96 11.03
N GLN U 349 -27.26 -1.24 11.57
CA GLN U 349 -27.44 -1.14 13.02
C GLN U 349 -27.90 -2.44 13.67
N TYR U 350 -28.29 -3.45 12.89
CA TYR U 350 -28.82 -4.70 13.43
C TYR U 350 -27.76 -5.80 13.58
N SER U 351 -26.48 -5.51 13.35
CA SER U 351 -25.46 -6.54 13.45
C SER U 351 -24.17 -5.98 14.04
N SER U 352 -23.43 -6.86 14.71
CA SER U 352 -22.33 -6.53 15.61
C SER U 352 -20.98 -6.63 14.88
N ASN U 353 -19.90 -6.64 15.66
CA ASN U 353 -18.54 -6.85 15.15
C ASN U 353 -18.14 -8.31 15.37
N TYR U 354 -18.32 -9.13 14.34
CA TYR U 354 -18.36 -10.58 14.50
C TYR U 354 -17.00 -11.16 14.86
N THR U 355 -15.92 -10.53 14.41
CA THR U 355 -14.64 -11.19 14.20
C THR U 355 -14.16 -11.95 15.43
N SER U 356 -14.53 -11.48 16.63
CA SER U 356 -14.14 -12.16 17.86
C SER U 356 -14.57 -13.62 17.91
N GLN U 357 -15.59 -14.03 17.16
CA GLN U 357 -16.08 -15.39 17.25
C GLN U 357 -16.60 -15.87 15.90
N ARG U 358 -16.35 -17.15 15.61
CA ARG U 358 -16.78 -17.83 14.39
C ARG U 358 -17.21 -19.26 14.71
N PRO U 359 -18.51 -19.56 14.71
CA PRO U 359 -18.97 -20.94 14.88
C PRO U 359 -18.74 -21.78 13.63
N ARG U 360 -18.66 -23.09 13.85
CA ARG U 360 -18.40 -24.05 12.79
C ARG U 360 -19.59 -24.15 11.83
N PHE U 361 -19.32 -24.69 10.65
CA PHE U 361 -20.34 -25.15 9.72
C PHE U 361 -19.84 -26.39 9.01
N GLU U 362 -20.76 -27.24 8.58
CA GLU U 362 -20.42 -28.40 7.77
C GLU U 362 -21.51 -28.66 6.72
N LYS U 363 -21.10 -29.40 5.69
CA LYS U 363 -21.85 -29.52 4.44
C LYS U 363 -23.27 -30.06 4.68
N LEU U 364 -24.19 -29.63 3.80
CA LEU U 364 -25.62 -29.89 3.94
C LEU U 364 -26.16 -30.32 2.57
N SER U 365 -27.34 -30.93 2.59
CA SER U 365 -27.92 -31.56 1.40
C SER U 365 -29.33 -31.07 1.09
N VAL U 366 -29.69 -29.85 1.49
CA VAL U 366 -31.07 -29.37 1.38
C VAL U 366 -31.11 -28.12 0.50
N GLN U 367 -32.18 -28.01 -0.30
CA GLN U 367 -32.40 -26.84 -1.13
C GLN U 367 -32.53 -25.61 -0.23
N PRO U 368 -31.91 -24.48 -0.60
CA PRO U 368 -32.06 -23.28 0.22
C PRO U 368 -33.49 -22.78 0.27
N PRO U 369 -34.07 -22.65 1.47
CA PRO U 369 -35.50 -22.32 1.56
C PRO U 369 -35.81 -20.88 1.20
N PHE U 370 -34.80 -20.01 1.22
CA PHE U 370 -34.95 -18.59 0.90
C PHE U 370 -35.21 -18.35 -0.57
N ILE U 371 -35.04 -19.35 -1.43
CA ILE U 371 -34.82 -19.13 -2.85
C ILE U 371 -36.10 -19.41 -3.61
N LYS U 372 -36.45 -18.48 -4.48
CA LYS U 372 -37.65 -18.53 -5.31
C LYS U 372 -37.35 -18.79 -6.77
N GLY U 373 -36.10 -18.65 -7.18
CA GLY U 373 -35.73 -18.38 -8.55
C GLY U 373 -35.48 -19.63 -9.38
N GLY U 374 -35.47 -20.80 -8.75
CA GLY U 374 -35.17 -22.02 -9.45
C GLY U 374 -34.89 -23.18 -8.52
N GLU U 375 -33.96 -24.04 -8.90
CA GLU U 375 -33.71 -25.26 -8.15
C GLU U 375 -32.21 -25.57 -8.22
N LEU U 376 -31.51 -25.32 -7.11
CA LEU U 376 -30.13 -25.75 -7.01
C LEU U 376 -30.05 -27.26 -7.16
N ARG U 377 -28.99 -27.70 -7.82
CA ARG U 377 -28.53 -29.08 -7.71
C ARG U 377 -27.40 -29.19 -6.71
N ASP U 378 -26.93 -30.44 -6.54
CA ASP U 378 -25.91 -30.77 -5.56
C ASP U 378 -24.69 -29.87 -5.67
N PHE U 379 -24.29 -29.51 -6.88
CA PHE U 379 -23.09 -28.69 -7.02
C PHE U 379 -23.31 -27.27 -6.53
N GLN U 380 -24.42 -26.63 -6.89
CA GLN U 380 -24.68 -25.29 -6.37
C GLN U 380 -24.81 -25.32 -4.86
N LEU U 381 -25.58 -26.28 -4.36
CA LEU U 381 -25.73 -26.43 -2.92
C LEU U 381 -24.40 -26.65 -2.23
N THR U 382 -23.53 -27.47 -2.82
CA THR U 382 -22.22 -27.69 -2.23
C THR U 382 -21.35 -26.45 -2.30
N GLY U 383 -21.56 -25.60 -3.29
CA GLY U 383 -21.05 -24.24 -3.25
C GLY U 383 -21.45 -23.52 -1.97
N ILE U 384 -22.75 -23.48 -1.75
CA ILE U 384 -23.28 -22.84 -0.54
C ILE U 384 -22.63 -23.44 0.69
N ASN U 385 -22.61 -24.76 0.75
CA ASN U 385 -22.07 -25.49 1.89
C ASN U 385 -20.62 -25.12 2.15
N TRP U 386 -19.79 -25.20 1.12
CA TRP U 386 -18.36 -25.01 1.31
C TRP U 386 -18.04 -23.56 1.64
N MET U 387 -18.75 -22.62 1.02
CA MET U 387 -18.61 -21.22 1.42
C MET U 387 -19.03 -21.02 2.88
N ALA U 388 -20.09 -21.68 3.32
CA ALA U 388 -20.51 -21.56 4.71
C ALA U 388 -19.49 -22.14 5.67
N PHE U 389 -18.93 -23.31 5.33
CA PHE U 389 -17.86 -23.89 6.11
C PHE U 389 -16.65 -22.96 6.17
N LEU U 390 -16.25 -22.40 5.03
CA LEU U 390 -15.11 -21.50 5.00
C LEU U 390 -15.37 -20.27 5.88
N TRP U 391 -16.56 -19.69 5.75
CA TRP U 391 -16.96 -18.60 6.65
C TRP U 391 -16.88 -19.04 8.10
N SER U 392 -17.19 -20.29 8.38
CA SER U 392 -17.25 -20.78 9.74
C SER U 392 -15.88 -21.11 10.31
N LYS U 393 -14.90 -21.40 9.46
CA LYS U 393 -13.51 -21.25 9.89
C LYS U 393 -13.19 -19.79 10.17
N GLY U 394 -13.95 -18.86 9.58
CA GLY U 394 -13.77 -17.44 9.76
C GLY U 394 -13.26 -16.74 8.53
N ASP U 395 -13.09 -17.47 7.42
CA ASP U 395 -12.12 -17.16 6.40
C ASP U 395 -12.77 -16.38 5.25
N ASN U 396 -11.93 -16.03 4.29
CA ASN U 396 -12.32 -15.48 3.01
C ASN U 396 -11.96 -16.51 1.94
N GLY U 397 -12.78 -16.63 0.89
CA GLY U 397 -12.68 -17.79 0.03
C GLY U 397 -12.79 -17.44 -1.44
N ILE U 398 -12.47 -18.43 -2.26
CA ILE U 398 -12.56 -18.33 -3.72
C ILE U 398 -13.47 -19.42 -4.26
N LEU U 399 -14.33 -19.02 -5.18
CA LEU U 399 -15.21 -19.92 -5.91
C LEU U 399 -14.70 -20.00 -7.35
N ALA U 400 -14.33 -21.20 -7.78
CA ALA U 400 -13.82 -21.40 -9.13
C ALA U 400 -14.32 -22.71 -9.71
N ASP U 401 -15.53 -23.11 -9.36
CA ASP U 401 -16.29 -23.97 -10.25
C ASP U 401 -16.52 -23.26 -11.58
N GLU U 402 -16.55 -24.05 -12.65
CA GLU U 402 -16.37 -23.55 -14.00
C GLU U 402 -17.28 -22.39 -14.37
N MET U 403 -16.83 -21.60 -15.33
CA MET U 403 -17.57 -20.45 -15.82
C MET U 403 -18.98 -20.81 -16.26
N GLY U 404 -19.93 -19.93 -15.94
CA GLY U 404 -21.35 -20.17 -16.18
C GLY U 404 -22.03 -21.17 -15.29
N LEU U 405 -21.30 -21.91 -14.46
CA LEU U 405 -21.92 -22.89 -13.57
C LEU U 405 -22.41 -22.22 -12.28
N GLY U 406 -23.45 -21.40 -12.43
CA GLY U 406 -24.34 -21.14 -11.33
C GLY U 406 -23.84 -20.16 -10.30
N LYS U 407 -22.59 -19.78 -10.38
CA LYS U 407 -22.05 -18.94 -9.29
C LYS U 407 -23.05 -17.86 -8.88
N THR U 408 -23.57 -17.08 -9.84
CA THR U 408 -24.43 -15.97 -9.44
C THR U 408 -25.56 -16.45 -8.53
N VAL U 409 -26.28 -17.49 -8.95
CA VAL U 409 -27.36 -17.99 -8.11
C VAL U 409 -26.81 -18.54 -6.81
N GLN U 410 -25.66 -19.18 -6.87
CA GLN U 410 -25.03 -19.74 -5.68
C GLN U 410 -24.66 -18.64 -4.70
N THR U 411 -24.03 -17.59 -5.18
CA THR U 411 -23.59 -16.49 -4.34
C THR U 411 -24.76 -15.74 -3.72
N VAL U 412 -25.83 -15.51 -4.50
CA VAL U 412 -27.00 -14.89 -3.89
C VAL U 412 -27.62 -15.82 -2.86
N ALA U 413 -27.61 -17.13 -3.10
CA ALA U 413 -28.16 -18.06 -2.13
C ALA U 413 -27.32 -18.08 -0.86
N PHE U 414 -26.00 -17.96 -1.00
CA PHE U 414 -25.12 -17.94 0.15
C PHE U 414 -25.25 -16.65 0.93
N ILE U 415 -25.33 -15.52 0.24
CA ILE U 415 -25.52 -14.25 0.93
C ILE U 415 -26.85 -14.23 1.64
N SER U 416 -27.88 -14.81 1.03
CA SER U 416 -29.16 -14.97 1.71
C SER U 416 -29.04 -15.84 2.94
N TRP U 417 -28.37 -16.99 2.80
CA TRP U 417 -28.13 -17.85 3.95
C TRP U 417 -27.42 -17.13 5.10
N LEU U 418 -26.32 -16.44 4.81
CA LEU U 418 -25.58 -15.78 5.88
C LEU U 418 -26.34 -14.58 6.45
N ILE U 419 -27.12 -13.88 5.63
CA ILE U 419 -28.00 -12.85 6.19
C ILE U 419 -28.98 -13.47 7.16
N PHE U 420 -29.68 -14.52 6.72
CA PHE U 420 -30.67 -15.18 7.55
C PHE U 420 -30.02 -16.04 8.64
N ALA U 421 -29.08 -16.90 8.24
CA ALA U 421 -28.45 -17.81 9.20
C ALA U 421 -27.47 -17.08 10.11
N ARG U 422 -26.58 -16.29 9.53
CA ARG U 422 -25.53 -15.61 10.29
C ARG U 422 -25.91 -14.18 10.66
N ARG U 423 -27.17 -13.79 10.46
CA ARG U 423 -27.64 -12.46 10.83
C ARG U 423 -26.77 -11.36 10.24
N GLN U 424 -26.28 -11.58 9.02
CA GLN U 424 -25.36 -10.63 8.38
C GLN U 424 -26.15 -9.45 7.80
N ASN U 425 -26.90 -8.80 8.69
CA ASN U 425 -27.81 -7.74 8.28
C ASN U 425 -27.08 -6.49 7.83
N GLY U 426 -25.81 -6.34 8.20
CA GLY U 426 -25.04 -5.18 7.84
C GLY U 426 -24.63 -5.22 6.38
N PRO U 427 -24.35 -4.04 5.81
CA PRO U 427 -24.22 -3.95 4.35
C PRO U 427 -23.29 -4.98 3.78
N HIS U 428 -23.63 -5.47 2.59
CA HIS U 428 -22.74 -6.27 1.77
C HIS U 428 -22.54 -5.55 0.46
N ILE U 429 -21.30 -5.58 -0.04
CA ILE U 429 -20.94 -4.93 -1.29
C ILE U 429 -20.59 -6.01 -2.30
N ILE U 430 -21.29 -5.99 -3.41
CA ILE U 430 -21.05 -6.90 -4.53
C ILE U 430 -20.47 -6.05 -5.65
N VAL U 431 -19.25 -6.35 -6.07
CA VAL U 431 -18.62 -5.64 -7.18
C VAL U 431 -18.63 -6.53 -8.41
N VAL U 432 -19.03 -5.95 -9.53
CA VAL U 432 -19.59 -6.69 -10.65
C VAL U 432 -19.13 -6.01 -11.94
N PRO U 433 -18.83 -6.76 -12.99
CA PRO U 433 -18.58 -6.10 -14.27
C PRO U 433 -19.85 -5.53 -14.84
N LEU U 434 -19.74 -4.30 -15.36
CA LEU U 434 -20.89 -3.50 -15.74
C LEU U 434 -21.98 -4.28 -16.47
N SER U 435 -21.58 -5.03 -17.51
CA SER U 435 -22.56 -5.70 -18.35
C SER U 435 -23.42 -6.69 -17.57
N THR U 436 -22.89 -7.25 -16.49
CA THR U 436 -23.64 -8.24 -15.75
C THR U 436 -24.43 -7.67 -14.61
N MET U 437 -24.26 -6.38 -14.29
CA MET U 437 -25.03 -5.79 -13.20
C MET U 437 -26.53 -6.02 -13.35
N PRO U 438 -27.15 -5.86 -14.52
CA PRO U 438 -28.58 -6.23 -14.65
C PRO U 438 -28.90 -7.69 -14.36
N ALA U 439 -28.06 -8.60 -14.80
CA ALA U 439 -28.32 -10.01 -14.52
C ALA U 439 -28.24 -10.31 -13.05
N TRP U 440 -27.27 -9.73 -12.37
CA TRP U 440 -27.22 -9.90 -10.92
C TRP U 440 -28.50 -9.36 -10.30
N LEU U 441 -28.92 -8.17 -10.71
CA LEU U 441 -30.20 -7.66 -10.26
C LEU U 441 -31.30 -8.67 -10.57
N ASP U 442 -31.35 -9.12 -11.82
CA ASP U 442 -32.36 -10.09 -12.20
C ASP U 442 -32.31 -11.34 -11.35
N THR U 443 -31.09 -11.75 -10.95
CA THR U 443 -30.99 -12.88 -10.06
C THR U 443 -31.73 -12.60 -8.76
N PHE U 444 -31.39 -11.50 -8.11
CA PHE U 444 -32.14 -11.14 -6.92
C PHE U 444 -33.61 -11.07 -7.24
N GLU U 445 -33.95 -10.34 -8.30
CA GLU U 445 -35.35 -10.11 -8.64
C GLU U 445 -36.09 -11.39 -8.97
N LYS U 446 -35.37 -12.49 -9.09
CA LYS U 446 -36.01 -13.78 -9.25
C LYS U 446 -35.71 -14.72 -8.10
N TRP U 447 -34.47 -14.71 -7.61
CA TRP U 447 -34.06 -15.71 -6.63
C TRP U 447 -34.39 -15.31 -5.20
N ALA U 448 -34.27 -14.03 -4.86
CA ALA U 448 -34.69 -13.54 -3.54
C ALA U 448 -35.29 -12.15 -3.70
N PRO U 449 -36.38 -12.04 -4.45
CA PRO U 449 -36.86 -10.72 -4.86
C PRO U 449 -37.25 -9.83 -3.68
N ASP U 450 -37.52 -10.44 -2.53
CA ASP U 450 -37.94 -9.74 -1.32
C ASP U 450 -36.80 -9.02 -0.62
N LEU U 451 -35.55 -9.25 -1.01
CA LEU U 451 -34.44 -8.58 -0.36
C LEU U 451 -34.40 -7.10 -0.76
N ASN U 452 -33.85 -6.28 0.14
CA ASN U 452 -33.74 -4.84 -0.08
C ASN U 452 -32.32 -4.54 -0.52
N CYS U 453 -32.13 -4.49 -1.83
CA CYS U 453 -30.80 -4.37 -2.41
C CYS U 453 -30.91 -3.45 -3.61
N ILE U 454 -29.76 -2.89 -3.98
CA ILE U 454 -29.73 -1.77 -4.90
C ILE U 454 -28.52 -1.92 -5.80
N CYS U 455 -28.55 -1.26 -6.95
CA CYS U 455 -27.40 -1.07 -7.80
C CYS U 455 -27.02 0.40 -7.84
N TYR U 456 -25.73 0.69 -7.79
CA TYR U 456 -25.21 2.05 -7.63
C TYR U 456 -24.45 2.44 -8.89
N MET U 457 -24.98 3.41 -9.63
CA MET U 457 -24.40 3.80 -10.92
C MET U 457 -24.81 5.23 -11.23
N GLY U 458 -24.27 5.73 -12.33
CA GLY U 458 -24.75 6.94 -12.96
C GLY U 458 -24.05 8.21 -12.52
N ASN U 459 -24.56 9.31 -13.07
CA ASN U 459 -23.96 10.61 -12.84
C ASN U 459 -23.97 10.97 -11.36
N GLN U 460 -23.19 12.01 -11.04
CA GLN U 460 -23.10 12.47 -9.68
C GLN U 460 -24.47 12.77 -9.10
N LYS U 461 -25.35 13.37 -9.89
CA LYS U 461 -26.73 13.58 -9.46
C LYS U 461 -27.42 12.27 -9.11
N SER U 462 -27.35 11.29 -10.00
CA SER U 462 -27.93 9.98 -9.72
C SER U 462 -27.38 9.40 -8.43
N ARG U 463 -26.06 9.38 -8.30
CA ARG U 463 -25.42 8.77 -7.13
C ARG U 463 -25.72 9.53 -5.86
N ASP U 464 -25.85 10.85 -5.95
CA ASP U 464 -26.23 11.68 -4.80
C ASP U 464 -27.65 11.40 -4.37
N THR U 465 -28.58 11.38 -5.31
CA THR U 465 -29.97 11.10 -4.95
C THR U 465 -30.13 9.68 -4.41
N ILE U 466 -29.36 8.74 -4.93
CA ILE U 466 -29.33 7.40 -4.36
C ILE U 466 -28.79 7.42 -2.93
N ARG U 467 -27.67 8.09 -2.71
CA ARG U 467 -27.10 8.13 -1.37
C ARG U 467 -28.09 8.74 -0.38
N GLU U 468 -28.65 9.90 -0.72
CA GLU U 468 -29.47 10.60 0.26
C GLU U 468 -30.81 9.92 0.46
N TYR U 469 -31.52 9.63 -0.64
CA TYR U 469 -32.82 8.97 -0.53
C TYR U 469 -32.72 7.47 -0.29
N GLU U 470 -31.94 6.76 -1.12
CA GLU U 470 -31.84 5.32 -0.96
C GLU U 470 -30.98 4.89 0.24
N PHE U 471 -29.77 5.43 0.38
CA PHE U 471 -28.99 4.98 1.53
C PHE U 471 -29.51 5.58 2.83
N TYR U 472 -29.61 6.91 2.89
CA TYR U 472 -29.62 7.55 4.20
C TYR U 472 -31.00 7.42 4.82
N THR U 473 -31.02 7.08 6.10
CA THR U 473 -32.18 7.30 6.95
C THR U 473 -31.88 8.46 7.88
N ASN U 474 -32.75 9.46 7.87
CA ASN U 474 -32.66 10.60 8.77
C ASN U 474 -31.25 11.20 8.79
N PRO U 475 -30.71 11.58 7.61
CA PRO U 475 -29.39 12.22 7.56
C PRO U 475 -29.37 13.58 8.25
N LYS U 481 -25.96 8.60 10.36
CA LYS U 481 -26.73 7.97 9.30
C LYS U 481 -26.79 6.45 9.49
N THR U 482 -27.84 5.86 8.92
CA THR U 482 -27.98 4.41 8.80
C THR U 482 -28.63 4.10 7.47
N MET U 483 -28.23 2.98 6.86
CA MET U 483 -28.38 2.81 5.42
C MET U 483 -29.45 1.77 5.15
N LYS U 484 -30.45 2.19 4.35
CA LYS U 484 -31.67 1.43 4.16
C LYS U 484 -31.42 0.07 3.54
N PHE U 485 -30.39 -0.06 2.71
CA PHE U 485 -30.18 -1.28 1.95
C PHE U 485 -29.36 -2.30 2.73
N ASN U 486 -29.58 -3.56 2.39
CA ASN U 486 -28.74 -4.67 2.84
C ASN U 486 -27.58 -4.93 1.90
N VAL U 487 -27.78 -4.82 0.59
CA VAL U 487 -26.77 -5.15 -0.40
C VAL U 487 -26.71 -4.05 -1.45
N LEU U 488 -25.49 -3.64 -1.78
CA LEU U 488 -25.23 -2.71 -2.87
C LEU U 488 -24.40 -3.40 -3.94
N LEU U 489 -24.93 -3.46 -5.14
CA LEU U 489 -24.14 -3.75 -6.33
C LEU U 489 -23.43 -2.49 -6.82
N THR U 490 -22.18 -2.66 -7.23
CA THR U 490 -21.41 -1.59 -7.84
C THR U 490 -20.51 -2.19 -8.91
N THR U 491 -20.11 -1.34 -9.85
CA THR U 491 -18.96 -1.66 -10.66
C THR U 491 -17.68 -1.18 -10.00
N TYR U 492 -16.55 -1.64 -10.55
CA TYR U 492 -15.25 -1.30 -10.01
C TYR U 492 -15.04 0.20 -9.95
N GLU U 493 -15.30 0.89 -11.06
CA GLU U 493 -15.05 2.32 -11.14
C GLU U 493 -15.97 3.12 -10.23
N TYR U 494 -17.21 2.68 -10.04
CA TYR U 494 -18.07 3.36 -9.09
C TYR U 494 -17.61 3.20 -7.65
N ILE U 495 -16.73 2.24 -7.36
CA ILE U 495 -16.04 2.26 -6.09
C ILE U 495 -15.13 3.48 -6.00
N LEU U 496 -14.27 3.66 -6.99
CA LEU U 496 -13.37 4.81 -7.01
C LEU U 496 -14.16 6.12 -7.01
N LYS U 497 -15.34 6.12 -7.61
CA LYS U 497 -16.18 7.31 -7.62
C LYS U 497 -16.63 7.72 -6.23
N ASP U 498 -16.63 6.80 -5.25
CA ASP U 498 -17.07 7.14 -3.90
C ASP U 498 -16.24 6.38 -2.88
N ARG U 499 -14.93 6.34 -3.10
CA ARG U 499 -14.06 5.42 -2.36
C ARG U 499 -14.20 5.62 -0.85
N ALA U 500 -13.92 6.83 -0.38
CA ALA U 500 -13.98 7.09 1.07
C ALA U 500 -15.40 7.07 1.60
N GLU U 501 -16.36 7.47 0.78
CA GLU U 501 -17.75 7.54 1.22
C GLU U 501 -18.27 6.15 1.52
N LEU U 502 -18.16 5.25 0.55
CA LEU U 502 -18.57 3.87 0.78
C LEU U 502 -17.64 3.17 1.76
N GLY U 503 -16.36 3.55 1.80
CA GLY U 503 -15.45 3.04 2.81
C GLY U 503 -15.80 3.46 4.22
N SER U 504 -16.70 4.43 4.38
CA SER U 504 -17.14 4.81 5.71
C SER U 504 -18.13 3.79 6.28
N ILE U 505 -18.74 2.97 5.43
CA ILE U 505 -19.64 1.93 5.91
C ILE U 505 -18.82 0.80 6.52
N LYS U 506 -19.31 0.26 7.64
CA LYS U 506 -18.81 -1.01 8.16
C LYS U 506 -19.40 -2.16 7.35
N TRP U 507 -18.70 -2.55 6.29
CA TRP U 507 -19.13 -3.67 5.48
C TRP U 507 -18.98 -4.98 6.22
N GLN U 508 -19.99 -5.84 6.06
CA GLN U 508 -19.93 -7.20 6.57
C GLN U 508 -19.49 -8.22 5.53
N PHE U 509 -19.65 -7.94 4.24
CA PHE U 509 -19.26 -8.91 3.23
C PHE U 509 -18.87 -8.20 1.94
N MET U 510 -17.72 -8.60 1.40
CA MET U 510 -17.29 -8.23 0.06
C MET U 510 -17.43 -9.43 -0.85
N ALA U 511 -18.07 -9.24 -2.00
CA ALA U 511 -18.11 -10.28 -3.02
C ALA U 511 -17.63 -9.69 -4.34
N VAL U 512 -16.94 -10.52 -5.12
CA VAL U 512 -16.19 -10.01 -6.26
C VAL U 512 -16.33 -10.94 -7.45
N ASP U 513 -17.15 -10.54 -8.43
CA ASP U 513 -17.22 -11.25 -9.70
C ASP U 513 -15.98 -10.96 -10.54
N GLU U 514 -15.62 -11.93 -11.38
CA GLU U 514 -14.43 -11.86 -12.22
C GLU U 514 -13.21 -11.39 -11.43
N ALA U 515 -13.01 -12.02 -10.27
CA ALA U 515 -12.10 -11.47 -9.27
C ALA U 515 -10.67 -11.35 -9.79
N HIS U 516 -10.32 -12.02 -10.88
CA HIS U 516 -9.05 -11.74 -11.52
C HIS U 516 -8.94 -10.30 -11.99
N ARG U 517 -10.05 -9.56 -11.98
CA ARG U 517 -9.97 -8.11 -12.06
C ARG U 517 -9.01 -7.56 -11.01
N LEU U 518 -8.85 -8.29 -9.91
CA LEU U 518 -7.83 -7.95 -8.91
C LEU U 518 -6.64 -8.86 -9.17
N LYS U 519 -5.68 -8.32 -9.92
CA LYS U 519 -4.49 -9.05 -10.31
C LYS U 519 -3.34 -8.81 -9.33
N ASN U 520 -3.18 -7.57 -8.87
CA ASN U 520 -1.99 -7.19 -8.14
C ASN U 520 -2.32 -6.18 -7.07
N ALA U 521 -1.47 -6.14 -6.05
CA ALA U 521 -1.75 -5.33 -4.86
C ALA U 521 -1.83 -3.84 -5.20
N GLU U 522 -1.11 -3.41 -6.23
CA GLU U 522 -1.00 -2.00 -6.58
C GLU U 522 -2.15 -1.50 -7.43
N SER U 523 -3.05 -2.37 -7.87
CA SER U 523 -4.22 -1.89 -8.58
C SER U 523 -4.98 -0.90 -7.72
N SER U 524 -5.43 0.18 -8.34
CA SER U 524 -6.23 1.17 -7.63
C SER U 524 -7.45 0.53 -6.99
N LEU U 525 -8.03 -0.45 -7.69
CA LEU U 525 -9.10 -1.24 -7.09
C LEU U 525 -8.60 -2.00 -5.87
N TYR U 526 -7.47 -2.70 -5.99
CA TYR U 526 -6.95 -3.46 -4.87
C TYR U 526 -6.66 -2.55 -3.69
N GLU U 527 -6.08 -1.39 -3.96
CA GLU U 527 -5.90 -0.38 -2.93
C GLU U 527 -7.23 -0.04 -2.26
N SER U 528 -8.22 0.35 -3.04
CA SER U 528 -9.47 0.82 -2.46
C SER U 528 -10.13 -0.27 -1.64
N LEU U 529 -10.16 -1.49 -2.17
CA LEU U 529 -10.74 -2.63 -1.46
C LEU U 529 -10.01 -2.98 -0.19
N ASN U 530 -8.74 -2.60 -0.05
CA ASN U 530 -8.06 -2.83 1.21
C ASN U 530 -8.05 -1.60 2.11
N SER U 531 -8.39 -0.44 1.56
CA SER U 531 -8.77 0.69 2.40
C SER U 531 -10.13 0.44 3.03
N PHE U 532 -11.05 -0.18 2.30
CA PHE U 532 -12.24 -0.72 2.93
C PHE U 532 -11.86 -1.81 3.93
N LYS U 533 -12.69 -1.96 4.95
CA LYS U 533 -12.61 -3.06 5.89
C LYS U 533 -13.91 -3.84 5.89
N VAL U 534 -13.82 -5.16 6.04
CA VAL U 534 -14.97 -6.04 5.91
C VAL U 534 -14.73 -7.26 6.78
N ALA U 535 -15.83 -7.87 7.23
CA ALA U 535 -15.75 -9.12 7.97
C ALA U 535 -15.45 -10.33 7.10
N ASN U 536 -15.82 -10.29 5.82
CA ASN U 536 -15.65 -11.46 4.96
C ASN U 536 -15.39 -11.02 3.53
N ARG U 537 -14.65 -11.86 2.80
CA ARG U 537 -14.37 -11.64 1.39
C ARG U 537 -14.58 -12.93 0.62
N MET U 538 -15.17 -12.81 -0.56
CA MET U 538 -15.38 -13.95 -1.43
C MET U 538 -15.18 -13.56 -2.88
N LEU U 539 -14.27 -14.27 -3.53
CA LEU U 539 -13.77 -13.94 -4.85
C LEU U 539 -14.24 -15.03 -5.81
N ILE U 540 -14.92 -14.64 -6.88
CA ILE U 540 -15.60 -15.57 -7.77
C ILE U 540 -14.95 -15.47 -9.13
N THR U 541 -14.43 -16.60 -9.61
CA THR U 541 -14.02 -16.67 -11.01
C THR U 541 -13.82 -18.12 -11.46
N GLY U 542 -14.42 -18.47 -12.59
CA GLY U 542 -14.37 -19.82 -13.09
C GLY U 542 -12.97 -20.29 -13.45
N THR U 543 -12.00 -19.38 -13.46
CA THR U 543 -10.60 -19.78 -13.47
C THR U 543 -9.77 -18.88 -12.56
N PRO U 544 -9.04 -19.45 -11.60
CA PRO U 544 -8.58 -18.67 -10.45
C PRO U 544 -7.38 -17.78 -10.77
N LEU U 545 -6.58 -18.15 -11.77
CA LEU U 545 -5.46 -17.33 -12.15
C LEU U 545 -5.33 -17.29 -13.67
N GLN U 546 -5.12 -16.08 -14.20
CA GLN U 546 -4.90 -15.89 -15.62
C GLN U 546 -3.52 -16.35 -16.05
N ASN U 547 -2.47 -15.90 -15.35
CA ASN U 547 -1.13 -15.89 -15.90
C ASN U 547 -0.06 -16.50 -14.99
N ASN U 548 0.03 -16.05 -13.74
CA ASN U 548 1.28 -16.21 -13.02
C ASN U 548 1.05 -16.29 -11.52
N ILE U 549 1.97 -16.98 -10.85
CA ILE U 549 1.89 -17.25 -9.42
C ILE U 549 1.73 -15.97 -8.61
N LYS U 550 2.32 -14.87 -9.08
CA LYS U 550 2.23 -13.63 -8.31
C LYS U 550 0.80 -13.12 -8.21
N GLU U 551 0.00 -13.35 -9.24
CA GLU U 551 -1.40 -12.94 -9.18
C GLU U 551 -2.15 -13.75 -8.12
N LEU U 552 -1.94 -15.06 -8.12
CA LEU U 552 -2.58 -15.90 -7.11
C LEU U 552 -2.10 -15.55 -5.71
N ALA U 553 -0.81 -15.24 -5.58
CA ALA U 553 -0.28 -14.76 -4.31
C ALA U 553 -0.98 -13.49 -3.84
N ALA U 554 -1.20 -12.54 -4.75
CA ALA U 554 -1.94 -11.33 -4.40
C ALA U 554 -3.38 -11.65 -4.02
N LEU U 555 -4.00 -12.59 -4.70
CA LEU U 555 -5.35 -13.00 -4.32
C LEU U 555 -5.38 -13.59 -2.92
N VAL U 556 -4.51 -14.54 -2.63
CA VAL U 556 -4.53 -15.19 -1.33
C VAL U 556 -4.13 -14.22 -0.23
N ASN U 557 -3.25 -13.26 -0.52
CA ASN U 557 -2.98 -12.18 0.42
C ASN U 557 -4.22 -11.33 0.65
N PHE U 558 -5.01 -11.10 -0.39
CA PHE U 558 -6.26 -10.36 -0.20
C PHE U 558 -7.24 -11.15 0.65
N LEU U 559 -7.27 -12.47 0.49
CA LEU U 559 -8.10 -13.30 1.35
C LEU U 559 -7.57 -13.28 2.78
N MET U 560 -6.28 -13.54 2.94
CA MET U 560 -5.70 -13.78 4.26
C MET U 560 -4.28 -13.26 4.22
N PRO U 561 -4.09 -11.96 4.47
CA PRO U 561 -2.81 -11.32 4.15
C PRO U 561 -1.64 -11.90 4.95
N GLY U 562 -0.57 -12.22 4.23
CA GLY U 562 0.62 -12.81 4.81
C GLY U 562 0.49 -14.21 5.34
N ARG U 563 -0.72 -14.79 5.37
CA ARG U 563 -0.88 -16.09 5.99
C ARG U 563 -0.25 -17.21 5.18
N PHE U 564 -0.07 -17.03 3.88
CA PHE U 564 0.51 -18.05 3.02
C PHE U 564 1.91 -17.66 2.58
N THR U 565 2.86 -18.57 2.80
CA THR U 565 4.28 -18.38 2.52
C THR U 565 4.55 -18.56 1.03
N ILE U 566 3.83 -17.84 0.19
CA ILE U 566 4.00 -17.89 -1.26
C ILE U 566 4.83 -16.71 -1.71
N ASP U 567 5.99 -16.99 -2.30
CA ASP U 567 6.99 -15.97 -2.57
C ASP U 567 7.89 -16.40 -3.71
N GLN U 568 8.45 -15.39 -4.39
CA GLN U 568 9.27 -15.61 -5.57
C GLN U 568 10.42 -16.59 -5.32
N GLU U 569 10.89 -16.66 -4.07
CA GLU U 569 12.05 -17.51 -3.76
C GLU U 569 11.83 -18.95 -4.19
N ILE U 570 10.59 -19.42 -4.21
CA ILE U 570 10.20 -20.59 -4.98
C ILE U 570 9.19 -20.14 -6.02
N ASP U 571 9.54 -20.31 -7.29
CA ASP U 571 8.73 -19.83 -8.39
C ASP U 571 8.81 -20.80 -9.57
N PHE U 572 7.91 -20.58 -10.53
CA PHE U 572 7.57 -21.54 -11.58
C PHE U 572 8.66 -21.66 -12.64
N GLU U 573 9.80 -22.25 -12.29
CA GLU U 573 10.63 -22.86 -13.32
C GLU U 573 9.85 -23.95 -14.02
N ASN U 574 9.97 -23.98 -15.36
CA ASN U 574 9.07 -24.81 -16.16
C ASN U 574 9.10 -26.26 -15.74
N GLN U 575 10.27 -26.78 -15.35
CA GLN U 575 10.34 -27.97 -14.54
C GLN U 575 11.40 -27.81 -13.46
N ASP U 576 11.01 -28.05 -12.21
CA ASP U 576 11.93 -28.01 -11.09
C ASP U 576 11.32 -28.81 -9.95
N GLU U 577 12.10 -29.75 -9.41
CA GLU U 577 11.60 -30.55 -8.31
C GLU U 577 11.19 -29.69 -7.12
N GLU U 578 11.96 -28.64 -6.84
CA GLU U 578 11.67 -27.79 -5.70
C GLU U 578 10.40 -26.98 -5.91
N GLN U 579 10.27 -26.34 -7.07
CA GLN U 579 9.05 -25.62 -7.36
C GLN U 579 7.85 -26.55 -7.53
N GLU U 580 8.04 -27.72 -8.12
CA GLU U 580 6.93 -28.66 -8.25
C GLU U 580 6.48 -29.22 -6.90
N GLU U 581 7.44 -29.49 -6.01
CA GLU U 581 7.08 -29.78 -4.62
C GLU U 581 6.32 -28.62 -3.99
N TYR U 582 6.86 -27.41 -4.09
CA TYR U 582 6.23 -26.32 -3.37
C TYR U 582 4.87 -25.94 -3.95
N ILE U 583 4.68 -26.11 -5.26
CA ILE U 583 3.37 -25.88 -5.85
C ILE U 583 2.37 -26.94 -5.42
N HIS U 584 2.81 -28.19 -5.21
CA HIS U 584 1.88 -29.15 -4.61
C HIS U 584 1.63 -28.86 -3.13
N ASP U 585 2.62 -28.32 -2.43
CA ASP U 585 2.43 -27.89 -1.05
C ASP U 585 1.45 -26.72 -0.95
N LEU U 586 1.64 -25.71 -1.81
CA LEU U 586 0.67 -24.63 -1.91
C LEU U 586 -0.70 -25.14 -2.33
N HIS U 587 -0.74 -26.09 -3.26
CA HIS U 587 -2.02 -26.68 -3.67
C HIS U 587 -2.75 -27.26 -2.48
N ARG U 588 -2.09 -28.11 -1.70
CA ARG U 588 -2.73 -28.71 -0.54
C ARG U 588 -3.04 -27.67 0.54
N ARG U 589 -2.20 -26.64 0.68
CA ARG U 589 -2.49 -25.56 1.62
C ARG U 589 -3.76 -24.81 1.25
N ILE U 590 -3.89 -24.46 -0.02
CA ILE U 590 -5.02 -23.69 -0.51
C ILE U 590 -6.30 -24.52 -0.61
N GLN U 591 -6.18 -25.82 -0.86
CA GLN U 591 -7.36 -26.59 -1.28
C GLN U 591 -8.54 -26.44 -0.34
N PRO U 592 -8.37 -26.34 0.99
CA PRO U 592 -9.52 -26.04 1.84
C PRO U 592 -10.17 -24.71 1.52
N PHE U 593 -9.50 -23.84 0.76
CA PHE U 593 -9.93 -22.46 0.56
C PHE U 593 -10.31 -22.18 -0.89
N ILE U 594 -10.33 -23.20 -1.74
CA ILE U 594 -10.80 -23.08 -3.11
C ILE U 594 -11.87 -24.13 -3.39
N LEU U 595 -12.90 -23.73 -4.14
CA LEU U 595 -13.86 -24.65 -4.71
C LEU U 595 -13.74 -24.61 -6.23
N ARG U 596 -13.59 -25.79 -6.84
CA ARG U 596 -13.42 -25.87 -8.28
C ARG U 596 -14.03 -27.16 -8.82
N ARG U 597 -14.72 -27.05 -9.94
CA ARG U 597 -15.28 -28.20 -10.64
C ARG U 597 -15.45 -27.84 -12.10
N LEU U 598 -15.53 -28.87 -12.94
CA LEU U 598 -15.96 -28.71 -14.32
C LEU U 598 -17.38 -29.23 -14.52
N LYS U 599 -17.97 -28.84 -15.64
CA LYS U 599 -19.22 -29.48 -16.07
C LYS U 599 -19.02 -30.99 -16.18
N LYS U 600 -17.81 -31.41 -16.55
CA LYS U 600 -17.49 -32.82 -16.62
C LYS U 600 -17.76 -33.50 -15.29
N ASP U 601 -17.40 -32.83 -14.20
CA ASP U 601 -17.82 -33.27 -12.88
C ASP U 601 -19.29 -32.98 -12.67
N VAL U 602 -19.70 -31.74 -12.93
CA VAL U 602 -20.93 -31.22 -12.35
C VAL U 602 -22.16 -31.82 -13.01
N GLU U 603 -22.25 -31.77 -14.34
CA GLU U 603 -23.51 -32.14 -15.00
C GLU U 603 -23.21 -32.62 -16.42
N LYS U 604 -23.04 -33.94 -16.57
CA LYS U 604 -22.77 -34.55 -17.86
C LYS U 604 -23.87 -34.26 -18.86
N SER U 605 -25.06 -33.88 -18.39
CA SER U 605 -26.12 -33.44 -19.30
C SER U 605 -25.68 -32.29 -20.20
N LEU U 606 -24.83 -31.42 -19.72
CA LEU U 606 -24.38 -30.30 -20.52
C LEU U 606 -23.47 -30.79 -21.65
N PRO U 607 -23.85 -30.59 -22.91
CA PRO U 607 -23.05 -31.16 -24.01
C PRO U 607 -21.74 -30.42 -24.17
N SER U 608 -20.77 -31.12 -24.75
CA SER U 608 -19.40 -30.65 -24.78
C SER U 608 -19.18 -29.63 -25.90
N LYS U 609 -17.95 -29.15 -25.98
CA LYS U 609 -17.48 -28.23 -27.00
C LYS U 609 -16.57 -28.94 -27.99
N THR U 610 -16.86 -28.79 -29.27
CA THR U 610 -15.82 -28.94 -30.28
C THR U 610 -14.97 -27.68 -30.29
N GLU U 611 -13.66 -27.87 -30.33
CA GLU U 611 -12.72 -26.77 -30.50
C GLU U 611 -11.64 -27.13 -31.51
N ARG U 612 -11.36 -26.21 -32.43
CA ARG U 612 -10.44 -26.49 -33.52
C ARG U 612 -9.75 -25.20 -33.93
N ILE U 613 -8.51 -25.34 -34.38
CA ILE U 613 -7.76 -24.27 -35.01
C ILE U 613 -7.94 -24.34 -36.53
N LEU U 614 -8.06 -23.19 -37.16
CA LEU U 614 -8.23 -23.07 -38.60
C LEU U 614 -6.99 -22.37 -39.15
N ARG U 615 -5.99 -23.16 -39.52
CA ARG U 615 -4.80 -22.62 -40.16
C ARG U 615 -5.16 -22.08 -41.53
N VAL U 616 -4.75 -20.83 -41.80
CA VAL U 616 -5.10 -20.19 -43.06
C VAL U 616 -3.90 -19.42 -43.58
N GLU U 617 -3.86 -19.29 -44.90
CA GLU U 617 -2.77 -18.65 -45.62
C GLU U 617 -2.97 -17.13 -45.71
N LEU U 618 -1.85 -16.43 -45.86
CA LEU U 618 -1.88 -15.00 -46.12
C LEU U 618 -2.39 -14.74 -47.53
N SER U 619 -3.13 -13.64 -47.69
CA SER U 619 -3.31 -13.07 -49.01
C SER U 619 -1.99 -12.50 -49.52
N ASP U 620 -1.99 -12.12 -50.79
CA ASP U 620 -0.89 -11.32 -51.32
C ASP U 620 -0.77 -10.00 -50.58
N VAL U 621 -1.91 -9.37 -50.30
CA VAL U 621 -1.89 -8.11 -49.54
C VAL U 621 -1.26 -8.35 -48.18
N GLN U 622 -1.67 -9.42 -47.51
CA GLN U 622 -1.08 -9.81 -46.23
C GLN U 622 0.41 -10.04 -46.37
N THR U 623 0.82 -10.83 -47.35
CA THR U 623 2.24 -11.10 -47.56
C THR U 623 3.03 -9.82 -47.76
N GLU U 624 2.52 -8.93 -48.60
CA GLU U 624 3.16 -7.64 -48.85
C GLU U 624 3.34 -6.84 -47.58
N TYR U 625 2.25 -6.59 -46.86
CA TYR U 625 2.33 -5.76 -45.66
C TYR U 625 3.20 -6.41 -44.58
N TYR U 626 3.06 -7.72 -44.39
CA TYR U 626 3.87 -8.39 -43.38
C TYR U 626 5.34 -8.29 -43.72
N LYS U 627 5.71 -8.58 -44.96
CA LYS U 627 7.07 -8.29 -45.43
C LYS U 627 7.47 -6.85 -45.15
N ASN U 628 6.59 -5.91 -45.45
CA ASN U 628 6.89 -4.50 -45.27
C ASN U 628 6.93 -4.09 -43.81
N ILE U 629 6.69 -5.03 -42.90
CA ILE U 629 7.04 -4.87 -41.51
C ILE U 629 8.35 -5.57 -41.20
N LEU U 630 8.57 -6.73 -41.81
CA LEU U 630 9.84 -7.43 -41.66
C LEU U 630 10.95 -6.60 -42.28
N THR U 631 10.76 -6.19 -43.52
CA THR U 631 11.54 -5.08 -44.07
C THR U 631 11.05 -3.77 -43.47
N LYS U 632 11.99 -2.84 -43.31
CA LYS U 632 11.70 -1.53 -42.73
C LYS U 632 11.59 -0.53 -43.87
N ASN U 633 10.37 -0.27 -44.32
CA ASN U 633 10.14 0.51 -45.52
C ASN U 633 9.32 1.74 -45.13
N TYR U 634 10.02 2.84 -44.88
CA TYR U 634 9.36 4.09 -44.54
C TYR U 634 8.56 4.63 -45.71
N SER U 635 8.95 4.30 -46.94
CA SER U 635 8.13 4.65 -48.11
C SER U 635 6.81 3.89 -48.12
N ALA U 636 6.86 2.59 -47.81
CA ALA U 636 5.63 1.82 -47.67
C ALA U 636 4.76 2.35 -46.55
N LEU U 637 5.37 2.76 -45.44
CA LEU U 637 4.62 3.45 -44.39
C LEU U 637 4.00 4.74 -44.91
N THR U 638 4.76 5.50 -45.71
CA THR U 638 4.27 6.75 -46.26
C THR U 638 3.15 6.51 -47.27
N ALA U 639 3.20 5.41 -48.01
CA ALA U 639 2.09 4.97 -48.83
C ALA U 639 0.96 4.33 -48.01
N GLY U 640 1.06 4.35 -46.68
CA GLY U 640 0.09 3.67 -45.84
C GLY U 640 0.23 2.16 -45.87
N PHE U 646 2.38 4.23 -40.14
CA PHE U 646 3.39 5.26 -40.28
C PHE U 646 4.36 5.24 -39.09
N SER U 647 4.20 4.25 -38.23
CA SER U 647 5.03 4.08 -37.05
C SER U 647 5.58 2.67 -37.01
N LEU U 648 6.84 2.54 -36.59
CA LEU U 648 7.46 1.25 -36.34
C LEU U 648 7.64 0.96 -34.86
N LEU U 649 7.09 1.81 -34.00
CA LEU U 649 7.44 1.82 -32.58
C LEU U 649 6.83 0.66 -31.80
N ASN U 650 5.89 -0.10 -32.38
CA ASN U 650 5.58 -1.44 -31.88
C ASN U 650 5.36 -2.37 -33.07
N ILE U 651 6.43 -3.07 -33.47
CA ILE U 651 6.39 -3.87 -34.68
C ILE U 651 5.46 -5.06 -34.51
N MET U 652 5.44 -5.65 -33.32
CA MET U 652 4.56 -6.79 -33.08
C MET U 652 3.11 -6.41 -33.29
N ASN U 653 2.68 -5.28 -32.72
CA ASN U 653 1.29 -4.87 -32.87
C ASN U 653 0.98 -4.55 -34.33
N GLU U 654 1.86 -3.81 -34.99
CA GLU U 654 1.64 -3.46 -36.38
C GLU U 654 1.45 -4.72 -37.24
N LEU U 655 2.37 -5.67 -37.12
CA LEU U 655 2.27 -6.87 -37.94
C LEU U 655 1.12 -7.76 -37.52
N LYS U 656 0.76 -7.81 -36.24
CA LYS U 656 -0.37 -8.62 -35.82
C LYS U 656 -1.68 -8.07 -36.38
N LYS U 657 -1.90 -6.76 -36.23
CA LYS U 657 -3.13 -6.20 -36.76
C LYS U 657 -3.16 -6.26 -38.28
N ALA U 658 -2.03 -6.02 -38.94
CA ALA U 658 -1.98 -6.27 -40.38
C ALA U 658 -2.37 -7.71 -40.69
N SER U 659 -1.79 -8.66 -39.95
CA SER U 659 -2.01 -10.08 -40.19
C SER U 659 -3.48 -10.46 -40.06
N ASN U 660 -4.24 -9.80 -39.18
CA ASN U 660 -5.69 -9.99 -39.25
C ASN U 660 -6.29 -9.28 -40.46
N HIS U 661 -5.90 -8.03 -40.70
CA HIS U 661 -6.50 -7.37 -41.87
C HIS U 661 -5.66 -6.19 -42.34
N PRO U 662 -5.29 -6.12 -43.62
CA PRO U 662 -4.61 -4.92 -44.13
C PRO U 662 -5.47 -3.67 -44.14
N TYR U 663 -6.80 -3.79 -44.15
CA TYR U 663 -7.65 -2.60 -44.11
C TYR U 663 -7.52 -1.82 -42.82
N LEU U 664 -6.85 -2.37 -41.82
CA LEU U 664 -6.49 -1.57 -40.65
C LEU U 664 -5.47 -0.51 -40.97
N PHE U 665 -4.96 -0.45 -42.20
CA PHE U 665 -4.31 0.73 -42.72
C PHE U 665 -5.21 1.36 -43.78
N ASP U 666 -5.64 2.60 -43.53
CA ASP U 666 -6.79 3.15 -44.24
C ASP U 666 -6.52 3.34 -45.73
N ASN U 667 -5.27 3.62 -46.10
CA ASN U 667 -4.93 3.75 -47.51
C ASN U 667 -4.96 2.42 -48.25
N ALA U 668 -4.95 1.30 -47.53
CA ALA U 668 -5.01 0.00 -48.19
C ALA U 668 -6.32 -0.19 -48.95
N GLU U 669 -7.44 0.26 -48.38
CA GLU U 669 -8.71 0.11 -49.06
C GLU U 669 -8.75 0.87 -50.38
N GLU U 670 -8.22 2.10 -50.40
CA GLU U 670 -8.10 2.84 -51.65
C GLU U 670 -7.24 2.10 -52.66
N ARG U 671 -6.00 1.80 -52.29
CA ARG U 671 -5.07 1.24 -53.26
C ARG U 671 -5.48 -0.15 -53.73
N VAL U 672 -6.16 -0.92 -52.87
CA VAL U 672 -6.72 -2.20 -53.27
C VAL U 672 -7.87 -2.01 -54.25
N LEU U 673 -8.87 -1.21 -53.89
CA LEU U 673 -10.04 -1.09 -54.77
C LEU U 673 -9.70 -0.37 -56.07
N GLN U 674 -8.68 0.48 -56.05
CA GLN U 674 -8.19 1.10 -57.28
C GLN U 674 -7.37 0.13 -58.13
N LYS U 675 -6.59 -0.76 -57.53
CA LYS U 675 -5.89 -1.74 -58.36
C LYS U 675 -6.86 -2.79 -58.90
N PHE U 676 -7.92 -3.09 -58.15
CA PHE U 676 -9.08 -3.75 -58.75
C PHE U 676 -9.72 -2.85 -59.80
N GLY U 677 -9.85 -1.57 -59.49
CA GLY U 677 -10.50 -0.62 -60.38
C GLY U 677 -12.01 -0.70 -60.34
N ASP U 678 -12.56 -1.90 -60.50
CA ASP U 678 -13.99 -2.11 -60.30
C ASP U 678 -14.39 -2.19 -58.82
N GLY U 679 -13.43 -2.43 -57.92
CA GLY U 679 -13.79 -2.67 -56.54
C GLY U 679 -14.61 -1.54 -55.95
N LYS U 680 -14.15 -0.31 -56.16
CA LYS U 680 -14.90 0.87 -55.71
C LYS U 680 -16.30 0.93 -56.32
N MET U 681 -16.50 0.37 -57.50
CA MET U 681 -17.63 0.78 -58.33
C MET U 681 -18.97 0.29 -57.79
N THR U 682 -19.02 -0.88 -57.14
CA THR U 682 -20.31 -1.41 -56.71
C THR U 682 -20.16 -2.11 -55.37
N ARG U 683 -21.31 -2.25 -54.70
CA ARG U 683 -21.36 -2.96 -53.42
C ARG U 683 -20.75 -4.35 -53.54
N GLU U 684 -21.08 -5.08 -54.60
CA GLU U 684 -20.57 -6.44 -54.77
C GLU U 684 -19.07 -6.44 -55.02
N ASN U 685 -18.59 -5.47 -55.82
CA ASN U 685 -17.16 -5.38 -56.08
C ASN U 685 -16.39 -4.94 -54.84
N VAL U 686 -16.97 -4.05 -54.04
CA VAL U 686 -16.39 -3.72 -52.74
C VAL U 686 -16.35 -4.95 -51.85
N LEU U 687 -17.47 -5.66 -51.76
CA LEU U 687 -17.55 -6.87 -50.93
C LEU U 687 -16.47 -7.88 -51.29
N ARG U 688 -16.32 -8.18 -52.57
CA ARG U 688 -15.24 -9.05 -53.04
C ARG U 688 -13.86 -8.48 -52.72
N GLY U 689 -13.61 -7.22 -53.10
CA GLY U 689 -12.28 -6.66 -52.89
C GLY U 689 -11.90 -6.62 -51.42
N LEU U 690 -12.88 -6.46 -50.54
CA LEU U 690 -12.66 -6.63 -49.12
C LEU U 690 -12.34 -8.08 -48.80
N ILE U 691 -13.29 -8.98 -49.04
CA ILE U 691 -13.22 -10.29 -48.41
C ILE U 691 -12.02 -11.07 -48.91
N MET U 692 -11.60 -10.81 -50.16
CA MET U 692 -10.42 -11.48 -50.69
C MET U 692 -9.15 -11.14 -49.93
N SER U 693 -9.11 -10.02 -49.21
CA SER U 693 -7.84 -9.47 -48.77
C SER U 693 -7.25 -10.20 -47.57
N SER U 694 -7.99 -11.08 -46.90
CA SER U 694 -7.40 -11.97 -45.92
C SER U 694 -7.95 -13.38 -46.09
N GLY U 695 -7.05 -14.37 -46.05
CA GLY U 695 -7.46 -15.75 -46.22
C GLY U 695 -8.46 -16.19 -45.16
N LYS U 696 -8.27 -15.73 -43.92
CA LYS U 696 -9.25 -16.01 -42.88
C LYS U 696 -10.62 -15.46 -43.25
N MET U 697 -10.66 -14.26 -43.82
CA MET U 697 -11.95 -13.70 -44.23
C MET U 697 -12.62 -14.55 -45.29
N VAL U 698 -11.84 -15.06 -46.25
CA VAL U 698 -12.42 -15.95 -47.27
C VAL U 698 -12.95 -17.22 -46.62
N LEU U 699 -12.14 -17.86 -45.78
CA LEU U 699 -12.56 -19.10 -45.13
C LEU U 699 -13.81 -18.88 -44.30
N LEU U 700 -13.79 -17.86 -43.45
CA LEU U 700 -14.91 -17.62 -42.57
C LEU U 700 -16.15 -17.20 -43.35
N ASP U 701 -15.98 -16.51 -44.48
CA ASP U 701 -17.13 -16.23 -45.32
C ASP U 701 -17.74 -17.50 -45.88
N GLN U 702 -16.90 -18.46 -46.27
CA GLN U 702 -17.43 -19.76 -46.70
C GLN U 702 -18.17 -20.44 -45.56
N LEU U 703 -17.55 -20.48 -44.39
CA LEU U 703 -18.17 -21.12 -43.23
C LEU U 703 -19.47 -20.42 -42.84
N LEU U 704 -19.46 -19.09 -42.81
CA LEU U 704 -20.66 -18.33 -42.54
C LEU U 704 -21.77 -18.62 -43.53
N THR U 705 -21.44 -18.72 -44.82
CA THR U 705 -22.45 -19.09 -45.81
C THR U 705 -23.01 -20.48 -45.53
N ARG U 706 -22.14 -21.40 -45.11
CA ARG U 706 -22.61 -22.72 -44.70
C ARG U 706 -23.55 -22.64 -43.50
N LEU U 707 -23.15 -21.92 -42.47
CA LEU U 707 -24.02 -21.76 -41.29
C LEU U 707 -25.33 -21.06 -41.63
N LYS U 708 -25.28 -20.08 -42.53
CA LYS U 708 -26.48 -19.43 -43.04
C LYS U 708 -27.43 -20.45 -43.65
N LYS U 709 -26.89 -21.38 -44.43
CA LYS U 709 -27.74 -22.44 -44.95
C LYS U 709 -28.17 -23.39 -43.83
N ASP U 710 -27.28 -23.61 -42.85
CA ASP U 710 -27.59 -24.44 -41.70
C ASP U 710 -28.64 -23.81 -40.79
N GLY U 711 -28.67 -22.48 -40.72
CA GLY U 711 -29.46 -21.83 -39.67
C GLY U 711 -28.79 -21.81 -38.32
N HIS U 712 -27.48 -22.00 -38.28
CA HIS U 712 -26.73 -22.03 -37.02
C HIS U 712 -26.53 -20.61 -36.47
N ARG U 713 -26.45 -20.54 -35.14
CA ARG U 713 -26.34 -19.29 -34.41
C ARG U 713 -24.94 -19.19 -33.86
N VAL U 714 -24.29 -18.04 -34.05
CA VAL U 714 -22.84 -17.97 -33.93
C VAL U 714 -22.38 -16.67 -33.29
N LEU U 715 -21.31 -16.79 -32.51
CA LEU U 715 -20.63 -15.70 -31.85
C LEU U 715 -19.26 -15.48 -32.48
N ILE U 716 -18.98 -14.23 -32.81
CA ILE U 716 -17.71 -13.79 -33.37
C ILE U 716 -17.01 -13.04 -32.26
N PHE U 717 -15.73 -13.32 -32.02
CA PHE U 717 -14.97 -12.54 -31.07
C PHE U 717 -13.70 -11.99 -31.70
N SER U 718 -13.33 -10.77 -31.29
CA SER U 718 -11.99 -10.32 -31.63
C SER U 718 -11.45 -9.38 -30.56
N GLN U 719 -10.12 -9.29 -30.53
CA GLN U 719 -9.43 -8.28 -29.72
C GLN U 719 -9.56 -6.87 -30.28
N MET U 720 -9.79 -6.72 -31.57
CA MET U 720 -9.58 -5.45 -32.25
C MET U 720 -10.91 -4.85 -32.68
N VAL U 721 -11.23 -3.68 -32.13
CA VAL U 721 -12.53 -3.07 -32.38
C VAL U 721 -12.66 -2.64 -33.84
N ARG U 722 -11.58 -2.19 -34.46
CA ARG U 722 -11.64 -1.80 -35.87
C ARG U 722 -11.93 -2.99 -36.76
N MET U 723 -11.40 -4.16 -36.40
CA MET U 723 -11.72 -5.37 -37.16
C MET U 723 -13.17 -5.76 -36.98
N LEU U 724 -13.68 -5.65 -35.76
CA LEU U 724 -15.09 -5.88 -35.51
C LEU U 724 -15.98 -4.84 -36.19
N ASP U 725 -15.44 -3.68 -36.53
CA ASP U 725 -16.15 -2.72 -37.37
C ASP U 725 -16.15 -3.14 -38.83
N ILE U 726 -14.98 -3.49 -39.35
CA ILE U 726 -14.90 -3.96 -40.72
C ILE U 726 -15.84 -5.14 -40.93
N LEU U 727 -15.83 -6.07 -39.97
CA LEU U 727 -16.73 -7.21 -40.03
C LEU U 727 -18.21 -6.82 -39.90
N GLY U 728 -18.51 -5.83 -39.07
CA GLY U 728 -19.87 -5.29 -39.04
C GLY U 728 -20.32 -4.77 -40.40
N ASP U 729 -19.45 -4.00 -41.06
CA ASP U 729 -19.76 -3.53 -42.40
C ASP U 729 -19.89 -4.69 -43.38
N TYR U 730 -19.03 -5.69 -43.29
CA TYR U 730 -19.15 -6.84 -44.16
C TYR U 730 -20.50 -7.52 -43.98
N LEU U 731 -20.89 -7.74 -42.73
CA LEU U 731 -22.17 -8.37 -42.43
C LEU U 731 -23.32 -7.56 -43.01
N SER U 732 -23.29 -6.24 -42.85
CA SER U 732 -24.38 -5.41 -43.34
C SER U 732 -24.45 -5.38 -44.86
N ILE U 733 -23.31 -5.30 -45.54
CA ILE U 733 -23.34 -5.34 -47.01
C ILE U 733 -23.68 -6.73 -47.51
N LYS U 734 -23.36 -7.76 -46.75
CA LYS U 734 -23.83 -9.10 -47.03
C LYS U 734 -25.29 -9.30 -46.65
N GLY U 735 -25.93 -8.29 -46.09
CA GLY U 735 -27.35 -8.38 -45.79
C GLY U 735 -27.65 -9.22 -44.58
N ILE U 736 -26.68 -9.40 -43.69
CA ILE U 736 -26.84 -10.27 -42.54
C ILE U 736 -27.60 -9.56 -41.43
N ASN U 737 -28.28 -10.34 -40.61
CA ASN U 737 -28.95 -9.85 -39.41
C ASN U 737 -28.10 -10.23 -38.20
N PHE U 738 -27.69 -9.24 -37.43
CA PHE U 738 -26.70 -9.46 -36.38
C PHE U 738 -26.79 -8.34 -35.36
N GLN U 739 -26.16 -8.56 -34.22
CA GLN U 739 -25.83 -7.50 -33.27
C GLN U 739 -24.32 -7.41 -33.06
N ARG U 740 -23.85 -6.20 -32.78
CA ARG U 740 -22.51 -5.95 -32.26
C ARG U 740 -22.58 -5.63 -30.78
N LEU U 741 -21.52 -6.01 -30.05
CA LEU U 741 -21.28 -5.53 -28.70
C LEU U 741 -19.79 -5.26 -28.48
N ASP U 742 -19.52 -4.16 -27.80
CA ASP U 742 -18.16 -3.79 -27.41
C ASP U 742 -18.28 -2.82 -26.24
N GLY U 743 -17.14 -2.44 -25.67
CA GLY U 743 -17.17 -1.63 -24.47
C GLY U 743 -17.72 -0.23 -24.66
N THR U 744 -17.99 0.18 -25.90
CA THR U 744 -18.47 1.54 -26.15
C THR U 744 -19.97 1.70 -25.97
N VAL U 745 -20.74 0.66 -26.29
CA VAL U 745 -22.20 0.79 -26.22
C VAL U 745 -22.62 0.91 -24.75
N PRO U 746 -23.36 1.95 -24.38
CA PRO U 746 -23.84 2.04 -22.99
C PRO U 746 -24.77 0.94 -22.54
N SER U 747 -25.10 1.00 -21.25
CA SER U 747 -25.74 -0.12 -20.56
C SER U 747 -27.03 -0.57 -21.21
N ALA U 748 -27.96 0.37 -21.44
CA ALA U 748 -29.31 0.00 -21.87
C ALA U 748 -29.33 -0.68 -23.23
N GLN U 749 -28.72 -0.04 -24.23
CA GLN U 749 -28.68 -0.60 -25.57
C GLN U 749 -27.97 -1.96 -25.62
N ARG U 750 -26.84 -2.08 -24.93
CA ARG U 750 -26.17 -3.38 -24.86
C ARG U 750 -27.05 -4.42 -24.19
N ARG U 751 -27.69 -4.07 -23.08
CA ARG U 751 -28.57 -5.00 -22.39
C ARG U 751 -29.67 -5.50 -23.30
N ILE U 752 -30.43 -4.56 -23.89
CA ILE U 752 -31.55 -4.96 -24.72
C ILE U 752 -31.08 -5.70 -25.96
N SER U 753 -29.87 -5.41 -26.44
CA SER U 753 -29.30 -6.16 -27.56
C SER U 753 -29.08 -7.61 -27.16
N ILE U 754 -28.51 -7.82 -25.98
CA ILE U 754 -28.32 -9.18 -25.47
C ILE U 754 -29.67 -9.86 -25.30
N ASP U 755 -30.63 -9.15 -24.72
CA ASP U 755 -31.95 -9.71 -24.49
C ASP U 755 -32.59 -10.15 -25.79
N HIS U 756 -32.65 -9.26 -26.77
CA HIS U 756 -33.19 -9.62 -28.07
C HIS U 756 -32.47 -10.81 -28.69
N PHE U 757 -31.13 -10.79 -28.70
CA PHE U 757 -30.42 -11.91 -29.31
C PHE U 757 -30.69 -13.22 -28.57
N ASN U 758 -30.89 -13.16 -27.26
CA ASN U 758 -31.30 -14.34 -26.53
C ASN U 758 -32.77 -14.66 -26.70
N SER U 759 -33.57 -13.71 -27.15
CA SER U 759 -34.94 -14.02 -27.52
C SER U 759 -34.96 -15.00 -28.69
N PRO U 760 -35.79 -16.05 -28.63
CA PRO U 760 -35.66 -17.14 -29.61
C PRO U 760 -36.10 -16.73 -31.00
N ASP U 761 -36.93 -15.71 -31.12
CA ASP U 761 -37.39 -15.18 -32.40
C ASP U 761 -36.37 -14.23 -33.03
N SER U 762 -35.25 -13.98 -32.38
CA SER U 762 -34.26 -13.07 -32.94
C SER U 762 -33.75 -13.55 -34.29
N ASN U 763 -34.13 -12.84 -35.35
CA ASN U 763 -33.62 -13.13 -36.68
C ASN U 763 -32.16 -12.74 -36.83
N ASP U 764 -31.65 -11.88 -35.95
CA ASP U 764 -30.22 -11.58 -35.93
C ASP U 764 -29.46 -12.79 -35.42
N PHE U 765 -29.03 -13.65 -36.35
CA PHE U 765 -28.50 -14.96 -36.00
C PHE U 765 -27.03 -14.89 -35.60
N VAL U 766 -26.36 -13.77 -35.85
CA VAL U 766 -24.94 -13.60 -35.53
C VAL U 766 -24.81 -12.54 -34.45
N PHE U 767 -23.99 -12.83 -33.45
CA PHE U 767 -23.51 -11.81 -32.52
C PHE U 767 -22.01 -11.63 -32.72
N LEU U 768 -21.60 -10.37 -32.82
CA LEU U 768 -20.21 -9.95 -32.95
C LEU U 768 -19.80 -9.25 -31.66
N LEU U 769 -18.65 -9.64 -31.11
CA LEU U 769 -18.26 -9.19 -29.78
C LEU U 769 -16.79 -8.82 -29.71
N SER U 770 -16.51 -7.78 -28.93
CA SER U 770 -15.18 -7.61 -28.41
C SER U 770 -14.91 -8.68 -27.35
N THR U 771 -13.62 -8.95 -27.13
CA THR U 771 -13.20 -9.82 -26.04
C THR U 771 -13.22 -9.12 -24.69
N ARG U 772 -12.63 -7.92 -24.63
CA ARG U 772 -12.44 -7.26 -23.34
C ARG U 772 -13.76 -6.92 -22.67
N ALA U 773 -14.72 -6.40 -23.42
CA ALA U 773 -16.08 -6.26 -22.91
C ALA U 773 -16.91 -7.53 -23.05
N GLY U 774 -17.07 -8.02 -24.29
CA GLY U 774 -18.07 -9.04 -24.55
C GLY U 774 -17.71 -10.43 -24.11
N GLY U 775 -16.42 -10.71 -23.96
CA GLY U 775 -15.97 -12.06 -23.60
C GLY U 775 -16.25 -12.47 -22.17
N LEU U 776 -16.75 -11.57 -21.32
CA LEU U 776 -16.87 -11.84 -19.90
C LEU U 776 -18.31 -11.84 -19.43
N GLY U 777 -18.60 -12.71 -18.47
CA GLY U 777 -19.81 -12.65 -17.68
C GLY U 777 -21.12 -13.05 -18.33
N ILE U 778 -21.22 -12.97 -19.65
CA ILE U 778 -22.53 -13.01 -20.29
C ILE U 778 -22.79 -14.41 -20.81
N ASN U 779 -24.07 -14.75 -20.89
CA ASN U 779 -24.55 -16.01 -21.46
C ASN U 779 -25.23 -15.71 -22.79
N LEU U 780 -24.77 -16.36 -23.86
CA LEU U 780 -25.42 -16.30 -25.17
C LEU U 780 -25.91 -17.69 -25.55
N MET U 781 -27.03 -18.11 -24.95
CA MET U 781 -27.49 -19.48 -25.08
C MET U 781 -28.14 -19.75 -26.42
N THR U 782 -28.54 -18.70 -27.15
CA THR U 782 -29.03 -18.84 -28.51
C THR U 782 -27.95 -19.20 -29.52
N ALA U 783 -26.67 -19.14 -29.16
CA ALA U 783 -25.59 -19.42 -30.10
C ALA U 783 -25.07 -20.83 -29.88
N ASP U 784 -25.01 -21.60 -30.96
CA ASP U 784 -24.35 -22.90 -30.95
C ASP U 784 -22.84 -22.83 -31.19
N THR U 785 -22.37 -21.85 -31.96
CA THR U 785 -21.00 -21.85 -32.45
C THR U 785 -20.27 -20.57 -32.02
N VAL U 786 -18.95 -20.69 -31.85
CA VAL U 786 -18.09 -19.57 -31.49
C VAL U 786 -16.86 -19.60 -32.39
N VAL U 787 -16.43 -18.41 -32.81
CA VAL U 787 -15.20 -18.25 -33.58
C VAL U 787 -14.37 -17.12 -32.99
N ILE U 788 -13.05 -17.32 -33.01
CA ILE U 788 -12.08 -16.38 -32.50
C ILE U 788 -11.16 -16.00 -33.66
N PHE U 789 -11.09 -14.70 -33.96
CA PHE U 789 -10.17 -14.23 -34.99
C PHE U 789 -8.72 -14.27 -34.53
N ASP U 790 -8.49 -14.10 -33.23
CA ASP U 790 -7.14 -13.96 -32.71
C ASP U 790 -7.18 -14.23 -31.22
N SER U 791 -6.37 -15.18 -30.77
CA SER U 791 -6.20 -15.37 -29.34
C SER U 791 -5.38 -14.23 -28.75
N ASP U 792 -5.70 -13.90 -27.50
CA ASP U 792 -4.86 -13.02 -26.72
C ASP U 792 -3.65 -13.76 -26.16
N TRP U 793 -2.75 -12.97 -25.56
CA TRP U 793 -1.68 -13.53 -24.77
C TRP U 793 -2.21 -14.45 -23.68
N ASN U 794 -3.41 -14.18 -23.18
CA ASN U 794 -3.93 -14.89 -22.02
C ASN U 794 -4.94 -15.92 -22.46
N PRO U 795 -4.75 -17.21 -22.13
CA PRO U 795 -5.70 -18.23 -22.60
C PRO U 795 -7.02 -18.13 -21.86
N GLN U 796 -6.96 -17.81 -20.57
CA GLN U 796 -8.15 -17.80 -19.74
C GLN U 796 -9.22 -16.86 -20.30
N ALA U 797 -8.81 -15.76 -20.90
CA ALA U 797 -9.77 -14.90 -21.59
C ALA U 797 -10.50 -15.66 -22.69
N ASP U 798 -9.77 -16.51 -23.40
CA ASP U 798 -10.41 -17.34 -24.42
C ASP U 798 -11.35 -18.36 -23.81
N LEU U 799 -10.97 -18.94 -22.68
CA LEU U 799 -11.89 -19.84 -21.98
C LEU U 799 -13.14 -19.10 -21.53
N GLN U 800 -12.98 -17.86 -21.09
CA GLN U 800 -14.13 -17.05 -20.70
C GLN U 800 -15.05 -16.78 -21.89
N ALA U 801 -14.47 -16.41 -23.03
CA ALA U 801 -15.29 -16.23 -24.22
C ALA U 801 -16.05 -17.51 -24.54
N MET U 802 -15.37 -18.64 -24.48
CA MET U 802 -16.05 -19.92 -24.68
C MET U 802 -17.20 -20.07 -23.69
N ALA U 803 -16.95 -19.74 -22.43
CA ALA U 803 -17.98 -19.79 -21.40
C ALA U 803 -19.19 -18.92 -21.75
N ARG U 804 -18.98 -17.82 -22.47
CA ARG U 804 -20.12 -17.00 -22.86
C ARG U 804 -21.14 -17.80 -23.67
N ALA U 805 -20.68 -18.69 -24.54
CA ALA U 805 -21.56 -19.72 -25.07
C ALA U 805 -21.85 -20.80 -24.03
N HIS U 806 -20.82 -21.24 -23.32
CA HIS U 806 -20.82 -22.52 -22.61
C HIS U 806 -21.28 -22.30 -21.18
N ARG U 807 -22.43 -22.88 -20.83
CA ARG U 807 -23.27 -22.39 -19.76
C ARG U 807 -24.25 -23.48 -19.35
N ILE U 808 -24.87 -23.27 -18.19
CA ILE U 808 -26.03 -24.06 -17.81
C ILE U 808 -27.10 -24.01 -18.88
N GLY U 809 -27.30 -22.85 -19.48
CA GLY U 809 -28.37 -22.67 -20.42
C GLY U 809 -28.14 -23.19 -21.82
N GLN U 810 -26.95 -23.70 -22.14
CA GLN U 810 -26.69 -24.13 -23.50
C GLN U 810 -27.49 -25.39 -23.78
N LYS U 811 -28.35 -25.34 -24.80
CA LYS U 811 -29.18 -26.48 -25.15
C LYS U 811 -28.41 -27.59 -25.84
N ASN U 812 -27.38 -27.27 -26.62
CA ASN U 812 -26.82 -28.22 -27.56
C ASN U 812 -25.31 -28.13 -27.60
N HIS U 813 -24.70 -29.19 -28.14
CA HIS U 813 -23.25 -29.28 -28.25
C HIS U 813 -22.68 -28.15 -29.09
N VAL U 814 -21.71 -27.46 -28.51
CA VAL U 814 -21.16 -26.25 -29.10
C VAL U 814 -19.94 -26.59 -29.94
N MET U 815 -19.62 -25.69 -30.87
CA MET U 815 -18.50 -25.84 -31.79
C MET U 815 -17.68 -24.56 -31.75
N VAL U 816 -16.35 -24.70 -31.75
CA VAL U 816 -15.46 -23.57 -31.51
C VAL U 816 -14.31 -23.60 -32.50
N TYR U 817 -14.01 -22.45 -33.11
CA TYR U 817 -13.02 -22.39 -34.17
C TYR U 817 -12.11 -21.17 -33.97
N ARG U 818 -10.81 -21.38 -34.18
CA ARG U 818 -9.80 -20.32 -34.07
C ARG U 818 -9.13 -20.08 -35.41
N LEU U 819 -9.22 -18.85 -35.91
CA LEU U 819 -8.66 -18.49 -37.21
C LEU U 819 -7.19 -18.15 -37.05
N VAL U 820 -6.31 -19.05 -37.50
CA VAL U 820 -4.87 -18.95 -37.27
C VAL U 820 -4.19 -18.76 -38.62
N SER U 821 -3.48 -17.66 -38.78
CA SER U 821 -2.70 -17.44 -39.99
C SER U 821 -1.46 -18.33 -39.98
N LYS U 822 -1.17 -18.92 -41.13
CA LYS U 822 -0.01 -19.78 -41.30
C LYS U 822 1.30 -19.01 -41.17
N ASP U 823 2.23 -19.58 -40.39
CA ASP U 823 3.58 -19.06 -40.27
C ASP U 823 3.64 -17.63 -39.74
N THR U 824 2.80 -17.32 -38.77
CA THR U 824 2.85 -16.00 -38.16
C THR U 824 2.72 -16.11 -36.64
N VAL U 825 3.11 -15.03 -35.97
CA VAL U 825 3.51 -15.02 -34.56
C VAL U 825 2.45 -15.62 -33.65
N GLU U 826 1.17 -15.54 -34.03
CA GLU U 826 0.14 -16.04 -33.14
C GLU U 826 0.40 -17.47 -32.72
N GLU U 827 1.05 -18.27 -33.55
CA GLU U 827 1.44 -19.60 -33.09
C GLU U 827 2.33 -19.50 -31.86
N GLU U 828 3.24 -18.53 -31.83
CA GLU U 828 4.07 -18.32 -30.65
C GLU U 828 3.26 -17.80 -29.48
N VAL U 829 2.31 -16.92 -29.76
CA VAL U 829 1.39 -16.46 -28.73
C VAL U 829 0.63 -17.64 -28.15
N LEU U 830 0.16 -18.53 -29.01
CA LEU U 830 -0.57 -19.71 -28.58
C LEU U 830 0.28 -20.62 -27.72
N GLU U 831 1.54 -20.82 -28.10
CA GLU U 831 2.43 -21.63 -27.26
C GLU U 831 2.69 -20.99 -25.91
N ARG U 832 2.86 -19.67 -25.85
CA ARG U 832 3.02 -19.02 -24.55
C ARG U 832 1.75 -19.09 -23.70
N ALA U 833 0.59 -18.92 -24.33
CA ALA U 833 -0.68 -19.12 -23.64
C ALA U 833 -0.83 -20.55 -23.14
N ARG U 834 -0.41 -21.52 -23.95
CA ARG U 834 -0.42 -22.90 -23.50
C ARG U 834 0.50 -23.12 -22.31
N LYS U 835 1.68 -22.51 -22.31
CA LYS U 835 2.55 -22.54 -21.13
C LYS U 835 1.84 -21.98 -19.89
N LYS U 836 1.13 -20.87 -20.07
CA LYS U 836 0.33 -20.36 -18.97
C LYS U 836 -0.72 -21.37 -18.51
N MET U 837 -1.36 -22.05 -19.45
CA MET U 837 -2.28 -23.12 -19.08
C MET U 837 -1.56 -24.27 -18.36
N ILE U 838 -0.31 -24.54 -18.72
CA ILE U 838 0.47 -25.53 -18.00
C ILE U 838 0.63 -25.12 -16.54
N LEU U 839 0.74 -23.82 -16.29
CA LEU U 839 0.76 -23.37 -14.89
C LEU U 839 -0.55 -23.72 -14.17
N GLU U 840 -1.69 -23.52 -14.84
CA GLU U 840 -2.97 -23.97 -14.27
C GLU U 840 -2.98 -25.46 -14.01
N TYR U 841 -2.53 -26.25 -14.99
CA TYR U 841 -2.49 -27.70 -14.81
C TYR U 841 -1.56 -28.11 -13.68
N ALA U 842 -0.51 -27.33 -13.45
CA ALA U 842 0.38 -27.58 -12.31
C ALA U 842 -0.31 -27.29 -10.98
N ILE U 843 -1.06 -26.18 -10.90
CA ILE U 843 -1.70 -25.88 -9.61
C ILE U 843 -2.84 -26.83 -9.30
N ILE U 844 -3.57 -27.32 -10.31
CA ILE U 844 -4.51 -28.41 -10.05
C ILE U 844 -3.75 -29.69 -9.75
#